data_7HLP
# 
_entry.id   7HLP 
# 
_audit_conform.dict_name       mmcif_pdbx.dic 
_audit_conform.dict_version    5.399 
_audit_conform.dict_location   http://mmcif.pdb.org/dictionaries/ascii/mmcif_pdbx.dic 
# 
loop_
_database_2.database_id 
_database_2.database_code 
_database_2.pdbx_database_accession 
_database_2.pdbx_DOI 
PDB   7HLP         pdb_00007hlp 10.2210/pdb7hlp/pdb 
WWPDB D_1001407631 ?            ?                   
# 
_pdbx_audit_revision_history.ordinal             1 
_pdbx_audit_revision_history.data_content_type   'Structure model' 
_pdbx_audit_revision_history.major_revision      1 
_pdbx_audit_revision_history.minor_revision      0 
_pdbx_audit_revision_history.revision_date       2024-11-27 
# 
_pdbx_audit_revision_details.ordinal             1 
_pdbx_audit_revision_details.revision_ordinal    1 
_pdbx_audit_revision_details.data_content_type   'Structure model' 
_pdbx_audit_revision_details.provider            repository 
_pdbx_audit_revision_details.type                'Initial release' 
_pdbx_audit_revision_details.description         ? 
_pdbx_audit_revision_details.details             ? 
# 
_pdbx_database_status.entry_id                        7HLP 
_pdbx_database_status.status_code                     REL 
_pdbx_database_status.status_code_sf                  REL 
_pdbx_database_status.status_code_mr                  ? 
_pdbx_database_status.status_code_cs                  ? 
_pdbx_database_status.recvd_initial_deposition_date   2024-11-04 
_pdbx_database_status.status_code_nmr_data            ? 
_pdbx_database_status.deposit_site                    RCSB 
_pdbx_database_status.process_site                    RCSB 
_pdbx_database_status.SG_entry                        ? 
_pdbx_database_status.pdb_format_compatible           N 
_pdbx_database_status.methods_development_category    ? 
# 
_pdbx_contact_author.id                 1 
_pdbx_contact_author.email              knapp@pharmchem.uni-frankfurt.de 
_pdbx_contact_author.name_first         Stefan 
_pdbx_contact_author.name_last          Knapp 
_pdbx_contact_author.role               'principal investigator/group leader' 
_pdbx_contact_author.identifier_ORCID   0000-0001-5995-6494 
_pdbx_contact_author.name_mi            ? 
# 
loop_
_audit_author.name 
_audit_author.pdbx_ordinal 
'Kim, Y.'                              1 
'Marples, P.'                          2 
'Fearon, D.'                           3 
'von Delft, F.'                        4 
'Knapp, S.'                            5 
'Kraemer, A.'                          6 
'Structural Genomics Consortium (SGC)' 7 
# 
_citation.id                        primary 
_citation.title                     'PanDDA analysis group deposition' 
_citation.journal_abbrev            'To Be Published' 
_citation.journal_volume            ? 
_citation.page_first                ? 
_citation.page_last                 ? 
_citation.year                      ? 
_citation.journal_id_ASTM           ? 
_citation.country                   ? 
_citation.journal_id_ISSN           ? 
_citation.journal_id_CSD            0353 
_citation.book_publisher            ? 
_citation.pdbx_database_id_PubMed   ? 
_citation.pdbx_database_id_DOI      ? 
# 
loop_
_citation_author.citation_id 
_citation_author.name 
_citation_author.identifier_ORCID 
_citation_author.ordinal 
primary 'Kim, Y.'                              ? 1 
primary 'Marples, P.'                          ? 2 
primary 'Fearon, D.'                           ? 3 
primary 'von Delft, F.'                        ? 4 
primary 'Knapp, S.'                            ? 5 
primary 'Kraemer, A.'                          ? 6 
primary 'Structural Genomics Consortium (SGC)' ? 7 
# 
loop_
_entity.id 
_entity.type 
_entity.src_method 
_entity.pdbx_description 
_entity.formula_weight 
_entity.pdbx_number_of_molecules 
_entity.pdbx_ec 
_entity.pdbx_mutation 
_entity.pdbx_fragment 
_entity.details 
1 polymer     man 'E3 ubiquitin-protein ligase TRIM21'          21596.361 1  2.3.2.27 ? ? ? 
2 non-polymer syn 1,2-ETHANEDIOL                                62.068    2  ?        ? ? ? 
3 non-polymer syn 'SULFATE ION'                                 96.063    1  ?        ? ? ? 
4 non-polymer syn '2-oxo-4-propyl-2H-1-benzopyran-7-yl acetate' 246.259   2  ?        ? ? ? 
5 water       nat water                                         18.015    30 ?        ? ? ? 
# 
_entity_name_com.entity_id   1 
_entity_name_com.name        
;52 kDa Ro protein,52 kDa ribonucleoprotein autoantigen Ro/SS-A,Ro(SS-A),Sjoegren syndrome type A antigen,SS-A,Tripartite motif-containing protein 21
;
# 
_entity_poly.entity_id                      1 
_entity_poly.type                           'polypeptide(L)' 
_entity_poly.nstd_linkage                   no 
_entity_poly.nstd_monomer                   no 
_entity_poly.pdbx_seq_one_letter_code       
;MHHHHHHMVHITLDRNTANSWLIISKDRRQVRMGDTHQNVSDNKERFSNYPMVLGAQRFSSGKMYWEVDVTQKEAWDLGV
CRDSVQRKGQFSLSPENGFWTIWLWQDSYEAGTSPQTTLHIQVPPCQIGIFVDYEAGVVSFYNITDHGSLIYTFSECVFA
GPLRPFFNVGFNYSGGNAAPLKLCPLKM
;
_entity_poly.pdbx_seq_one_letter_code_can   
;MHHHHHHMVHITLDRNTANSWLIISKDRRQVRMGDTHQNVSDNKERFSNYPMVLGAQRFSSGKMYWEVDVTQKEAWDLGV
CRDSVQRKGQFSLSPENGFWTIWLWQDSYEAGTSPQTTLHIQVPPCQIGIFVDYEAGVVSFYNITDHGSLIYTFSECVFA
GPLRPFFNVGFNYSGGNAAPLKLCPLKM
;
_entity_poly.pdbx_strand_id                 B 
_entity_poly.pdbx_target_identifier         ? 
# 
loop_
_pdbx_entity_nonpoly.entity_id 
_pdbx_entity_nonpoly.name 
_pdbx_entity_nonpoly.comp_id 
2 1,2-ETHANEDIOL                                EDO   
3 'SULFATE ION'                                 SO4   
4 '2-oxo-4-propyl-2H-1-benzopyran-7-yl acetate' A1BFB 
5 water                                         HOH   
# 
loop_
_entity_poly_seq.entity_id 
_entity_poly_seq.num 
_entity_poly_seq.mon_id 
_entity_poly_seq.hetero 
1 1   MET n 
1 2   HIS n 
1 3   HIS n 
1 4   HIS n 
1 5   HIS n 
1 6   HIS n 
1 7   HIS n 
1 8   MET n 
1 9   VAL n 
1 10  HIS n 
1 11  ILE n 
1 12  THR n 
1 13  LEU n 
1 14  ASP n 
1 15  ARG n 
1 16  ASN n 
1 17  THR n 
1 18  ALA n 
1 19  ASN n 
1 20  SER n 
1 21  TRP n 
1 22  LEU n 
1 23  ILE n 
1 24  ILE n 
1 25  SER n 
1 26  LYS n 
1 27  ASP n 
1 28  ARG n 
1 29  ARG n 
1 30  GLN n 
1 31  VAL n 
1 32  ARG n 
1 33  MET n 
1 34  GLY n 
1 35  ASP n 
1 36  THR n 
1 37  HIS n 
1 38  GLN n 
1 39  ASN n 
1 40  VAL n 
1 41  SER n 
1 42  ASP n 
1 43  ASN n 
1 44  LYS n 
1 45  GLU n 
1 46  ARG n 
1 47  PHE n 
1 48  SER n 
1 49  ASN n 
1 50  TYR n 
1 51  PRO n 
1 52  MET n 
1 53  VAL n 
1 54  LEU n 
1 55  GLY n 
1 56  ALA n 
1 57  GLN n 
1 58  ARG n 
1 59  PHE n 
1 60  SER n 
1 61  SER n 
1 62  GLY n 
1 63  LYS n 
1 64  MET n 
1 65  TYR n 
1 66  TRP n 
1 67  GLU n 
1 68  VAL n 
1 69  ASP n 
1 70  VAL n 
1 71  THR n 
1 72  GLN n 
1 73  LYS n 
1 74  GLU n 
1 75  ALA n 
1 76  TRP n 
1 77  ASP n 
1 78  LEU n 
1 79  GLY n 
1 80  VAL n 
1 81  CYS n 
1 82  ARG n 
1 83  ASP n 
1 84  SER n 
1 85  VAL n 
1 86  GLN n 
1 87  ARG n 
1 88  LYS n 
1 89  GLY n 
1 90  GLN n 
1 91  PHE n 
1 92  SER n 
1 93  LEU n 
1 94  SER n 
1 95  PRO n 
1 96  GLU n 
1 97  ASN n 
1 98  GLY n 
1 99  PHE n 
1 100 TRP n 
1 101 THR n 
1 102 ILE n 
1 103 TRP n 
1 104 LEU n 
1 105 TRP n 
1 106 GLN n 
1 107 ASP n 
1 108 SER n 
1 109 TYR n 
1 110 GLU n 
1 111 ALA n 
1 112 GLY n 
1 113 THR n 
1 114 SER n 
1 115 PRO n 
1 116 GLN n 
1 117 THR n 
1 118 THR n 
1 119 LEU n 
1 120 HIS n 
1 121 ILE n 
1 122 GLN n 
1 123 VAL n 
1 124 PRO n 
1 125 PRO n 
1 126 CYS n 
1 127 GLN n 
1 128 ILE n 
1 129 GLY n 
1 130 ILE n 
1 131 PHE n 
1 132 VAL n 
1 133 ASP n 
1 134 TYR n 
1 135 GLU n 
1 136 ALA n 
1 137 GLY n 
1 138 VAL n 
1 139 VAL n 
1 140 SER n 
1 141 PHE n 
1 142 TYR n 
1 143 ASN n 
1 144 ILE n 
1 145 THR n 
1 146 ASP n 
1 147 HIS n 
1 148 GLY n 
1 149 SER n 
1 150 LEU n 
1 151 ILE n 
1 152 TYR n 
1 153 THR n 
1 154 PHE n 
1 155 SER n 
1 156 GLU n 
1 157 CYS n 
1 158 VAL n 
1 159 PHE n 
1 160 ALA n 
1 161 GLY n 
1 162 PRO n 
1 163 LEU n 
1 164 ARG n 
1 165 PRO n 
1 166 PHE n 
1 167 PHE n 
1 168 ASN n 
1 169 VAL n 
1 170 GLY n 
1 171 PHE n 
1 172 ASN n 
1 173 TYR n 
1 174 SER n 
1 175 GLY n 
1 176 GLY n 
1 177 ASN n 
1 178 ALA n 
1 179 ALA n 
1 180 PRO n 
1 181 LEU n 
1 182 LYS n 
1 183 LEU n 
1 184 CYS n 
1 185 PRO n 
1 186 LEU n 
1 187 LYS n 
1 188 MET n 
# 
_entity_src_gen.entity_id                          1 
_entity_src_gen.pdbx_src_id                        1 
_entity_src_gen.pdbx_alt_source_flag               sample 
_entity_src_gen.pdbx_seq_type                      'Biological sequence' 
_entity_src_gen.pdbx_beg_seq_num                   1 
_entity_src_gen.pdbx_end_seq_num                   188 
_entity_src_gen.gene_src_common_name               'house mouse' 
_entity_src_gen.gene_src_genus                     ? 
_entity_src_gen.pdbx_gene_src_gene                 'Trim21, Ro52, Ssa1' 
_entity_src_gen.gene_src_species                   ? 
_entity_src_gen.gene_src_strain                    ? 
_entity_src_gen.gene_src_tissue                    ? 
_entity_src_gen.gene_src_tissue_fraction           ? 
_entity_src_gen.gene_src_details                   ? 
_entity_src_gen.pdbx_gene_src_fragment             ? 
_entity_src_gen.pdbx_gene_src_scientific_name      'Mus musculus' 
_entity_src_gen.pdbx_gene_src_ncbi_taxonomy_id     10090 
_entity_src_gen.pdbx_gene_src_variant              ? 
_entity_src_gen.pdbx_gene_src_cell_line            ? 
_entity_src_gen.pdbx_gene_src_atcc                 ? 
_entity_src_gen.pdbx_gene_src_organ                ? 
_entity_src_gen.pdbx_gene_src_organelle            ? 
_entity_src_gen.pdbx_gene_src_cell                 ? 
_entity_src_gen.pdbx_gene_src_cellular_location    ? 
_entity_src_gen.host_org_common_name               ? 
_entity_src_gen.pdbx_host_org_scientific_name      'Escherichia coli' 
_entity_src_gen.pdbx_host_org_ncbi_taxonomy_id     562 
_entity_src_gen.host_org_genus                     ? 
_entity_src_gen.pdbx_host_org_gene                 ? 
_entity_src_gen.pdbx_host_org_organ                ? 
_entity_src_gen.host_org_species                   ? 
_entity_src_gen.pdbx_host_org_tissue               ? 
_entity_src_gen.pdbx_host_org_tissue_fraction      ? 
_entity_src_gen.pdbx_host_org_strain               ? 
_entity_src_gen.pdbx_host_org_variant              ? 
_entity_src_gen.pdbx_host_org_cell_line            ? 
_entity_src_gen.pdbx_host_org_atcc                 ? 
_entity_src_gen.pdbx_host_org_culture_collection   ? 
_entity_src_gen.pdbx_host_org_cell                 ? 
_entity_src_gen.pdbx_host_org_organelle            ? 
_entity_src_gen.pdbx_host_org_cellular_location    ? 
_entity_src_gen.pdbx_host_org_vector_type          ? 
_entity_src_gen.pdbx_host_org_vector               ? 
_entity_src_gen.host_org_details                   ? 
_entity_src_gen.expression_system_id               ? 
_entity_src_gen.plasmid_name                       ? 
_entity_src_gen.plasmid_details                    ? 
_entity_src_gen.pdbx_description                   ? 
# 
loop_
_chem_comp.id 
_chem_comp.type 
_chem_comp.mon_nstd_flag 
_chem_comp.name 
_chem_comp.pdbx_synonyms 
_chem_comp.formula 
_chem_comp.formula_weight 
A1BFB non-polymer         . '2-oxo-4-propyl-2H-1-benzopyran-7-yl acetate' ?                 'C14 H14 O4'     246.259 
ALA   'L-peptide linking' y ALANINE                                       ?                 'C3 H7 N O2'     89.093  
ARG   'L-peptide linking' y ARGININE                                      ?                 'C6 H15 N4 O2 1' 175.209 
ASN   'L-peptide linking' y ASPARAGINE                                    ?                 'C4 H8 N2 O3'    132.118 
ASP   'L-peptide linking' y 'ASPARTIC ACID'                               ?                 'C4 H7 N O4'     133.103 
CYS   'L-peptide linking' y CYSTEINE                                      ?                 'C3 H7 N O2 S'   121.158 
EDO   non-polymer         . 1,2-ETHANEDIOL                                'ETHYLENE GLYCOL' 'C2 H6 O2'       62.068  
GLN   'L-peptide linking' y GLUTAMINE                                     ?                 'C5 H10 N2 O3'   146.144 
GLU   'L-peptide linking' y 'GLUTAMIC ACID'                               ?                 'C5 H9 N O4'     147.129 
GLY   'peptide linking'   y GLYCINE                                       ?                 'C2 H5 N O2'     75.067  
HIS   'L-peptide linking' y HISTIDINE                                     ?                 'C6 H10 N3 O2 1' 156.162 
HOH   non-polymer         . WATER                                         ?                 'H2 O'           18.015  
ILE   'L-peptide linking' y ISOLEUCINE                                    ?                 'C6 H13 N O2'    131.173 
LEU   'L-peptide linking' y LEUCINE                                       ?                 'C6 H13 N O2'    131.173 
LYS   'L-peptide linking' y LYSINE                                        ?                 'C6 H15 N2 O2 1' 147.195 
MET   'L-peptide linking' y METHIONINE                                    ?                 'C5 H11 N O2 S'  149.211 
PHE   'L-peptide linking' y PHENYLALANINE                                 ?                 'C9 H11 N O2'    165.189 
PRO   'L-peptide linking' y PROLINE                                       ?                 'C5 H9 N O2'     115.130 
SER   'L-peptide linking' y SERINE                                        ?                 'C3 H7 N O3'     105.093 
SO4   non-polymer         . 'SULFATE ION'                                 ?                 'O4 S -2'        96.063  
THR   'L-peptide linking' y THREONINE                                     ?                 'C4 H9 N O3'     119.119 
TRP   'L-peptide linking' y TRYPTOPHAN                                    ?                 'C11 H12 N2 O2'  204.225 
TYR   'L-peptide linking' y TYROSINE                                      ?                 'C9 H11 N O3'    181.189 
VAL   'L-peptide linking' y VALINE                                        ?                 'C5 H11 N O2'    117.146 
# 
loop_
_pdbx_poly_seq_scheme.asym_id 
_pdbx_poly_seq_scheme.entity_id 
_pdbx_poly_seq_scheme.seq_id 
_pdbx_poly_seq_scheme.mon_id 
_pdbx_poly_seq_scheme.ndb_seq_num 
_pdbx_poly_seq_scheme.pdb_seq_num 
_pdbx_poly_seq_scheme.auth_seq_num 
_pdbx_poly_seq_scheme.pdb_mon_id 
_pdbx_poly_seq_scheme.auth_mon_id 
_pdbx_poly_seq_scheme.pdb_strand_id 
_pdbx_poly_seq_scheme.pdb_ins_code 
_pdbx_poly_seq_scheme.hetero 
A 1 1   MET 1   7   ?   ?   ?   B . n 
A 1 2   HIS 2   8   8   HIS HIS B . n 
A 1 3   HIS 3   9   9   HIS HIS B . n 
A 1 4   HIS 4   10  10  HIS HIS B . n 
A 1 5   HIS 5   11  11  HIS HIS B . n 
A 1 6   HIS 6   12  12  HIS HIS B . n 
A 1 7   HIS 7   13  13  HIS HIS B . n 
A 1 8   MET 8   14  14  MET MET B . n 
A 1 9   VAL 9   15  15  VAL VAL B . n 
A 1 10  HIS 10  16  16  HIS HIS B . n 
A 1 11  ILE 11  17  17  ILE ILE B . n 
A 1 12  THR 12  18  18  THR THR B . n 
A 1 13  LEU 13  19  19  LEU LEU B . n 
A 1 14  ASP 14  20  20  ASP ASP B . n 
A 1 15  ARG 15  21  21  ARG ARG B . n 
A 1 16  ASN 16  22  22  ASN ASN B . n 
A 1 17  THR 17  23  23  THR THR B . n 
A 1 18  ALA 18  24  24  ALA ALA B . n 
A 1 19  ASN 19  25  25  ASN ASN B . n 
A 1 20  SER 20  26  26  SER SER B . n 
A 1 21  TRP 21  27  27  TRP TRP B . n 
A 1 22  LEU 22  28  28  LEU LEU B . n 
A 1 23  ILE 23  29  29  ILE ILE B . n 
A 1 24  ILE 24  30  30  ILE ILE B . n 
A 1 25  SER 25  31  31  SER SER B . n 
A 1 26  LYS 26  32  32  LYS LYS B . n 
A 1 27  ASP 27  33  33  ASP ASP B . n 
A 1 28  ARG 28  34  34  ARG ARG B . n 
A 1 29  ARG 29  35  35  ARG ARG B . n 
A 1 30  GLN 30  36  36  GLN GLN B . n 
A 1 31  VAL 31  37  37  VAL VAL B . n 
A 1 32  ARG 32  38  38  ARG ARG B . n 
A 1 33  MET 33  39  39  MET MET B . n 
A 1 34  GLY 34  40  40  GLY GLY B . n 
A 1 35  ASP 35  41  41  ASP ASP B . n 
A 1 36  THR 36  42  42  THR THR B . n 
A 1 37  HIS 37  43  43  HIS HIS B . n 
A 1 38  GLN 38  44  44  GLN GLN B . n 
A 1 39  ASN 39  45  45  ASN ASN B . n 
A 1 40  VAL 40  46  46  VAL VAL B . n 
A 1 41  SER 41  47  47  SER SER B . n 
A 1 42  ASP 42  48  48  ASP ASP B . n 
A 1 43  ASN 43  49  49  ASN ASN B . n 
A 1 44  LYS 44  50  50  LYS LYS B . n 
A 1 45  GLU 45  51  51  GLU GLU B . n 
A 1 46  ARG 46  52  52  ARG ARG B . n 
A 1 47  PHE 47  53  53  PHE PHE B . n 
A 1 48  SER 48  54  54  SER SER B . n 
A 1 49  ASN 49  55  55  ASN ASN B . n 
A 1 50  TYR 50  56  56  TYR TYR B . n 
A 1 51  PRO 51  57  57  PRO PRO B . n 
A 1 52  MET 52  58  58  MET MET B . n 
A 1 53  VAL 53  59  59  VAL VAL B . n 
A 1 54  LEU 54  60  60  LEU LEU B . n 
A 1 55  GLY 55  61  61  GLY GLY B . n 
A 1 56  ALA 56  62  62  ALA ALA B . n 
A 1 57  GLN 57  63  63  GLN GLN B . n 
A 1 58  ARG 58  64  64  ARG ARG B . n 
A 1 59  PHE 59  65  65  PHE PHE B . n 
A 1 60  SER 60  66  66  SER SER B . n 
A 1 61  SER 61  67  67  SER SER B . n 
A 1 62  GLY 62  68  68  GLY GLY B . n 
A 1 63  LYS 63  69  69  LYS LYS B . n 
A 1 64  MET 64  70  70  MET MET B . n 
A 1 65  TYR 65  71  71  TYR TYR B . n 
A 1 66  TRP 66  72  72  TRP TRP B . n 
A 1 67  GLU 67  73  73  GLU GLU B . n 
A 1 68  VAL 68  74  74  VAL VAL B . n 
A 1 69  ASP 69  75  75  ASP ASP B . n 
A 1 70  VAL 70  76  76  VAL VAL B . n 
A 1 71  THR 71  77  77  THR THR B . n 
A 1 72  GLN 72  78  78  GLN GLN B . n 
A 1 73  LYS 73  79  79  LYS LYS B . n 
A 1 74  GLU 74  80  80  GLU GLU B . n 
A 1 75  ALA 75  81  81  ALA ALA B . n 
A 1 76  TRP 76  82  82  TRP TRP B . n 
A 1 77  ASP 77  83  83  ASP ASP B . n 
A 1 78  LEU 78  84  84  LEU LEU B . n 
A 1 79  GLY 79  85  85  GLY GLY B . n 
A 1 80  VAL 80  86  86  VAL VAL B . n 
A 1 81  CYS 81  87  87  CYS CYS B . n 
A 1 82  ARG 82  88  88  ARG ARG B . n 
A 1 83  ASP 83  89  89  ASP ASP B . n 
A 1 84  SER 84  90  90  SER SER B . n 
A 1 85  VAL 85  91  91  VAL VAL B . n 
A 1 86  GLN 86  92  92  GLN GLN B . n 
A 1 87  ARG 87  93  93  ARG ARG B . n 
A 1 88  LYS 88  94  94  LYS LYS B . n 
A 1 89  GLY 89  95  95  GLY GLY B . n 
A 1 90  GLN 90  96  96  GLN GLN B . n 
A 1 91  PHE 91  97  97  PHE PHE B . n 
A 1 92  SER 92  98  98  SER SER B . n 
A 1 93  LEU 93  99  99  LEU LEU B . n 
A 1 94  SER 94  100 100 SER SER B . n 
A 1 95  PRO 95  101 101 PRO PRO B . n 
A 1 96  GLU 96  102 102 GLU GLU B . n 
A 1 97  ASN 97  103 103 ASN ASN B . n 
A 1 98  GLY 98  104 104 GLY GLY B . n 
A 1 99  PHE 99  105 105 PHE PHE B . n 
A 1 100 TRP 100 106 106 TRP TRP B . n 
A 1 101 THR 101 107 107 THR THR B . n 
A 1 102 ILE 102 108 108 ILE ILE B . n 
A 1 103 TRP 103 109 109 TRP TRP B . n 
A 1 104 LEU 104 110 110 LEU LEU B . n 
A 1 105 TRP 105 111 111 TRP TRP B . n 
A 1 106 GLN 106 112 112 GLN GLN B . n 
A 1 107 ASP 107 113 113 ASP ASP B . n 
A 1 108 SER 108 114 114 SER SER B . n 
A 1 109 TYR 109 115 115 TYR TYR B . n 
A 1 110 GLU 110 116 116 GLU GLU B . n 
A 1 111 ALA 111 117 117 ALA ALA B . n 
A 1 112 GLY 112 118 118 GLY GLY B . n 
A 1 113 THR 113 119 119 THR THR B . n 
A 1 114 SER 114 120 120 SER SER B . n 
A 1 115 PRO 115 121 121 PRO PRO B . n 
A 1 116 GLN 116 122 122 GLN GLN B . n 
A 1 117 THR 117 123 123 THR THR B . n 
A 1 118 THR 118 124 124 THR THR B . n 
A 1 119 LEU 119 125 125 LEU LEU B . n 
A 1 120 HIS 120 126 126 HIS HIS B . n 
A 1 121 ILE 121 127 127 ILE ILE B . n 
A 1 122 GLN 122 128 128 GLN GLN B . n 
A 1 123 VAL 123 129 129 VAL VAL B . n 
A 1 124 PRO 124 130 130 PRO PRO B . n 
A 1 125 PRO 125 131 131 PRO PRO B . n 
A 1 126 CYS 126 132 132 CYS CYS B . n 
A 1 127 GLN 127 133 133 GLN GLN B . n 
A 1 128 ILE 128 134 134 ILE ILE B . n 
A 1 129 GLY 129 135 135 GLY GLY B . n 
A 1 130 ILE 130 136 136 ILE ILE B . n 
A 1 131 PHE 131 137 137 PHE PHE B . n 
A 1 132 VAL 132 138 138 VAL VAL B . n 
A 1 133 ASP 133 139 139 ASP ASP B . n 
A 1 134 TYR 134 140 140 TYR TYR B . n 
A 1 135 GLU 135 141 141 GLU GLU B . n 
A 1 136 ALA 136 142 142 ALA ALA B . n 
A 1 137 GLY 137 143 143 GLY GLY B . n 
A 1 138 VAL 138 144 144 VAL VAL B . n 
A 1 139 VAL 139 145 145 VAL VAL B . n 
A 1 140 SER 140 146 146 SER SER B . n 
A 1 141 PHE 141 147 147 PHE PHE B . n 
A 1 142 TYR 142 148 148 TYR TYR B . n 
A 1 143 ASN 143 149 149 ASN ASN B . n 
A 1 144 ILE 144 150 150 ILE ILE B . n 
A 1 145 THR 145 151 151 THR THR B . n 
A 1 146 ASP 146 152 152 ASP ASP B . n 
A 1 147 HIS 147 153 153 HIS HIS B . n 
A 1 148 GLY 148 154 154 GLY GLY B . n 
A 1 149 SER 149 155 155 SER SER B . n 
A 1 150 LEU 150 156 156 LEU LEU B . n 
A 1 151 ILE 151 157 157 ILE ILE B . n 
A 1 152 TYR 152 158 158 TYR TYR B . n 
A 1 153 THR 153 159 159 THR THR B . n 
A 1 154 PHE 154 160 160 PHE PHE B . n 
A 1 155 SER 155 161 161 SER SER B . n 
A 1 156 GLU 156 162 162 GLU GLU B . n 
A 1 157 CYS 157 163 163 CYS CYS B . n 
A 1 158 VAL 158 164 164 VAL VAL B . n 
A 1 159 PHE 159 165 165 PHE PHE B . n 
A 1 160 ALA 160 166 166 ALA ALA B . n 
A 1 161 GLY 161 167 167 GLY GLY B . n 
A 1 162 PRO 162 168 168 PRO PRO B . n 
A 1 163 LEU 163 169 169 LEU LEU B . n 
A 1 164 ARG 164 170 170 ARG ARG B . n 
A 1 165 PRO 165 171 171 PRO PRO B . n 
A 1 166 PHE 166 172 172 PHE PHE B . n 
A 1 167 PHE 167 173 173 PHE PHE B . n 
A 1 168 ASN 168 174 174 ASN ASN B . n 
A 1 169 VAL 169 175 175 VAL VAL B . n 
A 1 170 GLY 170 176 176 GLY GLY B . n 
A 1 171 PHE 171 177 177 PHE PHE B . n 
A 1 172 ASN 172 178 178 ASN ASN B . n 
A 1 173 TYR 173 179 179 TYR TYR B . n 
A 1 174 SER 174 180 180 SER SER B . n 
A 1 175 GLY 175 181 181 GLY GLY B . n 
A 1 176 GLY 176 182 182 GLY GLY B . n 
A 1 177 ASN 177 183 183 ASN ASN B . n 
A 1 178 ALA 178 184 184 ALA ALA B . n 
A 1 179 ALA 179 185 185 ALA ALA B . n 
A 1 180 PRO 180 186 186 PRO PRO B . n 
A 1 181 LEU 181 187 187 LEU LEU B . n 
A 1 182 LYS 182 188 188 LYS LYS B . n 
A 1 183 LEU 183 189 189 LEU LEU B . n 
A 1 184 CYS 184 190 190 CYS CYS B . n 
A 1 185 PRO 185 191 191 PRO PRO B . n 
A 1 186 LEU 186 192 192 LEU LEU B . n 
A 1 187 LYS 187 193 ?   ?   ?   B . n 
A 1 188 MET 188 194 ?   ?   ?   B . n 
# 
_pdbx_entity_instance_feature.ordinal        1 
_pdbx_entity_instance_feature.comp_id        A1BFB 
_pdbx_entity_instance_feature.asym_id        ? 
_pdbx_entity_instance_feature.seq_num        ? 
_pdbx_entity_instance_feature.auth_comp_id   A1BFB 
_pdbx_entity_instance_feature.auth_asym_id   ? 
_pdbx_entity_instance_feature.auth_seq_num   ? 
_pdbx_entity_instance_feature.feature_type   'SUBJECT OF INVESTIGATION' 
_pdbx_entity_instance_feature.details        ? 
# 
loop_
_pdbx_nonpoly_scheme.asym_id 
_pdbx_nonpoly_scheme.entity_id 
_pdbx_nonpoly_scheme.mon_id 
_pdbx_nonpoly_scheme.ndb_seq_num 
_pdbx_nonpoly_scheme.pdb_seq_num 
_pdbx_nonpoly_scheme.auth_seq_num 
_pdbx_nonpoly_scheme.pdb_mon_id 
_pdbx_nonpoly_scheme.auth_mon_id 
_pdbx_nonpoly_scheme.pdb_strand_id 
_pdbx_nonpoly_scheme.pdb_ins_code 
B 2 EDO   1  201 202 EDO   EDO B . 
C 2 EDO   1  202 305 EDO   EDO B . 
D 3 SO4   1  203 1   SO4   SO4 B . 
E 4 A1BFB 1  204 1   A1BFB LIG B . 
F 4 A1BFB 1  205 2   A1BFB LIG B . 
G 5 HOH   1  301 4   HOH   HOH B . 
G 5 HOH   2  302 1   HOH   HOH B . 
G 5 HOH   3  303 81  HOH   HOH B . 
G 5 HOH   4  304 21  HOH   HOH B . 
G 5 HOH   5  305 19  HOH   HOH B . 
G 5 HOH   6  306 90  HOH   HOH B . 
G 5 HOH   7  307 102 HOH   HOH B . 
G 5 HOH   8  308 99  HOH   HOH B . 
G 5 HOH   9  309 16  HOH   HOH B . 
G 5 HOH   10 310 2   HOH   HOH B . 
G 5 HOH   11 311 50  HOH   HOH B . 
G 5 HOH   12 312 73  HOH   HOH B . 
G 5 HOH   13 313 68  HOH   HOH B . 
G 5 HOH   14 314 26  HOH   HOH B . 
G 5 HOH   15 315 20  HOH   HOH B . 
G 5 HOH   16 316 66  HOH   HOH B . 
G 5 HOH   17 317 47  HOH   HOH B . 
G 5 HOH   18 318 1   HOH   HOH B . 
G 5 HOH   19 319 24  HOH   HOH B . 
G 5 HOH   20 320 303 HOH   HOH B . 
G 5 HOH   21 321 3   HOH   HOH B . 
G 5 HOH   22 322 23  HOH   HOH B . 
G 5 HOH   23 323 12  HOH   HOH B . 
G 5 HOH   24 324 18  HOH   HOH B . 
G 5 HOH   25 325 97  HOH   HOH B . 
G 5 HOH   26 326 57  HOH   HOH B . 
G 5 HOH   27 327 69  HOH   HOH B . 
G 5 HOH   28 328 197 HOH   HOH B . 
G 5 HOH   29 329 266 HOH   HOH B . 
G 5 HOH   30 330 205 HOH   HOH B . 
# 
loop_
_pdbx_unobs_or_zero_occ_atoms.id 
_pdbx_unobs_or_zero_occ_atoms.PDB_model_num 
_pdbx_unobs_or_zero_occ_atoms.polymer_flag 
_pdbx_unobs_or_zero_occ_atoms.occupancy_flag 
_pdbx_unobs_or_zero_occ_atoms.auth_asym_id 
_pdbx_unobs_or_zero_occ_atoms.auth_comp_id 
_pdbx_unobs_or_zero_occ_atoms.auth_seq_id 
_pdbx_unobs_or_zero_occ_atoms.PDB_ins_code 
_pdbx_unobs_or_zero_occ_atoms.auth_atom_id 
_pdbx_unobs_or_zero_occ_atoms.label_alt_id 
_pdbx_unobs_or_zero_occ_atoms.label_asym_id 
_pdbx_unobs_or_zero_occ_atoms.label_comp_id 
_pdbx_unobs_or_zero_occ_atoms.label_seq_id 
_pdbx_unobs_or_zero_occ_atoms.label_atom_id 
1 1 Y 1 B LEU 192 ? CG  ? A LEU 186 CG  
2 1 Y 1 B LEU 192 ? CD1 ? A LEU 186 CD1 
3 1 Y 1 B LEU 192 ? CD2 ? A LEU 186 CD2 
# 
loop_
_software.pdbx_ordinal 
_software.name 
_software.version 
_software.date 
_software.type 
_software.contact_author 
_software.contact_author_email 
_software.classification 
_software.location 
_software.language 
_software.citation_id 
1 REFMAC      5.8.0267 ?               program 'Garib N. Murshudov' garib@ysbl.york.ac.uk    refinement        
http://www.ccp4.ac.uk/dist/html/refmac5.html        Fortran_77 ? 
2 Aimless     0.7.7    23/04/21        program 'Phil Evans'         ?                        'data scaling'    
http://www.mrc-lmb.cam.ac.uk/harry/pre/aimless.html ?          ? 
3 PDB_EXTRACT 3.23     'SEP. 23, 2016' package PDB                  deposit@deposit.rcsb.org 'data extraction' 
http://sw-tools.pdb.org/apps/PDB_EXTRACT/           C++        ? 
4 XDS         .        ?               program ?                    ?                        'data reduction'  ? ?          ? 
5 REFMAC      .        ?               program ?                    ?                        phasing           ? ?          ? 
# 
_cell.entry_id           7HLP 
_cell.length_a           95.016 
_cell.length_b           95.016 
_cell.length_c           45.461 
_cell.angle_alpha        90.000 
_cell.angle_beta         90.000 
_cell.angle_gamma        90.000 
_cell.Z_PDB              8 
_cell.pdbx_unique_axis   ? 
# 
_symmetry.entry_id                         7HLP 
_symmetry.space_group_name_H-M             'I 4' 
_symmetry.pdbx_full_space_group_name_H-M   ? 
_symmetry.cell_setting                     ? 
_symmetry.Int_Tables_number                79 
# 
_exptl.crystals_number   1 
_exptl.entry_id          7HLP 
_exptl.method            'X-RAY DIFFRACTION' 
# 
_exptl_crystal.id                    1 
_exptl_crystal.pdbx_mosaicity        0.000 
_exptl_crystal.pdbx_mosaicity_esd    ? 
_exptl_crystal.density_Matthews      2.38 
_exptl_crystal.density_diffrn        ? 
_exptl_crystal.density_meas          ? 
_exptl_crystal.density_meas_temp     ? 
_exptl_crystal.density_percent_sol   48.22 
_exptl_crystal.size_max              ? 
_exptl_crystal.size_mid              ? 
_exptl_crystal.size_min              ? 
_exptl_crystal.size_rad              ? 
_exptl_crystal.description           ? 
# 
_exptl_crystal_grow.crystal_id      1 
_exptl_crystal_grow.method          'VAPOR DIFFUSION, SITTING DROP' 
_exptl_crystal_grow.pH              8 
_exptl_crystal_grow.temp            293 
_exptl_crystal_grow.pdbx_details    '4 % PEG 400, 2 M AmmSO4, 0.1 M HEPES pH 8' 
_exptl_crystal_grow.temp_details    ? 
_exptl_crystal_grow.pdbx_pH_range   ? 
# 
_diffrn.id                     1 
_diffrn.ambient_temp           100 
_diffrn.crystal_id             1 
_diffrn.ambient_temp_details   ? 
# 
_diffrn_detector.detector               PIXEL 
_diffrn_detector.type                   'DECTRIS EIGER2 XE 9M' 
_diffrn_detector.pdbx_collection_date   2024-05-22 
_diffrn_detector.diffrn_id              1 
_diffrn_detector.details                ? 
# 
_diffrn_radiation.diffrn_id                        1 
_diffrn_radiation.wavelength_id                    1 
_diffrn_radiation.pdbx_diffrn_protocol             'SINGLE WAVELENGTH' 
_diffrn_radiation.pdbx_monochromatic_or_laue_m_l   ? 
_diffrn_radiation.monochromator                    ? 
_diffrn_radiation.pdbx_scattering_type             x-ray 
# 
_diffrn_radiation_wavelength.id           1 
_diffrn_radiation_wavelength.wavelength   0.92124 
_diffrn_radiation_wavelength.wt           1.0 
# 
_diffrn_source.diffrn_id                   1 
_diffrn_source.source                      SYNCHROTRON 
_diffrn_source.type                        'DIAMOND BEAMLINE I04-1' 
_diffrn_source.pdbx_wavelength_list        0.92124 
_diffrn_source.pdbx_synchrotron_site       Diamond 
_diffrn_source.pdbx_synchrotron_beamline   I04-1 
_diffrn_source.pdbx_wavelength             ? 
# 
_reflns.entry_id                     7HLP 
_reflns.pdbx_diffrn_id               1 
_reflns.pdbx_ordinal                 1 
_reflns.observed_criterion_sigma_I   ? 
_reflns.observed_criterion_sigma_F   ? 
_reflns.d_resolution_low             33.580 
_reflns.d_resolution_high            1.190 
_reflns.number_obs                   59389 
_reflns.number_all                   ? 
_reflns.percent_possible_obs         91.400 
_reflns.pdbx_Rmerge_I_obs            0.063 
_reflns.pdbx_Rsym_value              ? 
_reflns.pdbx_netI_over_sigmaI        14.700 
_reflns.B_iso_Wilson_estimate        ? 
_reflns.pdbx_redundancy              9.700 
_reflns.pdbx_Rrim_I_all              0.066 
_reflns.pdbx_Rpim_I_all              0.018 
_reflns.pdbx_CC_half                 0.999 
_reflns.pdbx_netI_over_av_sigmaI     ? 
_reflns.pdbx_number_measured_all     573574 
_reflns.pdbx_scaling_rejects         0 
_reflns.pdbx_chi_squared             ? 
_reflns.Rmerge_F_all                 ? 
_reflns.Rmerge_F_obs                 ? 
_reflns.observed_criterion_F_max     ? 
_reflns.observed_criterion_F_min     ? 
_reflns.observed_criterion_I_max     ? 
_reflns.observed_criterion_I_min     ? 
_reflns.pdbx_d_res_high_opt          ? 
_reflns.pdbx_d_res_low_opt           ? 
_reflns.details                      ? 
# 
loop_
_reflns_shell.pdbx_diffrn_id 
_reflns_shell.pdbx_ordinal 
_reflns_shell.d_res_high 
_reflns_shell.d_res_low 
_reflns_shell.number_measured_obs 
_reflns_shell.number_measured_all 
_reflns_shell.number_unique_obs 
_reflns_shell.pdbx_rejects 
_reflns_shell.Rmerge_I_obs 
_reflns_shell.meanI_over_sigI_obs 
_reflns_shell.pdbx_Rsym_value 
_reflns_shell.pdbx_chi_squared 
_reflns_shell.pdbx_redundancy 
_reflns_shell.percent_possible_obs 
_reflns_shell.pdbx_netI_over_sigmaI_obs 
_reflns_shell.number_possible 
_reflns_shell.number_unique_all 
_reflns_shell.Rmerge_F_all 
_reflns_shell.Rmerge_F_obs 
_reflns_shell.Rmerge_I_all 
_reflns_shell.meanI_over_sigI_all 
_reflns_shell.percent_possible_all 
_reflns_shell.pdbx_Rrim_I_all 
_reflns_shell.pdbx_Rpim_I_all 
_reflns_shell.pdbx_CC_half 
1 1 1.190 1.210  ? 1889 1288 ? 0.844 ? ? ? 1.500  ? 0.300  ? ? ? ? ? ? 40.100 1.103 0.698 0.441 
1 2 6.520 33.580 ? 5403 430  ? 0.047 ? ? ? 12.600 ? 71.800 ? ? ? ? ? ? 99.400 0.049 0.015 0.980 
# 
_refine.entry_id                                 7HLP 
_refine.pdbx_refine_id                           'X-RAY DIFFRACTION' 
_refine.ls_d_res_high                            1.1900 
_refine.ls_d_res_low                             33.6200 
_refine.pdbx_ls_sigma_F                          0.000 
_refine.pdbx_data_cutoff_high_absF               ? 
_refine.pdbx_data_cutoff_low_absF                ? 
_refine.ls_percent_reflns_obs                    89.1200 
_refine.ls_number_reflns_obs                     55173 
_refine.ls_number_reflns_all                     ? 
_refine.pdbx_ls_cross_valid_method               THROUGHOUT 
_refine.ls_matrix_type                           ? 
_refine.pdbx_R_Free_selection_details            RANDOM 
_refine.details                                  
'HYDROGENS HAVE BEEN ADDED IN THE RIDING POSITIONS U VALUES      : REFINED INDIVIDUALLY' 
_refine.ls_R_factor_all                          ? 
_refine.ls_R_factor_obs                          0.1762 
_refine.ls_R_factor_R_work                       0.1751 
_refine.ls_wR_factor_R_work                      ? 
_refine.ls_R_factor_R_free                       0.1983 
_refine.ls_wR_factor_R_free                      ? 
_refine.ls_percent_reflns_R_free                 4.9000 
_refine.ls_number_reflns_R_free                  2829 
_refine.ls_number_reflns_R_work                  ? 
_refine.ls_R_factor_R_free_error                 ? 
_refine.B_iso_mean                               16.9950 
_refine.solvent_model_param_bsol                 ? 
_refine.solvent_model_param_ksol                 ? 
_refine.pdbx_isotropic_thermal_model             ? 
_refine.aniso_B[1][1]                            -0.0700 
_refine.aniso_B[2][2]                            -0.0700 
_refine.aniso_B[3][3]                            0.1500 
_refine.aniso_B[1][2]                            -0.0000 
_refine.aniso_B[1][3]                            0.0000 
_refine.aniso_B[2][3]                            0.0000 
_refine.correlation_coeff_Fo_to_Fc               0.9710 
_refine.correlation_coeff_Fo_to_Fc_free          0.9640 
_refine.overall_SU_R_Cruickshank_DPI             ? 
_refine.pdbx_overall_SU_R_free_Cruickshank_DPI   ? 
_refine.pdbx_overall_SU_R_Blow_DPI               ? 
_refine.pdbx_overall_SU_R_free_Blow_DPI          ? 
_refine.overall_SU_R_free                        ? 
_refine.pdbx_overall_ESU_R                       0.0470 
_refine.pdbx_overall_ESU_R_Free                  0.0490 
_refine.overall_SU_ML                            0.0410 
_refine.overall_SU_B                             1.0050 
_refine.solvent_model_details                    MASK 
_refine.pdbx_solvent_vdw_probe_radii             1.2000 
_refine.pdbx_solvent_ion_probe_radii             0.8000 
_refine.pdbx_solvent_shrinkage_radii             0.8000 
_refine.ls_number_parameters                     ? 
_refine.ls_number_restraints                     ? 
_refine.pdbx_starting_model                      ? 
_refine.pdbx_method_to_determine_struct          'FOURIER SYNTHESIS' 
_refine.pdbx_stereochemistry_target_values       'MAXIMUM LIKELIHOOD' 
_refine.pdbx_stereochem_target_val_spec_case     ? 
_refine.overall_FOM_work_R_set                   ? 
_refine.B_iso_max                                79.270 
_refine.B_iso_min                                8.940 
_refine.pdbx_overall_phase_error                 ? 
_refine.occupancy_max                            ? 
_refine.occupancy_min                            ? 
_refine.pdbx_diffrn_id                           1 
_refine.pdbx_TLS_residual_ADP_flag               ? 
_refine.pdbx_ls_sigma_I                          ? 
_refine.pdbx_data_cutoff_high_rms_absF           ? 
_refine.ls_R_factor_R_free_error_details         ? 
# 
_refine_hist.cycle_id                         final 
_refine_hist.pdbx_refine_id                   'X-RAY DIFFRACTION' 
_refine_hist.d_res_high                       1.1900 
_refine_hist.d_res_low                        33.6200 
_refine_hist.pdbx_number_atoms_ligand         49 
_refine_hist.number_atoms_solvent             30 
_refine_hist.number_atoms_total               1572 
_refine_hist.pdbx_number_residues_total       185 
_refine_hist.pdbx_B_iso_mean_ligand           26.08 
_refine_hist.pdbx_B_iso_mean_solvent          23.41 
_refine_hist.pdbx_number_atoms_protein        1493 
_refine_hist.pdbx_number_atoms_nucleic_acid   0 
# 
loop_
_refine_ls_restr.pdbx_refine_id 
_refine_ls_restr.type 
_refine_ls_restr.number 
_refine_ls_restr.dev_ideal 
_refine_ls_restr.dev_ideal_target 
_refine_ls_restr.weight 
_refine_ls_restr.pdbx_restraint_function 
'X-RAY DIFFRACTION' r_bond_refined_d       2238 0.012  0.014  ? ? 
'X-RAY DIFFRACTION' r_bond_other_d         1648 0.001  0.015  ? ? 
'X-RAY DIFFRACTION' r_angle_refined_deg    2630 1.871  1.633  ? ? 
'X-RAY DIFFRACTION' r_angle_other_deg      3802 1.441  1.581  ? ? 
'X-RAY DIFFRACTION' r_dihedral_angle_1_deg 241  7.277  5.000  ? ? 
'X-RAY DIFFRACTION' r_dihedral_angle_2_deg 110  28.789 21.455 ? ? 
'X-RAY DIFFRACTION' r_dihedral_angle_3_deg 288  11.947 15.000 ? ? 
'X-RAY DIFFRACTION' r_dihedral_angle_4_deg 15   21.164 15.000 ? ? 
'X-RAY DIFFRACTION' r_chiral_restr         220  0.082  0.200  ? ? 
'X-RAY DIFFRACTION' r_gen_planes_refined   2322 0.012  0.020  ? ? 
'X-RAY DIFFRACTION' r_gen_planes_other     508  0.002  0.020  ? ? 
'X-RAY DIFFRACTION' r_mcbond_it            1087 1.388  1.626  ? ? 
'X-RAY DIFFRACTION' r_mcbond_other         965  1.412  1.472  ? ? 
'X-RAY DIFFRACTION' r_mcangle_it           1153 2.289  2.219  ? ? 
# 
_refine_ls_shell.d_res_high                       1.1900 
_refine_ls_shell.d_res_low                        1.2210 
_refine_ls_shell.pdbx_total_number_of_bins_used   20 
_refine_ls_shell.percent_reflns_obs               25.5000 
_refine_ls_shell.number_reflns_R_work             1172 
_refine_ls_shell.R_factor_all                     ? 
_refine_ls_shell.R_factor_R_work                  0.3760 
_refine_ls_shell.R_factor_R_free                  0.4020 
_refine_ls_shell.percent_reflns_R_free            ? 
_refine_ls_shell.number_reflns_R_free             56 
_refine_ls_shell.R_factor_R_free_error            ? 
_refine_ls_shell.number_reflns_all                1228 
_refine_ls_shell.number_reflns_obs                ? 
_refine_ls_shell.pdbx_refine_id                   'X-RAY DIFFRACTION' 
# 
_struct.entry_id                  7HLP 
_struct.title                     'PanDDA analysis group deposition -- Crystal Structure of TRIM21 in complex with Z29634868' 
_struct.pdbx_model_details        ? 
_struct.pdbx_CASP_flag            ? 
_struct.pdbx_model_type_details   ? 
# 
_struct_keywords.entry_id        7HLP 
_struct_keywords.text            'SGC - Diamond I04-1 fragment screening, PanDDA, XChemExplorer, TRIM21, LIGASE' 
_struct_keywords.pdbx_keywords   LIGASE 
# 
loop_
_struct_asym.id 
_struct_asym.pdbx_blank_PDB_chainid_flag 
_struct_asym.pdbx_modified 
_struct_asym.entity_id 
_struct_asym.details 
A N N 1 ? 
B N N 2 ? 
C N N 2 ? 
D N N 3 ? 
E N N 4 ? 
F N N 4 ? 
G N N 5 ? 
# 
_struct_ref.id                         1 
_struct_ref.db_name                    UNP 
_struct_ref.db_code                    RO52_MOUSE 
_struct_ref.pdbx_db_accession          Q62191 
_struct_ref.pdbx_db_isoform            ? 
_struct_ref.entity_id                  1 
_struct_ref.pdbx_seq_one_letter_code   
;VHITLDRNTANSWLIISKDRRQVRMGDTHQNVSDNKERFSNYPMVLGAQRFSSGKMYWEVDVTQKEAWDLGVCRDSVQRK
GQFSLSPENGFWTIWLWQDSYEAGTSPQTTLHIQVPPCQIGIFVDYEAGVVSFYNITDHGSLIYTFSECVFAGPLRPFFN
VGFNYSGGNAAPLKLCPLKM
;
_struct_ref.pdbx_align_begin           291 
# 
_struct_ref_seq.align_id                      1 
_struct_ref_seq.ref_id                        1 
_struct_ref_seq.pdbx_PDB_id_code              7HLP 
_struct_ref_seq.pdbx_strand_id                B 
_struct_ref_seq.seq_align_beg                 9 
_struct_ref_seq.pdbx_seq_align_beg_ins_code   ? 
_struct_ref_seq.seq_align_end                 188 
_struct_ref_seq.pdbx_seq_align_end_ins_code   ? 
_struct_ref_seq.pdbx_db_accession             Q62191 
_struct_ref_seq.db_align_beg                  291 
_struct_ref_seq.pdbx_db_align_beg_ins_code    ? 
_struct_ref_seq.db_align_end                  470 
_struct_ref_seq.pdbx_db_align_end_ins_code    ? 
_struct_ref_seq.pdbx_auth_seq_align_beg       15 
_struct_ref_seq.pdbx_auth_seq_align_end       194 
# 
loop_
_struct_ref_seq_dif.align_id 
_struct_ref_seq_dif.pdbx_pdb_id_code 
_struct_ref_seq_dif.mon_id 
_struct_ref_seq_dif.pdbx_pdb_strand_id 
_struct_ref_seq_dif.seq_num 
_struct_ref_seq_dif.pdbx_pdb_ins_code 
_struct_ref_seq_dif.pdbx_seq_db_name 
_struct_ref_seq_dif.pdbx_seq_db_accession_code 
_struct_ref_seq_dif.db_mon_id 
_struct_ref_seq_dif.pdbx_seq_db_seq_num 
_struct_ref_seq_dif.details 
_struct_ref_seq_dif.pdbx_auth_seq_num 
_struct_ref_seq_dif.pdbx_ordinal 
1 7HLP MET B 1 ? UNP Q62191 ? ? 'initiating methionine' 7  1 
1 7HLP HIS B 2 ? UNP Q62191 ? ? 'expression tag'        8  2 
1 7HLP HIS B 3 ? UNP Q62191 ? ? 'expression tag'        9  3 
1 7HLP HIS B 4 ? UNP Q62191 ? ? 'expression tag'        10 4 
1 7HLP HIS B 5 ? UNP Q62191 ? ? 'expression tag'        11 5 
1 7HLP HIS B 6 ? UNP Q62191 ? ? 'expression tag'        12 6 
1 7HLP HIS B 7 ? UNP Q62191 ? ? 'expression tag'        13 7 
1 7HLP MET B 8 ? UNP Q62191 ? ? 'expression tag'        14 8 
# 
_pdbx_struct_assembly.id                   1 
_pdbx_struct_assembly.details              author_defined_assembly 
_pdbx_struct_assembly.method_details       ? 
_pdbx_struct_assembly.oligomeric_details   monomeric 
_pdbx_struct_assembly.oligomeric_count     1 
# 
_pdbx_struct_assembly_gen.assembly_id       1 
_pdbx_struct_assembly_gen.oper_expression   1 
_pdbx_struct_assembly_gen.asym_id_list      A,B,C,D,E,F,G 
# 
_pdbx_struct_oper_list.id                   1 
_pdbx_struct_oper_list.type                 'identity operation' 
_pdbx_struct_oper_list.name                 1_555 
_pdbx_struct_oper_list.symmetry_operation   x,y,z 
_pdbx_struct_oper_list.matrix[1][1]         1.0000000000 
_pdbx_struct_oper_list.matrix[1][2]         0.0000000000 
_pdbx_struct_oper_list.matrix[1][3]         0.0000000000 
_pdbx_struct_oper_list.vector[1]            0.0000000000 
_pdbx_struct_oper_list.matrix[2][1]         0.0000000000 
_pdbx_struct_oper_list.matrix[2][2]         1.0000000000 
_pdbx_struct_oper_list.matrix[2][3]         0.0000000000 
_pdbx_struct_oper_list.vector[2]            0.0000000000 
_pdbx_struct_oper_list.matrix[3][1]         0.0000000000 
_pdbx_struct_oper_list.matrix[3][2]         0.0000000000 
_pdbx_struct_oper_list.matrix[3][3]         1.0000000000 
_pdbx_struct_oper_list.vector[3]            0.0000000000 
# 
loop_
_struct_conf.conf_type_id 
_struct_conf.id 
_struct_conf.pdbx_PDB_helix_id 
_struct_conf.beg_label_comp_id 
_struct_conf.beg_label_asym_id 
_struct_conf.beg_label_seq_id 
_struct_conf.pdbx_beg_PDB_ins_code 
_struct_conf.end_label_comp_id 
_struct_conf.end_label_asym_id 
_struct_conf.end_label_seq_id 
_struct_conf.pdbx_end_PDB_ins_code 
_struct_conf.beg_auth_comp_id 
_struct_conf.beg_auth_asym_id 
_struct_conf.beg_auth_seq_id 
_struct_conf.end_auth_comp_id 
_struct_conf.end_auth_asym_id 
_struct_conf.end_auth_seq_id 
_struct_conf.pdbx_PDB_helix_class 
_struct_conf.details 
_struct_conf.pdbx_PDB_helix_length 
HELX_P HELX_P1 AA1 HIS A 4  ? MET A 8  ? HIS B 10  MET B 14  5 ? 5 
HELX_P HELX_P2 AA2 ASP A 14 ? ALA A 18 ? ASP B 20  ALA B 24  5 ? 5 
HELX_P HELX_P3 AA3 SER A 94 ? ASN A 97 ? SER B 100 ASN B 103 5 ? 4 
# 
_struct_conf_type.id          HELX_P 
_struct_conf_type.criteria    ? 
_struct_conf_type.reference   ? 
# 
_struct_mon_prot_cis.pdbx_id                1 
_struct_mon_prot_cis.label_comp_id          SER 
_struct_mon_prot_cis.label_seq_id           114 
_struct_mon_prot_cis.label_asym_id          A 
_struct_mon_prot_cis.label_alt_id           . 
_struct_mon_prot_cis.pdbx_PDB_ins_code      ? 
_struct_mon_prot_cis.auth_comp_id           SER 
_struct_mon_prot_cis.auth_seq_id            120 
_struct_mon_prot_cis.auth_asym_id           B 
_struct_mon_prot_cis.pdbx_label_comp_id_2   PRO 
_struct_mon_prot_cis.pdbx_label_seq_id_2    115 
_struct_mon_prot_cis.pdbx_label_asym_id_2   A 
_struct_mon_prot_cis.pdbx_PDB_ins_code_2    ? 
_struct_mon_prot_cis.pdbx_auth_comp_id_2    PRO 
_struct_mon_prot_cis.pdbx_auth_seq_id_2     121 
_struct_mon_prot_cis.pdbx_auth_asym_id_2    B 
_struct_mon_prot_cis.pdbx_PDB_model_num     1 
_struct_mon_prot_cis.pdbx_omega_angle       -1.86 
# 
loop_
_struct_sheet.id 
_struct_sheet.type 
_struct_sheet.number_strands 
_struct_sheet.details 
AA1 ? 7 ? 
AA2 ? 6 ? 
# 
loop_
_struct_sheet_order.sheet_id 
_struct_sheet_order.range_id_1 
_struct_sheet_order.range_id_2 
_struct_sheet_order.offset 
_struct_sheet_order.sense 
AA1 1 2 ? anti-parallel 
AA1 2 3 ? anti-parallel 
AA1 3 4 ? anti-parallel 
AA1 4 5 ? anti-parallel 
AA1 5 6 ? anti-parallel 
AA1 6 7 ? anti-parallel 
AA2 1 2 ? anti-parallel 
AA2 2 3 ? anti-parallel 
AA2 3 4 ? anti-parallel 
AA2 4 5 ? anti-parallel 
AA2 5 6 ? anti-parallel 
# 
loop_
_struct_sheet_range.sheet_id 
_struct_sheet_range.id 
_struct_sheet_range.beg_label_comp_id 
_struct_sheet_range.beg_label_asym_id 
_struct_sheet_range.beg_label_seq_id 
_struct_sheet_range.pdbx_beg_PDB_ins_code 
_struct_sheet_range.end_label_comp_id 
_struct_sheet_range.end_label_asym_id 
_struct_sheet_range.end_label_seq_id 
_struct_sheet_range.pdbx_end_PDB_ins_code 
_struct_sheet_range.beg_auth_comp_id 
_struct_sheet_range.beg_auth_asym_id 
_struct_sheet_range.beg_auth_seq_id 
_struct_sheet_range.end_auth_comp_id 
_struct_sheet_range.end_auth_asym_id 
_struct_sheet_range.end_auth_seq_id 
AA1 1 LEU A 22  ? ILE A 24  ? LEU B 28  ILE B 30  
AA1 2 GLN A 30  ? MET A 33  ? GLN B 36  MET B 39  
AA1 3 LEU A 181 ? LEU A 183 ? LEU B 187 LEU B 189 
AA1 4 LYS A 63  ? ASP A 69  ? LYS B 69  ASP B 75  
AA1 5 GLN A 127 ? ASP A 133 ? GLN B 133 ASP B 139 
AA1 6 VAL A 138 ? ASN A 143 ? VAL B 144 ASN B 149 
AA1 7 SER A 149 ? PHE A 154 ? SER B 155 PHE B 160 
AA2 1 MET A 52  ? LEU A 54  ? MET B 58  LEU B 60  
AA2 2 LEU A 163 ? ASN A 168 ? LEU B 169 ASN B 174 
AA2 3 TRP A 76  ? ARG A 82  ? TRP B 82  ARG B 88  
AA2 4 PHE A 99  ? TRP A 105 ? PHE B 105 TRP B 111 
AA2 5 SER A 108 ? ALA A 111 ? SER B 114 ALA B 117 
AA2 6 THR A 117 ? THR A 118 ? THR B 123 THR B 124 
# 
loop_
_pdbx_struct_sheet_hbond.sheet_id 
_pdbx_struct_sheet_hbond.range_id_1 
_pdbx_struct_sheet_hbond.range_id_2 
_pdbx_struct_sheet_hbond.range_1_label_atom_id 
_pdbx_struct_sheet_hbond.range_1_label_comp_id 
_pdbx_struct_sheet_hbond.range_1_label_asym_id 
_pdbx_struct_sheet_hbond.range_1_label_seq_id 
_pdbx_struct_sheet_hbond.range_1_PDB_ins_code 
_pdbx_struct_sheet_hbond.range_1_auth_atom_id 
_pdbx_struct_sheet_hbond.range_1_auth_comp_id 
_pdbx_struct_sheet_hbond.range_1_auth_asym_id 
_pdbx_struct_sheet_hbond.range_1_auth_seq_id 
_pdbx_struct_sheet_hbond.range_2_label_atom_id 
_pdbx_struct_sheet_hbond.range_2_label_comp_id 
_pdbx_struct_sheet_hbond.range_2_label_asym_id 
_pdbx_struct_sheet_hbond.range_2_label_seq_id 
_pdbx_struct_sheet_hbond.range_2_PDB_ins_code 
_pdbx_struct_sheet_hbond.range_2_auth_atom_id 
_pdbx_struct_sheet_hbond.range_2_auth_comp_id 
_pdbx_struct_sheet_hbond.range_2_auth_asym_id 
_pdbx_struct_sheet_hbond.range_2_auth_seq_id 
AA1 1 2 N ILE A 23  ? N ILE B 29  O ARG A 32  ? O ARG B 38  
AA1 2 3 N VAL A 31  ? N VAL B 37  O LEU A 181 ? O LEU B 187 
AA1 3 4 O LYS A 182 ? O LYS B 188 N ASP A 69  ? N ASP B 75  
AA1 4 5 N TRP A 66  ? N TRP B 72  O ILE A 130 ? O ILE B 136 
AA1 5 6 N ASP A 133 ? N ASP B 139 O VAL A 138 ? O VAL B 144 
AA1 6 7 N PHE A 141 ? N PHE B 147 O ILE A 151 ? O ILE B 157 
AA2 1 2 N VAL A 53  ? N VAL B 59  O PHE A 167 ? O PHE B 173 
AA2 2 3 O ARG A 164 ? O ARG B 170 N CYS A 81  ? N CYS B 87  
AA2 3 4 N VAL A 80  ? N VAL B 86  O TRP A 100 ? O TRP B 106 
AA2 4 5 N TRP A 105 ? N TRP B 111 O SER A 108 ? O SER B 114 
AA2 5 6 N ALA A 111 ? N ALA B 117 O THR A 117 ? O THR B 123 
# 
_pdbx_entry_details.entry_id                   7HLP 
_pdbx_entry_details.compound_details           ? 
_pdbx_entry_details.source_details             ? 
_pdbx_entry_details.nonpolymer_details         ? 
_pdbx_entry_details.sequence_details           ? 
_pdbx_entry_details.has_ligand_of_interest     Y 
_pdbx_entry_details.has_protein_modification   N 
# 
loop_
_pdbx_validate_close_contact.id 
_pdbx_validate_close_contact.PDB_model_num 
_pdbx_validate_close_contact.auth_atom_id_1 
_pdbx_validate_close_contact.auth_asym_id_1 
_pdbx_validate_close_contact.auth_comp_id_1 
_pdbx_validate_close_contact.auth_seq_id_1 
_pdbx_validate_close_contact.PDB_ins_code_1 
_pdbx_validate_close_contact.label_alt_id_1 
_pdbx_validate_close_contact.auth_atom_id_2 
_pdbx_validate_close_contact.auth_asym_id_2 
_pdbx_validate_close_contact.auth_comp_id_2 
_pdbx_validate_close_contact.auth_seq_id_2 
_pdbx_validate_close_contact.PDB_ins_code_2 
_pdbx_validate_close_contact.label_alt_id_2 
_pdbx_validate_close_contact.dist 
1 1 O B PHE 97 ? ? O4  B A1BFB 205 ? ? 1.77 
2 1 O B PHE 97 ? ? C10 B A1BFB 205 ? ? 2.10 
# 
loop_
_pdbx_validate_rmsd_angle.id 
_pdbx_validate_rmsd_angle.PDB_model_num 
_pdbx_validate_rmsd_angle.auth_atom_id_1 
_pdbx_validate_rmsd_angle.auth_asym_id_1 
_pdbx_validate_rmsd_angle.auth_comp_id_1 
_pdbx_validate_rmsd_angle.auth_seq_id_1 
_pdbx_validate_rmsd_angle.PDB_ins_code_1 
_pdbx_validate_rmsd_angle.label_alt_id_1 
_pdbx_validate_rmsd_angle.auth_atom_id_2 
_pdbx_validate_rmsd_angle.auth_asym_id_2 
_pdbx_validate_rmsd_angle.auth_comp_id_2 
_pdbx_validate_rmsd_angle.auth_seq_id_2 
_pdbx_validate_rmsd_angle.PDB_ins_code_2 
_pdbx_validate_rmsd_angle.label_alt_id_2 
_pdbx_validate_rmsd_angle.auth_atom_id_3 
_pdbx_validate_rmsd_angle.auth_asym_id_3 
_pdbx_validate_rmsd_angle.auth_comp_id_3 
_pdbx_validate_rmsd_angle.auth_seq_id_3 
_pdbx_validate_rmsd_angle.PDB_ins_code_3 
_pdbx_validate_rmsd_angle.label_alt_id_3 
_pdbx_validate_rmsd_angle.angle_value 
_pdbx_validate_rmsd_angle.angle_target_value 
_pdbx_validate_rmsd_angle.angle_deviation 
_pdbx_validate_rmsd_angle.angle_standard_deviation 
_pdbx_validate_rmsd_angle.linker_flag 
1 1 NE B ARG 34 ? ? CZ B ARG 34 ? ? NH1 B ARG 34 ? ? 123.58 120.30 3.28  0.50 N 
2 1 CG B ARG 64 ? ? CD B ARG 64 ? ? NE  B ARG 64 ? ? 125.58 111.80 13.78 2.10 N 
# 
_pdbx_validate_torsion.id              1 
_pdbx_validate_torsion.PDB_model_num   1 
_pdbx_validate_torsion.auth_comp_id    ASP 
_pdbx_validate_torsion.auth_asym_id    B 
_pdbx_validate_torsion.auth_seq_id     152 
_pdbx_validate_torsion.PDB_ins_code    ? 
_pdbx_validate_torsion.label_alt_id    ? 
_pdbx_validate_torsion.phi             -101.05 
_pdbx_validate_torsion.psi             50.99 
# 
_phasing.method   MR 
# 
loop_
_pdbx_unobs_or_zero_occ_residues.id 
_pdbx_unobs_or_zero_occ_residues.PDB_model_num 
_pdbx_unobs_or_zero_occ_residues.polymer_flag 
_pdbx_unobs_or_zero_occ_residues.occupancy_flag 
_pdbx_unobs_or_zero_occ_residues.auth_asym_id 
_pdbx_unobs_or_zero_occ_residues.auth_comp_id 
_pdbx_unobs_or_zero_occ_residues.auth_seq_id 
_pdbx_unobs_or_zero_occ_residues.PDB_ins_code 
_pdbx_unobs_or_zero_occ_residues.label_asym_id 
_pdbx_unobs_or_zero_occ_residues.label_comp_id 
_pdbx_unobs_or_zero_occ_residues.label_seq_id 
1 1 Y 1 B MET 7   ? A MET 1   
2 1 Y 1 B LYS 193 ? A LYS 187 
3 1 Y 1 B MET 194 ? A MET 188 
# 
loop_
_chem_comp_atom.comp_id 
_chem_comp_atom.atom_id 
_chem_comp_atom.type_symbol 
_chem_comp_atom.pdbx_aromatic_flag 
_chem_comp_atom.pdbx_stereo_config 
_chem_comp_atom.pdbx_ordinal 
A1BFB C4   C N N 1   
A1BFB C5   C N N 2   
A1BFB C6   C N N 3   
A1BFB C7   C Y N 4   
A1BFB C8   C Y N 5   
A1BFB C10  C N N 6   
A1BFB C13  C Y N 7   
A1BFB C1   C N N 8   
A1BFB C11  C N N 9   
A1BFB C12  C Y N 10  
A1BFB C14  C Y N 11  
A1BFB C2   C N N 12  
A1BFB C3   C N N 13  
A1BFB C9   C Y N 14  
A1BFB O1   O N N 15  
A1BFB O2   O N N 16  
A1BFB O3   O N N 17  
A1BFB O4   O N N 18  
A1BFB H8   H N N 19  
A1BFB H9   H N N 20  
A1BFB H14  H N N 21  
A1BFB H2   H N N 22  
A1BFB H1   H N N 23  
A1BFB H3   H N N 24  
A1BFB H10  H N N 25  
A1BFB H12  H N N 26  
A1BFB H11  H N N 27  
A1BFB H13  H N N 28  
A1BFB H4   H N N 29  
A1BFB H5   H N N 30  
A1BFB H7   H N N 31  
A1BFB H6   H N N 32  
ALA   N    N N N 33  
ALA   CA   C N S 34  
ALA   C    C N N 35  
ALA   O    O N N 36  
ALA   CB   C N N 37  
ALA   OXT  O N N 38  
ALA   H    H N N 39  
ALA   H2   H N N 40  
ALA   HA   H N N 41  
ALA   HB1  H N N 42  
ALA   HB2  H N N 43  
ALA   HB3  H N N 44  
ALA   HXT  H N N 45  
ARG   N    N N N 46  
ARG   CA   C N S 47  
ARG   C    C N N 48  
ARG   O    O N N 49  
ARG   CB   C N N 50  
ARG   CG   C N N 51  
ARG   CD   C N N 52  
ARG   NE   N N N 53  
ARG   CZ   C N N 54  
ARG   NH1  N N N 55  
ARG   NH2  N N N 56  
ARG   OXT  O N N 57  
ARG   H    H N N 58  
ARG   H2   H N N 59  
ARG   HA   H N N 60  
ARG   HB2  H N N 61  
ARG   HB3  H N N 62  
ARG   HG2  H N N 63  
ARG   HG3  H N N 64  
ARG   HD2  H N N 65  
ARG   HD3  H N N 66  
ARG   HE   H N N 67  
ARG   HH11 H N N 68  
ARG   HH12 H N N 69  
ARG   HH21 H N N 70  
ARG   HH22 H N N 71  
ARG   HXT  H N N 72  
ASN   N    N N N 73  
ASN   CA   C N S 74  
ASN   C    C N N 75  
ASN   O    O N N 76  
ASN   CB   C N N 77  
ASN   CG   C N N 78  
ASN   OD1  O N N 79  
ASN   ND2  N N N 80  
ASN   OXT  O N N 81  
ASN   H    H N N 82  
ASN   H2   H N N 83  
ASN   HA   H N N 84  
ASN   HB2  H N N 85  
ASN   HB3  H N N 86  
ASN   HD21 H N N 87  
ASN   HD22 H N N 88  
ASN   HXT  H N N 89  
ASP   N    N N N 90  
ASP   CA   C N S 91  
ASP   C    C N N 92  
ASP   O    O N N 93  
ASP   CB   C N N 94  
ASP   CG   C N N 95  
ASP   OD1  O N N 96  
ASP   OD2  O N N 97  
ASP   OXT  O N N 98  
ASP   H    H N N 99  
ASP   H2   H N N 100 
ASP   HA   H N N 101 
ASP   HB2  H N N 102 
ASP   HB3  H N N 103 
ASP   HD2  H N N 104 
ASP   HXT  H N N 105 
CYS   N    N N N 106 
CYS   CA   C N R 107 
CYS   C    C N N 108 
CYS   O    O N N 109 
CYS   CB   C N N 110 
CYS   SG   S N N 111 
CYS   OXT  O N N 112 
CYS   H    H N N 113 
CYS   H2   H N N 114 
CYS   HA   H N N 115 
CYS   HB2  H N N 116 
CYS   HB3  H N N 117 
CYS   HG   H N N 118 
CYS   HXT  H N N 119 
EDO   C1   C N N 120 
EDO   O1   O N N 121 
EDO   C2   C N N 122 
EDO   O2   O N N 123 
EDO   H11  H N N 124 
EDO   H12  H N N 125 
EDO   HO1  H N N 126 
EDO   H21  H N N 127 
EDO   H22  H N N 128 
EDO   HO2  H N N 129 
GLN   N    N N N 130 
GLN   CA   C N S 131 
GLN   C    C N N 132 
GLN   O    O N N 133 
GLN   CB   C N N 134 
GLN   CG   C N N 135 
GLN   CD   C N N 136 
GLN   OE1  O N N 137 
GLN   NE2  N N N 138 
GLN   OXT  O N N 139 
GLN   H    H N N 140 
GLN   H2   H N N 141 
GLN   HA   H N N 142 
GLN   HB2  H N N 143 
GLN   HB3  H N N 144 
GLN   HG2  H N N 145 
GLN   HG3  H N N 146 
GLN   HE21 H N N 147 
GLN   HE22 H N N 148 
GLN   HXT  H N N 149 
GLU   N    N N N 150 
GLU   CA   C N S 151 
GLU   C    C N N 152 
GLU   O    O N N 153 
GLU   CB   C N N 154 
GLU   CG   C N N 155 
GLU   CD   C N N 156 
GLU   OE1  O N N 157 
GLU   OE2  O N N 158 
GLU   OXT  O N N 159 
GLU   H    H N N 160 
GLU   H2   H N N 161 
GLU   HA   H N N 162 
GLU   HB2  H N N 163 
GLU   HB3  H N N 164 
GLU   HG2  H N N 165 
GLU   HG3  H N N 166 
GLU   HE2  H N N 167 
GLU   HXT  H N N 168 
GLY   N    N N N 169 
GLY   CA   C N N 170 
GLY   C    C N N 171 
GLY   O    O N N 172 
GLY   OXT  O N N 173 
GLY   H    H N N 174 
GLY   H2   H N N 175 
GLY   HA2  H N N 176 
GLY   HA3  H N N 177 
GLY   HXT  H N N 178 
HIS   N    N N N 179 
HIS   CA   C N S 180 
HIS   C    C N N 181 
HIS   O    O N N 182 
HIS   CB   C N N 183 
HIS   CG   C Y N 184 
HIS   ND1  N Y N 185 
HIS   CD2  C Y N 186 
HIS   CE1  C Y N 187 
HIS   NE2  N Y N 188 
HIS   OXT  O N N 189 
HIS   H    H N N 190 
HIS   H2   H N N 191 
HIS   HA   H N N 192 
HIS   HB2  H N N 193 
HIS   HB3  H N N 194 
HIS   HD1  H N N 195 
HIS   HD2  H N N 196 
HIS   HE1  H N N 197 
HIS   HE2  H N N 198 
HIS   HXT  H N N 199 
HOH   O    O N N 200 
HOH   H1   H N N 201 
HOH   H2   H N N 202 
ILE   N    N N N 203 
ILE   CA   C N S 204 
ILE   C    C N N 205 
ILE   O    O N N 206 
ILE   CB   C N S 207 
ILE   CG1  C N N 208 
ILE   CG2  C N N 209 
ILE   CD1  C N N 210 
ILE   OXT  O N N 211 
ILE   H    H N N 212 
ILE   H2   H N N 213 
ILE   HA   H N N 214 
ILE   HB   H N N 215 
ILE   HG12 H N N 216 
ILE   HG13 H N N 217 
ILE   HG21 H N N 218 
ILE   HG22 H N N 219 
ILE   HG23 H N N 220 
ILE   HD11 H N N 221 
ILE   HD12 H N N 222 
ILE   HD13 H N N 223 
ILE   HXT  H N N 224 
LEU   N    N N N 225 
LEU   CA   C N S 226 
LEU   C    C N N 227 
LEU   O    O N N 228 
LEU   CB   C N N 229 
LEU   CG   C N N 230 
LEU   CD1  C N N 231 
LEU   CD2  C N N 232 
LEU   OXT  O N N 233 
LEU   H    H N N 234 
LEU   H2   H N N 235 
LEU   HA   H N N 236 
LEU   HB2  H N N 237 
LEU   HB3  H N N 238 
LEU   HG   H N N 239 
LEU   HD11 H N N 240 
LEU   HD12 H N N 241 
LEU   HD13 H N N 242 
LEU   HD21 H N N 243 
LEU   HD22 H N N 244 
LEU   HD23 H N N 245 
LEU   HXT  H N N 246 
LYS   N    N N N 247 
LYS   CA   C N S 248 
LYS   C    C N N 249 
LYS   O    O N N 250 
LYS   CB   C N N 251 
LYS   CG   C N N 252 
LYS   CD   C N N 253 
LYS   CE   C N N 254 
LYS   NZ   N N N 255 
LYS   OXT  O N N 256 
LYS   H    H N N 257 
LYS   H2   H N N 258 
LYS   HA   H N N 259 
LYS   HB2  H N N 260 
LYS   HB3  H N N 261 
LYS   HG2  H N N 262 
LYS   HG3  H N N 263 
LYS   HD2  H N N 264 
LYS   HD3  H N N 265 
LYS   HE2  H N N 266 
LYS   HE3  H N N 267 
LYS   HZ1  H N N 268 
LYS   HZ2  H N N 269 
LYS   HZ3  H N N 270 
LYS   HXT  H N N 271 
MET   N    N N N 272 
MET   CA   C N S 273 
MET   C    C N N 274 
MET   O    O N N 275 
MET   CB   C N N 276 
MET   CG   C N N 277 
MET   SD   S N N 278 
MET   CE   C N N 279 
MET   OXT  O N N 280 
MET   H    H N N 281 
MET   H2   H N N 282 
MET   HA   H N N 283 
MET   HB2  H N N 284 
MET   HB3  H N N 285 
MET   HG2  H N N 286 
MET   HG3  H N N 287 
MET   HE1  H N N 288 
MET   HE2  H N N 289 
MET   HE3  H N N 290 
MET   HXT  H N N 291 
PHE   N    N N N 292 
PHE   CA   C N S 293 
PHE   C    C N N 294 
PHE   O    O N N 295 
PHE   CB   C N N 296 
PHE   CG   C Y N 297 
PHE   CD1  C Y N 298 
PHE   CD2  C Y N 299 
PHE   CE1  C Y N 300 
PHE   CE2  C Y N 301 
PHE   CZ   C Y N 302 
PHE   OXT  O N N 303 
PHE   H    H N N 304 
PHE   H2   H N N 305 
PHE   HA   H N N 306 
PHE   HB2  H N N 307 
PHE   HB3  H N N 308 
PHE   HD1  H N N 309 
PHE   HD2  H N N 310 
PHE   HE1  H N N 311 
PHE   HE2  H N N 312 
PHE   HZ   H N N 313 
PHE   HXT  H N N 314 
PRO   N    N N N 315 
PRO   CA   C N S 316 
PRO   C    C N N 317 
PRO   O    O N N 318 
PRO   CB   C N N 319 
PRO   CG   C N N 320 
PRO   CD   C N N 321 
PRO   OXT  O N N 322 
PRO   H    H N N 323 
PRO   HA   H N N 324 
PRO   HB2  H N N 325 
PRO   HB3  H N N 326 
PRO   HG2  H N N 327 
PRO   HG3  H N N 328 
PRO   HD2  H N N 329 
PRO   HD3  H N N 330 
PRO   HXT  H N N 331 
SER   N    N N N 332 
SER   CA   C N S 333 
SER   C    C N N 334 
SER   O    O N N 335 
SER   CB   C N N 336 
SER   OG   O N N 337 
SER   OXT  O N N 338 
SER   H    H N N 339 
SER   H2   H N N 340 
SER   HA   H N N 341 
SER   HB2  H N N 342 
SER   HB3  H N N 343 
SER   HG   H N N 344 
SER   HXT  H N N 345 
SO4   S    S N N 346 
SO4   O1   O N N 347 
SO4   O2   O N N 348 
SO4   O3   O N N 349 
SO4   O4   O N N 350 
THR   N    N N N 351 
THR   CA   C N S 352 
THR   C    C N N 353 
THR   O    O N N 354 
THR   CB   C N R 355 
THR   OG1  O N N 356 
THR   CG2  C N N 357 
THR   OXT  O N N 358 
THR   H    H N N 359 
THR   H2   H N N 360 
THR   HA   H N N 361 
THR   HB   H N N 362 
THR   HG1  H N N 363 
THR   HG21 H N N 364 
THR   HG22 H N N 365 
THR   HG23 H N N 366 
THR   HXT  H N N 367 
TRP   N    N N N 368 
TRP   CA   C N S 369 
TRP   C    C N N 370 
TRP   O    O N N 371 
TRP   CB   C N N 372 
TRP   CG   C Y N 373 
TRP   CD1  C Y N 374 
TRP   CD2  C Y N 375 
TRP   NE1  N Y N 376 
TRP   CE2  C Y N 377 
TRP   CE3  C Y N 378 
TRP   CZ2  C Y N 379 
TRP   CZ3  C Y N 380 
TRP   CH2  C Y N 381 
TRP   OXT  O N N 382 
TRP   H    H N N 383 
TRP   H2   H N N 384 
TRP   HA   H N N 385 
TRP   HB2  H N N 386 
TRP   HB3  H N N 387 
TRP   HD1  H N N 388 
TRP   HE1  H N N 389 
TRP   HE3  H N N 390 
TRP   HZ2  H N N 391 
TRP   HZ3  H N N 392 
TRP   HH2  H N N 393 
TRP   HXT  H N N 394 
TYR   N    N N N 395 
TYR   CA   C N S 396 
TYR   C    C N N 397 
TYR   O    O N N 398 
TYR   CB   C N N 399 
TYR   CG   C Y N 400 
TYR   CD1  C Y N 401 
TYR   CD2  C Y N 402 
TYR   CE1  C Y N 403 
TYR   CE2  C Y N 404 
TYR   CZ   C Y N 405 
TYR   OH   O N N 406 
TYR   OXT  O N N 407 
TYR   H    H N N 408 
TYR   H2   H N N 409 
TYR   HA   H N N 410 
TYR   HB2  H N N 411 
TYR   HB3  H N N 412 
TYR   HD1  H N N 413 
TYR   HD2  H N N 414 
TYR   HE1  H N N 415 
TYR   HE2  H N N 416 
TYR   HH   H N N 417 
TYR   HXT  H N N 418 
VAL   N    N N N 419 
VAL   CA   C N S 420 
VAL   C    C N N 421 
VAL   O    O N N 422 
VAL   CB   C N N 423 
VAL   CG1  C N N 424 
VAL   CG2  C N N 425 
VAL   OXT  O N N 426 
VAL   H    H N N 427 
VAL   H2   H N N 428 
VAL   HA   H N N 429 
VAL   HB   H N N 430 
VAL   HG11 H N N 431 
VAL   HG12 H N N 432 
VAL   HG13 H N N 433 
VAL   HG21 H N N 434 
VAL   HG22 H N N 435 
VAL   HG23 H N N 436 
VAL   HXT  H N N 437 
# 
loop_
_chem_comp_bond.comp_id 
_chem_comp_bond.atom_id_1 
_chem_comp_bond.atom_id_2 
_chem_comp_bond.value_order 
_chem_comp_bond.pdbx_aromatic_flag 
_chem_comp_bond.pdbx_stereo_config 
_chem_comp_bond.pdbx_ordinal 
A1BFB C1  C2   sing N N 1   
A1BFB C2  C3   sing N N 2   
A1BFB C3  C4   sing N N 3   
A1BFB C4  C5   doub N N 4   
A1BFB C5  C6   sing N N 5   
A1BFB C6  O1   doub N N 6   
A1BFB C6  O2   sing N N 7   
A1BFB O2  C7   sing N N 8   
A1BFB C7  C8   doub Y N 9   
A1BFB C8  C9   sing Y N 10  
A1BFB C9  O3   sing N N 11  
A1BFB O3  C10  sing N N 12  
A1BFB C10 O4   doub N N 13  
A1BFB C10 C11  sing N N 14  
A1BFB C9  C12  doub Y N 15  
A1BFB C12 C13  sing Y N 16  
A1BFB C13 C14  doub Y N 17  
A1BFB C4  C14  sing N N 18  
A1BFB C7  C14  sing Y N 19  
A1BFB C5  H8   sing N N 20  
A1BFB C8  H9   sing N N 21  
A1BFB C13 H14  sing N N 22  
A1BFB C1  H2   sing N N 23  
A1BFB C1  H1   sing N N 24  
A1BFB C1  H3   sing N N 25  
A1BFB C11 H10  sing N N 26  
A1BFB C11 H12  sing N N 27  
A1BFB C11 H11  sing N N 28  
A1BFB C12 H13  sing N N 29  
A1BFB C2  H4   sing N N 30  
A1BFB C2  H5   sing N N 31  
A1BFB C3  H7   sing N N 32  
A1BFB C3  H6   sing N N 33  
ALA   N   CA   sing N N 34  
ALA   N   H    sing N N 35  
ALA   N   H2   sing N N 36  
ALA   CA  C    sing N N 37  
ALA   CA  CB   sing N N 38  
ALA   CA  HA   sing N N 39  
ALA   C   O    doub N N 40  
ALA   C   OXT  sing N N 41  
ALA   CB  HB1  sing N N 42  
ALA   CB  HB2  sing N N 43  
ALA   CB  HB3  sing N N 44  
ALA   OXT HXT  sing N N 45  
ARG   N   CA   sing N N 46  
ARG   N   H    sing N N 47  
ARG   N   H2   sing N N 48  
ARG   CA  C    sing N N 49  
ARG   CA  CB   sing N N 50  
ARG   CA  HA   sing N N 51  
ARG   C   O    doub N N 52  
ARG   C   OXT  sing N N 53  
ARG   CB  CG   sing N N 54  
ARG   CB  HB2  sing N N 55  
ARG   CB  HB3  sing N N 56  
ARG   CG  CD   sing N N 57  
ARG   CG  HG2  sing N N 58  
ARG   CG  HG3  sing N N 59  
ARG   CD  NE   sing N N 60  
ARG   CD  HD2  sing N N 61  
ARG   CD  HD3  sing N N 62  
ARG   NE  CZ   sing N N 63  
ARG   NE  HE   sing N N 64  
ARG   CZ  NH1  sing N N 65  
ARG   CZ  NH2  doub N N 66  
ARG   NH1 HH11 sing N N 67  
ARG   NH1 HH12 sing N N 68  
ARG   NH2 HH21 sing N N 69  
ARG   NH2 HH22 sing N N 70  
ARG   OXT HXT  sing N N 71  
ASN   N   CA   sing N N 72  
ASN   N   H    sing N N 73  
ASN   N   H2   sing N N 74  
ASN   CA  C    sing N N 75  
ASN   CA  CB   sing N N 76  
ASN   CA  HA   sing N N 77  
ASN   C   O    doub N N 78  
ASN   C   OXT  sing N N 79  
ASN   CB  CG   sing N N 80  
ASN   CB  HB2  sing N N 81  
ASN   CB  HB3  sing N N 82  
ASN   CG  OD1  doub N N 83  
ASN   CG  ND2  sing N N 84  
ASN   ND2 HD21 sing N N 85  
ASN   ND2 HD22 sing N N 86  
ASN   OXT HXT  sing N N 87  
ASP   N   CA   sing N N 88  
ASP   N   H    sing N N 89  
ASP   N   H2   sing N N 90  
ASP   CA  C    sing N N 91  
ASP   CA  CB   sing N N 92  
ASP   CA  HA   sing N N 93  
ASP   C   O    doub N N 94  
ASP   C   OXT  sing N N 95  
ASP   CB  CG   sing N N 96  
ASP   CB  HB2  sing N N 97  
ASP   CB  HB3  sing N N 98  
ASP   CG  OD1  doub N N 99  
ASP   CG  OD2  sing N N 100 
ASP   OD2 HD2  sing N N 101 
ASP   OXT HXT  sing N N 102 
CYS   N   CA   sing N N 103 
CYS   N   H    sing N N 104 
CYS   N   H2   sing N N 105 
CYS   CA  C    sing N N 106 
CYS   CA  CB   sing N N 107 
CYS   CA  HA   sing N N 108 
CYS   C   O    doub N N 109 
CYS   C   OXT  sing N N 110 
CYS   CB  SG   sing N N 111 
CYS   CB  HB2  sing N N 112 
CYS   CB  HB3  sing N N 113 
CYS   SG  HG   sing N N 114 
CYS   OXT HXT  sing N N 115 
EDO   C1  O1   sing N N 116 
EDO   C1  C2   sing N N 117 
EDO   C1  H11  sing N N 118 
EDO   C1  H12  sing N N 119 
EDO   O1  HO1  sing N N 120 
EDO   C2  O2   sing N N 121 
EDO   C2  H21  sing N N 122 
EDO   C2  H22  sing N N 123 
EDO   O2  HO2  sing N N 124 
GLN   N   CA   sing N N 125 
GLN   N   H    sing N N 126 
GLN   N   H2   sing N N 127 
GLN   CA  C    sing N N 128 
GLN   CA  CB   sing N N 129 
GLN   CA  HA   sing N N 130 
GLN   C   O    doub N N 131 
GLN   C   OXT  sing N N 132 
GLN   CB  CG   sing N N 133 
GLN   CB  HB2  sing N N 134 
GLN   CB  HB3  sing N N 135 
GLN   CG  CD   sing N N 136 
GLN   CG  HG2  sing N N 137 
GLN   CG  HG3  sing N N 138 
GLN   CD  OE1  doub N N 139 
GLN   CD  NE2  sing N N 140 
GLN   NE2 HE21 sing N N 141 
GLN   NE2 HE22 sing N N 142 
GLN   OXT HXT  sing N N 143 
GLU   N   CA   sing N N 144 
GLU   N   H    sing N N 145 
GLU   N   H2   sing N N 146 
GLU   CA  C    sing N N 147 
GLU   CA  CB   sing N N 148 
GLU   CA  HA   sing N N 149 
GLU   C   O    doub N N 150 
GLU   C   OXT  sing N N 151 
GLU   CB  CG   sing N N 152 
GLU   CB  HB2  sing N N 153 
GLU   CB  HB3  sing N N 154 
GLU   CG  CD   sing N N 155 
GLU   CG  HG2  sing N N 156 
GLU   CG  HG3  sing N N 157 
GLU   CD  OE1  doub N N 158 
GLU   CD  OE2  sing N N 159 
GLU   OE2 HE2  sing N N 160 
GLU   OXT HXT  sing N N 161 
GLY   N   CA   sing N N 162 
GLY   N   H    sing N N 163 
GLY   N   H2   sing N N 164 
GLY   CA  C    sing N N 165 
GLY   CA  HA2  sing N N 166 
GLY   CA  HA3  sing N N 167 
GLY   C   O    doub N N 168 
GLY   C   OXT  sing N N 169 
GLY   OXT HXT  sing N N 170 
HIS   N   CA   sing N N 171 
HIS   N   H    sing N N 172 
HIS   N   H2   sing N N 173 
HIS   CA  C    sing N N 174 
HIS   CA  CB   sing N N 175 
HIS   CA  HA   sing N N 176 
HIS   C   O    doub N N 177 
HIS   C   OXT  sing N N 178 
HIS   CB  CG   sing N N 179 
HIS   CB  HB2  sing N N 180 
HIS   CB  HB3  sing N N 181 
HIS   CG  ND1  sing Y N 182 
HIS   CG  CD2  doub Y N 183 
HIS   ND1 CE1  doub Y N 184 
HIS   ND1 HD1  sing N N 185 
HIS   CD2 NE2  sing Y N 186 
HIS   CD2 HD2  sing N N 187 
HIS   CE1 NE2  sing Y N 188 
HIS   CE1 HE1  sing N N 189 
HIS   NE2 HE2  sing N N 190 
HIS   OXT HXT  sing N N 191 
HOH   O   H1   sing N N 192 
HOH   O   H2   sing N N 193 
ILE   N   CA   sing N N 194 
ILE   N   H    sing N N 195 
ILE   N   H2   sing N N 196 
ILE   CA  C    sing N N 197 
ILE   CA  CB   sing N N 198 
ILE   CA  HA   sing N N 199 
ILE   C   O    doub N N 200 
ILE   C   OXT  sing N N 201 
ILE   CB  CG1  sing N N 202 
ILE   CB  CG2  sing N N 203 
ILE   CB  HB   sing N N 204 
ILE   CG1 CD1  sing N N 205 
ILE   CG1 HG12 sing N N 206 
ILE   CG1 HG13 sing N N 207 
ILE   CG2 HG21 sing N N 208 
ILE   CG2 HG22 sing N N 209 
ILE   CG2 HG23 sing N N 210 
ILE   CD1 HD11 sing N N 211 
ILE   CD1 HD12 sing N N 212 
ILE   CD1 HD13 sing N N 213 
ILE   OXT HXT  sing N N 214 
LEU   N   CA   sing N N 215 
LEU   N   H    sing N N 216 
LEU   N   H2   sing N N 217 
LEU   CA  C    sing N N 218 
LEU   CA  CB   sing N N 219 
LEU   CA  HA   sing N N 220 
LEU   C   O    doub N N 221 
LEU   C   OXT  sing N N 222 
LEU   CB  CG   sing N N 223 
LEU   CB  HB2  sing N N 224 
LEU   CB  HB3  sing N N 225 
LEU   CG  CD1  sing N N 226 
LEU   CG  CD2  sing N N 227 
LEU   CG  HG   sing N N 228 
LEU   CD1 HD11 sing N N 229 
LEU   CD1 HD12 sing N N 230 
LEU   CD1 HD13 sing N N 231 
LEU   CD2 HD21 sing N N 232 
LEU   CD2 HD22 sing N N 233 
LEU   CD2 HD23 sing N N 234 
LEU   OXT HXT  sing N N 235 
LYS   N   CA   sing N N 236 
LYS   N   H    sing N N 237 
LYS   N   H2   sing N N 238 
LYS   CA  C    sing N N 239 
LYS   CA  CB   sing N N 240 
LYS   CA  HA   sing N N 241 
LYS   C   O    doub N N 242 
LYS   C   OXT  sing N N 243 
LYS   CB  CG   sing N N 244 
LYS   CB  HB2  sing N N 245 
LYS   CB  HB3  sing N N 246 
LYS   CG  CD   sing N N 247 
LYS   CG  HG2  sing N N 248 
LYS   CG  HG3  sing N N 249 
LYS   CD  CE   sing N N 250 
LYS   CD  HD2  sing N N 251 
LYS   CD  HD3  sing N N 252 
LYS   CE  NZ   sing N N 253 
LYS   CE  HE2  sing N N 254 
LYS   CE  HE3  sing N N 255 
LYS   NZ  HZ1  sing N N 256 
LYS   NZ  HZ2  sing N N 257 
LYS   NZ  HZ3  sing N N 258 
LYS   OXT HXT  sing N N 259 
MET   N   CA   sing N N 260 
MET   N   H    sing N N 261 
MET   N   H2   sing N N 262 
MET   CA  C    sing N N 263 
MET   CA  CB   sing N N 264 
MET   CA  HA   sing N N 265 
MET   C   O    doub N N 266 
MET   C   OXT  sing N N 267 
MET   CB  CG   sing N N 268 
MET   CB  HB2  sing N N 269 
MET   CB  HB3  sing N N 270 
MET   CG  SD   sing N N 271 
MET   CG  HG2  sing N N 272 
MET   CG  HG3  sing N N 273 
MET   SD  CE   sing N N 274 
MET   CE  HE1  sing N N 275 
MET   CE  HE2  sing N N 276 
MET   CE  HE3  sing N N 277 
MET   OXT HXT  sing N N 278 
PHE   N   CA   sing N N 279 
PHE   N   H    sing N N 280 
PHE   N   H2   sing N N 281 
PHE   CA  C    sing N N 282 
PHE   CA  CB   sing N N 283 
PHE   CA  HA   sing N N 284 
PHE   C   O    doub N N 285 
PHE   C   OXT  sing N N 286 
PHE   CB  CG   sing N N 287 
PHE   CB  HB2  sing N N 288 
PHE   CB  HB3  sing N N 289 
PHE   CG  CD1  doub Y N 290 
PHE   CG  CD2  sing Y N 291 
PHE   CD1 CE1  sing Y N 292 
PHE   CD1 HD1  sing N N 293 
PHE   CD2 CE2  doub Y N 294 
PHE   CD2 HD2  sing N N 295 
PHE   CE1 CZ   doub Y N 296 
PHE   CE1 HE1  sing N N 297 
PHE   CE2 CZ   sing Y N 298 
PHE   CE2 HE2  sing N N 299 
PHE   CZ  HZ   sing N N 300 
PHE   OXT HXT  sing N N 301 
PRO   N   CA   sing N N 302 
PRO   N   CD   sing N N 303 
PRO   N   H    sing N N 304 
PRO   CA  C    sing N N 305 
PRO   CA  CB   sing N N 306 
PRO   CA  HA   sing N N 307 
PRO   C   O    doub N N 308 
PRO   C   OXT  sing N N 309 
PRO   CB  CG   sing N N 310 
PRO   CB  HB2  sing N N 311 
PRO   CB  HB3  sing N N 312 
PRO   CG  CD   sing N N 313 
PRO   CG  HG2  sing N N 314 
PRO   CG  HG3  sing N N 315 
PRO   CD  HD2  sing N N 316 
PRO   CD  HD3  sing N N 317 
PRO   OXT HXT  sing N N 318 
SER   N   CA   sing N N 319 
SER   N   H    sing N N 320 
SER   N   H2   sing N N 321 
SER   CA  C    sing N N 322 
SER   CA  CB   sing N N 323 
SER   CA  HA   sing N N 324 
SER   C   O    doub N N 325 
SER   C   OXT  sing N N 326 
SER   CB  OG   sing N N 327 
SER   CB  HB2  sing N N 328 
SER   CB  HB3  sing N N 329 
SER   OG  HG   sing N N 330 
SER   OXT HXT  sing N N 331 
SO4   S   O1   doub N N 332 
SO4   S   O2   doub N N 333 
SO4   S   O3   sing N N 334 
SO4   S   O4   sing N N 335 
THR   N   CA   sing N N 336 
THR   N   H    sing N N 337 
THR   N   H2   sing N N 338 
THR   CA  C    sing N N 339 
THR   CA  CB   sing N N 340 
THR   CA  HA   sing N N 341 
THR   C   O    doub N N 342 
THR   C   OXT  sing N N 343 
THR   CB  OG1  sing N N 344 
THR   CB  CG2  sing N N 345 
THR   CB  HB   sing N N 346 
THR   OG1 HG1  sing N N 347 
THR   CG2 HG21 sing N N 348 
THR   CG2 HG22 sing N N 349 
THR   CG2 HG23 sing N N 350 
THR   OXT HXT  sing N N 351 
TRP   N   CA   sing N N 352 
TRP   N   H    sing N N 353 
TRP   N   H2   sing N N 354 
TRP   CA  C    sing N N 355 
TRP   CA  CB   sing N N 356 
TRP   CA  HA   sing N N 357 
TRP   C   O    doub N N 358 
TRP   C   OXT  sing N N 359 
TRP   CB  CG   sing N N 360 
TRP   CB  HB2  sing N N 361 
TRP   CB  HB3  sing N N 362 
TRP   CG  CD1  doub Y N 363 
TRP   CG  CD2  sing Y N 364 
TRP   CD1 NE1  sing Y N 365 
TRP   CD1 HD1  sing N N 366 
TRP   CD2 CE2  doub Y N 367 
TRP   CD2 CE3  sing Y N 368 
TRP   NE1 CE2  sing Y N 369 
TRP   NE1 HE1  sing N N 370 
TRP   CE2 CZ2  sing Y N 371 
TRP   CE3 CZ3  doub Y N 372 
TRP   CE3 HE3  sing N N 373 
TRP   CZ2 CH2  doub Y N 374 
TRP   CZ2 HZ2  sing N N 375 
TRP   CZ3 CH2  sing Y N 376 
TRP   CZ3 HZ3  sing N N 377 
TRP   CH2 HH2  sing N N 378 
TRP   OXT HXT  sing N N 379 
TYR   N   CA   sing N N 380 
TYR   N   H    sing N N 381 
TYR   N   H2   sing N N 382 
TYR   CA  C    sing N N 383 
TYR   CA  CB   sing N N 384 
TYR   CA  HA   sing N N 385 
TYR   C   O    doub N N 386 
TYR   C   OXT  sing N N 387 
TYR   CB  CG   sing N N 388 
TYR   CB  HB2  sing N N 389 
TYR   CB  HB3  sing N N 390 
TYR   CG  CD1  doub Y N 391 
TYR   CG  CD2  sing Y N 392 
TYR   CD1 CE1  sing Y N 393 
TYR   CD1 HD1  sing N N 394 
TYR   CD2 CE2  doub Y N 395 
TYR   CD2 HD2  sing N N 396 
TYR   CE1 CZ   doub Y N 397 
TYR   CE1 HE1  sing N N 398 
TYR   CE2 CZ   sing Y N 399 
TYR   CE2 HE2  sing N N 400 
TYR   CZ  OH   sing N N 401 
TYR   OH  HH   sing N N 402 
TYR   OXT HXT  sing N N 403 
VAL   N   CA   sing N N 404 
VAL   N   H    sing N N 405 
VAL   N   H2   sing N N 406 
VAL   CA  C    sing N N 407 
VAL   CA  CB   sing N N 408 
VAL   CA  HA   sing N N 409 
VAL   C   O    doub N N 410 
VAL   C   OXT  sing N N 411 
VAL   CB  CG1  sing N N 412 
VAL   CB  CG2  sing N N 413 
VAL   CB  HB   sing N N 414 
VAL   CG1 HG11 sing N N 415 
VAL   CG1 HG12 sing N N 416 
VAL   CG1 HG13 sing N N 417 
VAL   CG2 HG21 sing N N 418 
VAL   CG2 HG22 sing N N 419 
VAL   CG2 HG23 sing N N 420 
VAL   OXT HXT  sing N N 421 
# 
_pdbx_audit_support.ordinal                1 
_pdbx_audit_support.funding_organization   'European Union (EU)' 
_pdbx_audit_support.grant_number           875510 
_pdbx_audit_support.country                'European Union' 
# 
_pdbx_deposit_group.group_id            G_1002320 
_pdbx_deposit_group.group_description   
;PRYSPRY domain of murine TRIM21 screened against the DSI-poised Fragment Library by X-ray Crystallography at the XChem facility of Diamon Light Source
;
_pdbx_deposit_group.group_title         'PanDDA analysis group deposition' 
_pdbx_deposit_group.group_type          'changed state' 
# 
_pdbx_initial_refinement_model.id               1 
_pdbx_initial_refinement_model.entity_id_list   ? 
_pdbx_initial_refinement_model.type             'experimental model' 
_pdbx_initial_refinement_model.source_name      PDB 
_pdbx_initial_refinement_model.accession_code   2VOK 
_pdbx_initial_refinement_model.details          ? 
# 
_atom_sites.entry_id                    7HLP 
_atom_sites.fract_transf_matrix[1][1]   -0.00819494 
_atom_sites.fract_transf_matrix[1][2]   0.00554065 
_atom_sites.fract_transf_matrix[1][3]   0.00359442 
_atom_sites.fract_transf_matrix[2][1]   -0.00338804 
_atom_sites.fract_transf_matrix[2][2]   -0.00844382 
_atom_sites.fract_transf_matrix[2][3]   0.00529138 
_atom_sites.fract_transf_matrix[3][1]   0.01184848 
_atom_sites.fract_transf_matrix[3][2]   0.00619240 
_atom_sites.fract_transf_matrix[3][3]   0.01746813 
_atom_sites.fract_transf_vector[1]      -0.297383 
_atom_sites.fract_transf_vector[2]      -0.116421 
_atom_sites.fract_transf_vector[3]      -0.503753 
# 
loop_
_atom_type.symbol 
C 
N 
O 
S 
# 
loop_
_atom_site.group_PDB 
_atom_site.id 
_atom_site.type_symbol 
_atom_site.label_atom_id 
_atom_site.label_alt_id 
_atom_site.label_comp_id 
_atom_site.label_asym_id 
_atom_site.label_entity_id 
_atom_site.label_seq_id 
_atom_site.pdbx_PDB_ins_code 
_atom_site.Cartn_x 
_atom_site.Cartn_y 
_atom_site.Cartn_z 
_atom_site.occupancy 
_atom_site.B_iso_or_equiv 
_atom_site.pdbx_formal_charge 
_atom_site.auth_seq_id 
_atom_site.auth_comp_id 
_atom_site.auth_asym_id 
_atom_site.auth_atom_id 
_atom_site.pdbx_PDB_model_num 
ATOM   1    N N   . HIS   A 1 2   ? -4.191  12.894  14.849  1.00 66.97 ? 8   HIS   B N   1 
ATOM   2    C CA  . HIS   A 1 2   ? -5.075  13.309  13.702  1.00 60.22 ? 8   HIS   B CA  1 
ATOM   3    C C   . HIS   A 1 2   ? -6.544  13.059  14.067  1.00 62.29 ? 8   HIS   B C   1 
ATOM   4    O O   . HIS   A 1 2   ? -6.806  12.273  15.018  1.00 65.41 ? 8   HIS   B O   1 
ATOM   5    C CB  . HIS   A 1 2   ? -4.668  12.589  12.398  1.00 50.86 ? 8   HIS   B CB  1 
ATOM   6    C CG  . HIS   A 1 2   ? -4.985  11.127  12.354  1.00 45.76 ? 8   HIS   B CG  1 
ATOM   7    N ND1 . HIS   A 1 2   ? -6.244  10.643  12.012  1.00 43.17 ? 8   HIS   B ND1 1 
ATOM   8    C CD2 . HIS   A 1 2   ? -4.215  10.036  12.559  1.00 40.86 ? 8   HIS   B CD2 1 
ATOM   9    C CE1 . HIS   A 1 2   ? -6.235  9.327   12.048  1.00 43.70 ? 8   HIS   B CE1 1 
ATOM   10   N NE2 . HIS   A 1 2   ? -5.003  8.923   12.385  1.00 36.09 ? 8   HIS   B NE2 1 
ATOM   11   N N   . HIS   A 1 3   ? -7.465  13.670  13.321  1.00 55.62 ? 9   HIS   B N   1 
ATOM   12   C CA  . HIS   A 1 3   ? -8.934  13.494  13.481  1.00 56.23 ? 9   HIS   B CA  1 
ATOM   13   C C   . HIS   A 1 3   ? -9.561  13.114  12.131  1.00 45.42 ? 9   HIS   B C   1 
ATOM   14   O O   . HIS   A 1 3   ? -10.645 13.623  11.819  1.00 46.80 ? 9   HIS   B O   1 
ATOM   15   C CB  . HIS   A 1 3   ? -9.522  14.761  14.131  1.00 65.13 ? 9   HIS   B CB  1 
ATOM   16   C CG  . HIS   A 1 3   ? -8.912  15.064  15.463  1.00 72.65 ? 9   HIS   B CG  1 
ATOM   17   N ND1 . HIS   A 1 3   ? -9.287  14.398  16.624  1.00 75.78 ? 9   HIS   B ND1 1 
ATOM   18   C CD2 . HIS   A 1 3   ? -7.936  15.929  15.823  1.00 76.90 ? 9   HIS   B CD2 1 
ATOM   19   C CE1 . HIS   A 1 3   ? -8.577  14.850  17.639  1.00 77.91 ? 9   HIS   B CE1 1 
ATOM   20   N NE2 . HIS   A 1 3   ? -7.744  15.794  17.174  1.00 79.27 ? 9   HIS   B NE2 1 
ATOM   21   N N   . HIS   A 1 4   ? -8.908  12.215  11.381  1.00 36.65 ? 10  HIS   B N   1 
ATOM   22   C CA  . HIS   A 1 4   ? -9.299  11.774  10.010  1.00 31.33 ? 10  HIS   B CA  1 
ATOM   23   C C   . HIS   A 1 4   ? -10.130 10.483  10.043  1.00 30.57 ? 10  HIS   B C   1 
ATOM   24   O O   . HIS   A 1 4   ? -10.645 10.101  8.985   1.00 26.27 ? 10  HIS   B O   1 
ATOM   25   C CB  . HIS   A 1 4   ? -8.057  11.511  9.141   1.00 30.14 ? 10  HIS   B CB  1 
ATOM   26   C CG  . HIS   A 1 4   ? -7.187  12.691  8.922   1.00 30.32 ? 10  HIS   B CG  1 
ATOM   27   N ND1 . HIS   A 1 4   ? -7.689  13.910  8.505   1.00 28.74 ? 10  HIS   B ND1 1 
ATOM   28   C CD2 . HIS   A 1 4   ? -5.846  12.827  8.969   1.00 29.13 ? 10  HIS   B CD2 1 
ATOM   29   C CE1 . HIS   A 1 4   ? -6.696  14.755  8.336   1.00 35.25 ? 10  HIS   B CE1 1 
ATOM   30   N NE2 . HIS   A 1 4   ? -5.554  14.106  8.607   1.00 33.40 ? 10  HIS   B NE2 1 
ATOM   31   N N   . HIS   A 1 5   ? -10.307 9.867   11.217  1.00 32.23 ? 11  HIS   B N   1 
ATOM   32   C CA  . HIS   A 1 5   ? -10.986 8.560   11.420  1.00 35.98 ? 11  HIS   B CA  1 
ATOM   33   C C   . HIS   A 1 5   ? -12.396 8.564   10.819  1.00 32.88 ? 11  HIS   B C   1 
ATOM   34   O O   . HIS   A 1 5   ? -12.800 7.510   10.286  1.00 37.13 ? 11  HIS   B O   1 
ATOM   35   C CB  . HIS   A 1 5   ? -11.030 8.181   12.918  1.00 40.70 ? 11  HIS   B CB  1 
ATOM   36   C CG  . HIS   A 1 5   ? -9.699  8.245   13.594  1.00 48.19 ? 11  HIS   B CG  1 
ATOM   37   N ND1 . HIS   A 1 5   ? -9.267  9.381   14.277  1.00 53.73 ? 11  HIS   B ND1 1 
ATOM   38   C CD2 . HIS   A 1 5   ? -8.692  7.343   13.676  1.00 52.19 ? 11  HIS   B CD2 1 
ATOM   39   C CE1 . HIS   A 1 5   ? -8.048  9.169   14.752  1.00 56.02 ? 11  HIS   B CE1 1 
ATOM   40   N NE2 . HIS   A 1 5   ? -7.668  7.924   14.394  1.00 52.28 ? 11  HIS   B NE2 1 
ATOM   41   N N   . HIS   A 1 6   ? -13.113 9.700   10.838  1.00 32.03 ? 12  HIS   B N   1 
ATOM   42   C CA  . HIS   A 1 6   ? -14.511 9.795   10.334  1.00 31.17 ? 12  HIS   B CA  1 
ATOM   43   C C   . HIS   A 1 6   ? -14.584 9.679   8.805   1.00 28.75 ? 12  HIS   B C   1 
ATOM   44   O O   . HIS   A 1 6   ? -15.680 9.497   8.288   1.00 29.63 ? 12  HIS   B O   1 
ATOM   45   C CB  . HIS   A 1 6   ? -15.196 11.088  10.822  1.00 37.14 ? 12  HIS   B CB  1 
ATOM   46   C CG  . HIS   A 1 6   ? -14.480 12.335  10.448  1.00 38.55 ? 12  HIS   B CG  1 
ATOM   47   N ND1 . HIS   A 1 6   ? -15.009 13.254  9.545   1.00 43.67 ? 12  HIS   B ND1 1 
ATOM   48   C CD2 . HIS   A 1 6   ? -13.292 12.838  10.857  1.00 40.15 ? 12  HIS   B CD2 1 
ATOM   49   C CE1 . HIS   A 1 6   ? -14.167 14.257  9.402   1.00 38.20 ? 12  HIS   B CE1 1 
ATOM   50   N NE2 . HIS   A 1 6   ? -13.111 14.035  10.200  1.00 43.61 ? 12  HIS   B NE2 1 
ATOM   51   N N   . HIS   A 1 7   ? -13.469 9.754   8.067   1.00 23.16 ? 13  HIS   B N   1 
ATOM   52   C CA  . HIS   A 1 7   ? -13.435 9.510   6.589   1.00 21.22 ? 13  HIS   B CA  1 
ATOM   53   C C   . HIS   A 1 7   ? -13.162 8.041   6.283   1.00 18.89 ? 13  HIS   B C   1 
ATOM   54   O O   . HIS   A 1 7   ? -12.817 7.747   5.138   1.00 16.59 ? 13  HIS   B O   1 
ATOM   55   C CB  . HIS   A 1 7   ? -12.366 10.397  5.955   1.00 19.62 ? 13  HIS   B CB  1 
ATOM   56   C CG  . HIS   A 1 7   ? -12.633 11.842  6.188   1.00 20.41 ? 13  HIS   B CG  1 
ATOM   57   N ND1 . HIS   A 1 7   ? -13.755 12.412  5.655   1.00 20.61 ? 13  HIS   B ND1 1 
ATOM   58   C CD2 . HIS   A 1 7   ? -11.938 12.795  6.826   1.00 23.38 ? 13  HIS   B CD2 1 
ATOM   59   C CE1 . HIS   A 1 7   ? -13.755 13.683  5.987   1.00 20.77 ? 13  HIS   B CE1 1 
ATOM   60   N NE2 . HIS   A 1 7   ? -12.661 13.971  6.683   1.00 23.75 ? 13  HIS   B NE2 1 
ATOM   61   N N   . MET   A 1 8   ? -13.259 7.175   7.283   1.00 20.25 ? 14  MET   B N   1 
ATOM   62   C CA  . MET   A 1 8   ? -12.973 5.719   7.166   1.00 21.83 ? 14  MET   B CA  1 
ATOM   63   C C   . MET   A 1 8   ? -13.761 5.113   6.006   1.00 21.19 ? 14  MET   B C   1 
ATOM   64   O O   . MET   A 1 8   ? -14.993 5.368   5.825   1.00 24.02 ? 14  MET   B O   1 
ATOM   65   C CB  . MET   A 1 8   ? -13.339 4.994   8.470   1.00 26.64 ? 14  MET   B CB  1 
ATOM   66   C CG  . MET   A 1 8   ? -12.978 3.506   8.521   1.00 33.42 ? 14  MET   B CG  1 
ATOM   67   S SD  . MET   A 1 8   ? -11.164 3.110   8.485   1.00 46.40 ? 14  MET   B SD  1 
ATOM   68   C CE  . MET   A 1 8   ? -10.738 3.101   10.225  1.00 40.00 ? 14  MET   B CE  1 
ATOM   69   N N   . VAL   A 1 9   ? -13.103 4.317   5.183   1.00 17.82 ? 15  VAL   B N   1 
ATOM   70   C CA  . VAL   A 1 9   ? -13.717 3.611   4.031   1.00 18.22 ? 15  VAL   B CA  1 
ATOM   71   C C   . VAL   A 1 9   ? -13.370 2.122   4.210   1.00 19.28 ? 15  VAL   B C   1 
ATOM   72   O O   . VAL   A 1 9   ? -12.287 1.801   4.705   1.00 19.39 ? 15  VAL   B O   1 
ATOM   73   C CB  . VAL   A 1 9   ? -13.274 4.142   2.655   1.00 20.51 ? 15  VAL   B CB  1 
ATOM   74   C CG1 . VAL   A 1 9   ? -13.873 5.514   2.374   1.00 24.05 ? 15  VAL   B CG1 1 
ATOM   75   C CG2 . VAL   A 1 9   ? -11.781 4.209   2.502   1.00 22.12 ? 15  VAL   B CG2 1 
ATOM   76   N N   . HIS   A 1 10  ? -14.270 1.243   3.780   1.00 19.01 ? 16  HIS   B N   1 
ATOM   77   C CA  . HIS   A 1 10  ? -14.061 -0.218  3.887   1.00 18.54 ? 16  HIS   B CA  1 
ATOM   78   C C   . HIS   A 1 10  ? -13.359 -0.705  2.619   1.00 19.50 ? 16  HIS   B C   1 
ATOM   79   O O   . HIS   A 1 10  ? -13.952 -0.716  1.571   1.00 23.60 ? 16  HIS   B O   1 
ATOM   80   C CB  . HIS   A 1 10  ? -15.411 -0.877  4.111   1.00 20.05 ? 16  HIS   B CB  1 
ATOM   81   C CG  . HIS   A 1 10  ? -15.314 -2.352  4.329   1.00 23.61 ? 16  HIS   B CG  1 
ATOM   82   N ND1 . HIS   A 1 10  ? -14.974 -2.883  5.545   1.00 28.37 ? 16  HIS   B ND1 1 
ATOM   83   C CD2 . HIS   A 1 10  ? -15.487 -3.386  3.478   1.00 26.98 ? 16  HIS   B CD2 1 
ATOM   84   C CE1 . HIS   A 1 10  ? -14.960 -4.208  5.449   1.00 25.64 ? 16  HIS   B CE1 1 
ATOM   85   N NE2 . HIS   A 1 10  ? -15.272 -4.537  4.188   1.00 28.83 ? 16  HIS   B NE2 1 
ATOM   86   N N   . ILE   A 1 11  ? -12.068 -0.965  2.705   1.00 16.17 ? 17  ILE   B N   1 
ATOM   87   C CA  . ILE   A 1 11  ? -11.311 -1.416  1.516   1.00 15.32 ? 17  ILE   B CA  1 
ATOM   88   C C   . ILE   A 1 11  ? -11.346 -2.963  1.436   1.00 15.08 ? 17  ILE   B C   1 
ATOM   89   O O   . ILE   A 1 11  ? -11.275 -3.628  2.455   1.00 15.45 ? 17  ILE   B O   1 
ATOM   90   C CB  . ILE   A 1 11  ? -9.861  -0.912  1.628   1.00 14.93 ? 17  ILE   B CB  1 
ATOM   91   C CG1 . ILE   A 1 11  ? -9.801  0.623   1.692   1.00 16.99 ? 17  ILE   B CG1 1 
ATOM   92   C CG2 . ILE   A 1 11  ? -8.990  -1.483  0.485   1.00 15.42 ? 17  ILE   B CG2 1 
ATOM   93   C CD1 . ILE   A 1 11  ? -10.507 1.401   0.577   1.00 16.30 ? 17  ILE   B CD1 1 
ATOM   94   N N   . THR   A 1 12  ? -11.433 -3.464  0.228   1.00 13.94 ? 18  THR   B N   1 
ATOM   95   C CA  . THR   A 1 12  ? -11.292 -4.917  -0.061  1.00 14.86 ? 18  THR   B CA  1 
ATOM   96   C C   . THR   A 1 12  ? -10.280 -5.080  -1.176  1.00 16.39 ? 18  THR   B C   1 
ATOM   97   O O   . THR   A 1 12  ? -10.088 -4.151  -2.010  1.00 17.29 ? 18  THR   B O   1 
ATOM   98   C CB  . THR   A 1 12  ? -12.632 -5.550  -0.419  1.00 18.12 ? 18  THR   B CB  1 
ATOM   99   O OG1 . THR   A 1 12  ? -13.175 -4.917  -1.563  1.00 20.10 ? 18  THR   B OG1 1 
ATOM   100  C CG2 . THR   A 1 12  ? -13.612 -5.544  0.741   1.00 19.67 ? 18  THR   B CG2 1 
ATOM   101  N N   . LEU   A 1 13  ? -9.615  -6.233  -1.196  1.00 13.81 ? 19  LEU   B N   1 
ATOM   102  C CA  . LEU   A 1 13  ? -8.567  -6.468  -2.213  1.00 13.85 ? 19  LEU   B CA  1 
ATOM   103  C C   . LEU   A 1 13  ? -9.155  -7.043  -3.486  1.00 14.89 ? 19  LEU   B C   1 
ATOM   104  O O   . LEU   A 1 13  ? -10.085 -7.900  -3.416  1.00 15.83 ? 19  LEU   B O   1 
ATOM   105  C CB  . LEU   A 1 13  ? -7.525  -7.401  -1.612  1.00 13.73 ? 19  LEU   B CB  1 
ATOM   106  C CG  . LEU   A 1 13  ? -6.838  -6.856  -0.366  1.00 14.21 ? 19  LEU   B CG  1 
ATOM   107  C CD1 . LEU   A 1 13  ? -5.940  -7.900  0.295   1.00 16.00 ? 19  LEU   B CD1 1 
ATOM   108  C CD2 . LEU   A 1 13  ? -6.018  -5.602  -0.712  1.00 16.00 ? 19  LEU   B CD2 1 
ATOM   109  N N   . ASP   A 1 14  ? -8.600  -6.663  -4.618  1.00 13.54 ? 20  ASP   B N   1 
ATOM   110  C CA  . ASP   A 1 14  ? -9.015  -7.088  -5.973  1.00 14.50 ? 20  ASP   B CA  1 
ATOM   111  C C   . ASP   A 1 14  ? -8.088  -8.243  -6.413  1.00 15.01 ? 20  ASP   B C   1 
ATOM   112  O O   . ASP   A 1 14  ? -6.977  -7.982  -6.866  1.00 14.08 ? 20  ASP   B O   1 
ATOM   113  C CB  . ASP   A 1 14  ? -9.015  -5.914  -6.957  1.00 15.12 ? 20  ASP   B CB  1 
ATOM   114  C CG  . ASP   A 1 14  ? -9.476  -6.244  -8.358  1.00 18.81 ? 20  ASP   B CG  1 
ATOM   115  O OD1 . ASP   A 1 14  ? -9.597  -7.444  -8.655  1.00 19.30 ? 20  ASP   B OD1 1 
ATOM   116  O OD2 . ASP   A 1 14  ? -9.613  -5.308  -9.188  1.00 20.58 ? 20  ASP   B OD2 1 
ATOM   117  N N   A ARG   A 1 15  ? -8.595  -9.479  -6.293  0.25 15.48 ? 21  ARG   B N   1 
ATOM   118  N N   B ARG   A 1 15  ? -8.571  -9.484  -6.299  0.25 16.26 ? 21  ARG   B N   1 
ATOM   119  C CA  A ARG   A 1 15  ? -7.900  -10.754 -6.633  0.25 16.50 ? 21  ARG   B CA  1 
ATOM   120  C CA  B ARG   A 1 15  ? -7.801  -10.718 -6.616  0.25 17.82 ? 21  ARG   B CA  1 
ATOM   121  C C   A ARG   A 1 15  ? -7.305  -10.704 -8.041  0.25 15.33 ? 21  ARG   B C   1 
ATOM   122  C C   B ARG   A 1 15  ? -7.280  -10.696 -8.056  0.25 16.09 ? 21  ARG   B C   1 
ATOM   123  O O   A ARG   A 1 15  ? -6.228  -11.315 -8.256  0.25 16.22 ? 21  ARG   B O   1 
ATOM   124  O O   B ARG   A 1 15  ? -6.208  -11.304 -8.311  0.25 16.76 ? 21  ARG   B O   1 
ATOM   125  C CB  A ARG   A 1 15  ? -8.871  -11.944 -6.576  0.25 16.82 ? 21  ARG   B CB  1 
ATOM   126  C CB  B ARG   A 1 15  ? -8.667  -11.967 -6.419  0.25 19.46 ? 21  ARG   B CB  1 
ATOM   127  C CG  A ARG   A 1 15  ? -9.515  -12.160 -5.215  0.25 18.71 ? 21  ARG   B CG  1 
ATOM   128  C CG  B ARG   A 1 15  ? -8.716  -12.455 -4.980  0.25 22.83 ? 21  ARG   B CG  1 
ATOM   129  C CD  A ARG   A 1 15  ? -10.372 -13.415 -5.179  0.25 19.24 ? 21  ARG   B CD  1 
ATOM   130  C CD  B ARG   A 1 15  ? -10.013 -12.109 -4.278  0.25 25.47 ? 21  ARG   B CD  1 
ATOM   131  N NE  A ARG   A 1 15  ? -10.657 -13.757 -3.803  0.25 21.20 ? 21  ARG   B NE  1 
ATOM   132  N NE  B ARG   A 1 15  ? -11.208 -12.544 -5.002  0.25 27.37 ? 21  ARG   B NE  1 
ATOM   133  C CZ  A ARG   A 1 15  ? -9.800  -14.384 -3.020  0.25 21.42 ? 21  ARG   B CZ  1 
ATOM   134  C CZ  B ARG   A 1 15  ? -11.959 -11.760 -5.776  0.25 28.13 ? 21  ARG   B CZ  1 
ATOM   135  N NH1 A ARG   A 1 15  ? -8.637  -14.773 -3.511  0.25 22.20 ? 21  ARG   B NH1 1 
ATOM   136  N NH1 B ARG   A 1 15  ? -11.655 -10.476 -5.957  0.25 26.68 ? 21  ARG   B NH1 1 
ATOM   137  N NH2 A ARG   A 1 15  ? -10.112 -14.629 -1.762  0.25 22.13 ? 21  ARG   B NH2 1 
ATOM   138  N NH2 B ARG   A 1 15  ? -13.015 -12.282 -6.373  0.25 29.24 ? 21  ARG   B NH2 1 
ATOM   139  N N   . ASN   A 1 16  ? -8.008  -10.077 -8.987  1.00 15.18 ? 22  ASN   B N   1 
ATOM   140  C CA  . ASN   A 1 16  ? -7.587  -10.058 -10.404 1.00 16.87 ? 22  ASN   B CA  1 
ATOM   141  C C   . ASN   A 1 16  ? -6.285  -9.301  -10.619 1.00 15.38 ? 22  ASN   B C   1 
ATOM   142  O O   . ASN   A 1 16  ? -5.609  -9.536  -11.634 1.00 15.27 ? 22  ASN   B O   1 
ATOM   143  C CB  . ASN   A 1 16  ? -8.699  -9.526  -11.296 1.00 20.49 ? 22  ASN   B CB  1 
ATOM   144  C CG  . ASN   A 1 16  ? -9.821  -10.527 -11.403 1.00 28.47 ? 22  ASN   B CG  1 
ATOM   145  O OD1 . ASN   A 1 16  ? -9.607  -11.729 -11.211 1.00 36.33 ? 22  ASN   B OD1 1 
ATOM   146  N ND2 . ASN   A 1 16  ? -11.008 -10.032 -11.695 1.00 40.88 ? 22  ASN   B ND2 1 
ATOM   147  N N   . THR   A 1 17  ? -5.945  -8.343  -9.725  1.00 13.19 ? 23  THR   B N   1 
ATOM   148  C CA  . THR   A 1 17  ? -4.732  -7.521  -9.825  1.00 13.03 ? 23  THR   B CA  1 
ATOM   149  C C   . THR   A 1 17  ? -3.531  -8.200  -9.137  1.00 11.75 ? 23  THR   B C   1 
ATOM   150  O O   . THR   A 1 17  ? -2.419  -7.715  -9.294  1.00 12.47 ? 23  THR   B O   1 
ATOM   151  C CB  . THR   A 1 17  ? -4.928  -6.113  -9.245  1.00 12.64 ? 23  THR   B CB  1 
ATOM   152  O OG1 . THR   A 1 17  ? -5.075  -6.181  -7.815  1.00 13.29 ? 23  THR   B OG1 1 
ATOM   153  C CG2 . THR   A 1 17  ? -6.077  -5.396  -9.938  1.00 14.95 ? 23  THR   B CG2 1 
ATOM   154  N N   . ALA   A 1 18  ? -3.796  -9.205  -8.319  1.00 12.21 ? 24  ALA   B N   1 
ATOM   155  C CA  . ALA   A 1 18  ? -2.739  -9.759  -7.438  1.00 12.59 ? 24  ALA   B CA  1 
ATOM   156  C C   . ALA   A 1 18  ? -1.666  -10.480 -8.238  1.00 13.33 ? 24  ALA   B C   1 
ATOM   157  O O   . ALA   A 1 18  ? -1.975  -11.275 -9.148  1.00 14.12 ? 24  ALA   B O   1 
ATOM   158  C CB  . ALA   A 1 18  ? -3.356  -10.707 -6.460  1.00 13.00 ? 24  ALA   B CB  1 
ATOM   159  N N   . ASN   A 1 19  ? -0.424  -10.312 -7.858  1.00 12.44 ? 25  ASN   B N   1 
ATOM   160  C CA  . ASN   A 1 19  ? 0.639   -11.236 -8.283  1.00 11.88 ? 25  ASN   B CA  1 
ATOM   161  C C   . ASN   A 1 19  ? 0.180   -12.677 -8.008  1.00 11.38 ? 25  ASN   B C   1 
ATOM   162  O O   . ASN   A 1 19  ? -0.489  -12.967 -7.008  1.00 11.46 ? 25  ASN   B O   1 
ATOM   163  C CB  . ASN   A 1 19  ? 1.905   -10.872 -7.538  1.00 12.36 ? 25  ASN   B CB  1 
ATOM   164  C CG  . ASN   A 1 19  ? 3.023   -11.840 -7.800  1.00 14.39 ? 25  ASN   B CG  1 
ATOM   165  O OD1 . ASN   A 1 19  ? 3.165   -12.881 -7.171  1.00 14.58 ? 25  ASN   B OD1 1 
ATOM   166  N ND2 . ASN   A 1 19  ? 3.788   -11.512 -8.799  1.00 17.33 ? 25  ASN   B ND2 1 
ATOM   167  N N   . SER   A 1 20  ? 0.582   -13.596 -8.886  1.00 11.72 ? 26  SER   B N   1 
ATOM   168  C CA  . SER   A 1 20  ? 0.092   -14.995 -8.886  1.00 13.06 ? 26  SER   B CA  1 
ATOM   169  C C   . SER   A 1 20  ? 0.591   -15.772 -7.677  1.00 12.82 ? 26  SER   B C   1 
ATOM   170  O O   . SER   A 1 20  ? 0.048   -16.887 -7.493  1.00 12.98 ? 26  SER   B O   1 
ATOM   171  C CB  . SER   A 1 20  ? 0.534   -15.696 -10.150 1.00 14.30 ? 26  SER   B CB  1 
ATOM   172  O OG  . SER   A 1 20  ? 1.946   -15.683 -10.212 1.00 17.34 ? 26  SER   B OG  1 
ATOM   173  N N   . TRP   A 1 21  ? 1.502   -15.293 -6.843  1.00 11.04 ? 27  TRP   B N   1 
ATOM   174  C CA  . TRP   A 1 21  ? 1.956   -15.992 -5.637  1.00 11.62 ? 27  TRP   B CA  1 
ATOM   175  C C   . TRP   A 1 21  ? 1.175   -15.562 -4.395  1.00 11.61 ? 27  TRP   B C   1 
ATOM   176  O O   . TRP   A 1 21  ? 1.447   -16.085 -3.310  1.00 12.57 ? 27  TRP   B O   1 
ATOM   177  C CB  . TRP   A 1 21  ? 3.452   -15.824 -5.448  1.00 12.62 ? 27  TRP   B CB  1 
ATOM   178  C CG  . TRP   A 1 21  ? 4.299   -16.593 -6.419  1.00 13.33 ? 27  TRP   B CG  1 
ATOM   179  C CD1 . TRP   A 1 21  ? 4.150   -16.702 -7.768  1.00 13.33 ? 27  TRP   B CD1 1 
ATOM   180  C CD2 . TRP   A 1 21  ? 5.438   -17.381 -6.056  1.00 14.92 ? 27  TRP   B CD2 1 
ATOM   181  N NE1 . TRP   A 1 21  ? 5.145   -17.523 -8.275  1.00 15.59 ? 27  TRP   B NE1 1 
ATOM   182  C CE2 . TRP   A 1 21  ? 5.961   -17.882 -7.266  1.00 14.10 ? 27  TRP   B CE2 1 
ATOM   183  C CE3 . TRP   A 1 21  ? 6.088   -17.625 -4.846  1.00 16.11 ? 27  TRP   B CE3 1 
ATOM   184  C CZ2 . TRP   A 1 21  ? 7.085   -18.730 -7.264  1.00 18.28 ? 27  TRP   B CZ2 1 
ATOM   185  C CZ3 . TRP   A 1 21  ? 7.233   -18.413 -4.862  1.00 19.14 ? 27  TRP   B CZ3 1 
ATOM   186  C CH2 . TRP   A 1 21  ? 7.735   -18.896 -6.065  1.00 19.19 ? 27  TRP   B CH2 1 
ATOM   187  N N   . LEU   A 1 22  ? 0.323   -14.536 -4.542  1.00 11.97 ? 28  LEU   B N   1 
ATOM   188  C CA  . LEU   A 1 22  ? -0.361  -14.001 -3.355  1.00 12.03 ? 28  LEU   B CA  1 
ATOM   189  C C   . LEU   A 1 22  ? -1.566  -14.888 -2.985  1.00 12.21 ? 28  LEU   B C   1 
ATOM   190  O O   . LEU   A 1 22  ? -2.293  -15.411 -3.870  1.00 13.05 ? 28  LEU   B O   1 
ATOM   191  C CB  . LEU   A 1 22  ? -0.825  -12.551 -3.564  1.00 11.20 ? 28  LEU   B CB  1 
ATOM   192  C CG  . LEU   A 1 22  ? 0.307   -11.562 -3.775  1.00 12.04 ? 28  LEU   B CG  1 
ATOM   193  C CD1 . LEU   A 1 22  ? -0.250  -10.174 -3.943  1.00 12.28 ? 28  LEU   B CD1 1 
ATOM   194  C CD2 . LEU   A 1 22  ? 1.312   -11.567 -2.658  1.00 12.93 ? 28  LEU   B CD2 1 
ATOM   195  N N   . ILE   A 1 23  ? -1.842  -14.916 -1.703  1.00 11.63 ? 29  ILE   B N   1 
ATOM   196  C CA  . ILE   A 1 23  ? -3.007  -15.607 -1.088  1.00 13.21 ? 29  ILE   B CA  1 
ATOM   197  C C   . ILE   A 1 23  ? -3.839  -14.537 -0.358  1.00 13.56 ? 29  ILE   B C   1 
ATOM   198  O O   . ILE   A 1 23  ? -3.370  -13.967 0.647   1.00 13.76 ? 29  ILE   B O   1 
ATOM   199  C CB  . ILE   A 1 23  ? -2.600  -16.716 -0.142  1.00 14.45 ? 29  ILE   B CB  1 
ATOM   200  C CG1 . ILE   A 1 23  ? -1.735  -17.794 -0.827  1.00 14.44 ? 29  ILE   B CG1 1 
ATOM   201  C CG2 . ILE   A 1 23  ? -3.839  -17.361 0.501   1.00 16.45 ? 29  ILE   B CG2 1 
ATOM   202  C CD1 . ILE   A 1 23  ? -1.114  -18.733 0.064   1.00 15.84 ? 29  ILE   B CD1 1 
ATOM   203  N N   . ILE   A 1 24  ? -5.038  -14.308 -0.877  1.00 15.73 ? 30  ILE   B N   1 
ATOM   204  C CA  . ILE   A 1 24  ? -5.994  -13.312 -0.322  1.00 15.44 ? 30  ILE   B CA  1 
ATOM   205  C C   . ILE   A 1 24  ? -7.058  -14.061 0.475   1.00 18.06 ? 30  ILE   B C   1 
ATOM   206  O O   . ILE   A 1 24  ? -7.616  -15.074 -0.037  1.00 18.06 ? 30  ILE   B O   1 
ATOM   207  C CB  . ILE   A 1 24  ? -6.561  -12.473 -1.442  1.00 15.37 ? 30  ILE   B CB  1 
ATOM   208  C CG1 . ILE   A 1 24  ? -5.463  -11.630 -2.087  1.00 18.78 ? 30  ILE   B CG1 1 
ATOM   209  C CG2 . ILE   A 1 24  ? -7.700  -11.597 -0.918  1.00 16.55 ? 30  ILE   B CG2 1 
ATOM   210  C CD1 . ILE   A 1 24  ? -5.861  -10.952 -3.248  1.00 20.56 ? 30  ILE   B CD1 1 
ATOM   211  N N   . SER   A 1 25  ? -7.392  -13.616 1.663   1.00 16.69 ? 31  SER   B N   1 
ATOM   212  C CA  . SER   A 1 25  ? -8.386  -14.262 2.528   1.00 16.74 ? 31  SER   B CA  1 
ATOM   213  C C   . SER   A 1 25  ? -9.768  -14.167 1.876   1.00 15.39 ? 31  SER   B C   1 
ATOM   214  O O   . SER   A 1 25  ? -10.047 -13.357 1.007   1.00 16.29 ? 31  SER   B O   1 
ATOM   215  C CB  . SER   A 1 25  ? -8.340  -13.656 3.891   1.00 17.93 ? 31  SER   B CB  1 
ATOM   216  O OG  . SER   A 1 25  ? -8.664  -12.271 3.767   1.00 18.06 ? 31  SER   B OG  1 
ATOM   217  N N   . LYS   A 1 26  ? -10.669 -15.052 2.352   1.00 18.94 ? 32  LYS   B N   1 
ATOM   218  C CA  . LYS   A 1 26  ? -12.061 -15.107 1.860   1.00 19.04 ? 32  LYS   B CA  1 
ATOM   219  C C   . LYS   A 1 26  ? -12.747 -13.736 1.968   1.00 16.56 ? 32  LYS   B C   1 
ATOM   220  O O   . LYS   A 1 26  ? -13.490 -13.410 1.050   1.00 18.54 ? 32  LYS   B O   1 
ATOM   221  C CB  . LYS   A 1 26  ? -12.803 -16.173 2.681   1.00 20.43 ? 32  LYS   B CB  1 
ATOM   222  C CG  . LYS   A 1 26  ? -14.259 -16.293 2.315   1.00 24.58 ? 32  LYS   B CG  1 
ATOM   223  C CD  . LYS   A 1 26  ? -14.793 -17.669 2.684   1.00 25.35 ? 32  LYS   B CD  1 
ATOM   224  C CE  . LYS   A 1 26  ? -14.824 -17.855 4.185   1.00 33.16 ? 32  LYS   B CE  1 
ATOM   225  N NZ  . LYS   A 1 26  ? -14.508 -19.240 4.552   1.00 38.05 ? 32  LYS   B NZ  1 
ATOM   226  N N   . ASP   A 1 27  ? -12.544 -13.017 3.082   1.00 17.39 ? 33  ASP   B N   1 
ATOM   227  C CA  . ASP   A 1 27  ? -13.185 -11.692 3.291   1.00 16.70 ? 33  ASP   B CA  1 
ATOM   228  C C   . ASP   A 1 27  ? -12.492 -10.604 2.448   1.00 16.32 ? 33  ASP   B C   1 
ATOM   229  O O   . ASP   A 1 27  ? -12.988 -9.472  2.446   1.00 17.26 ? 33  ASP   B O   1 
ATOM   230  C CB  . ASP   A 1 27  ? -13.255 -11.334 4.773   1.00 18.33 ? 33  ASP   B CB  1 
ATOM   231  C CG  . ASP   A 1 27  ? -11.934 -11.133 5.491   1.00 18.70 ? 33  ASP   B CG  1 
ATOM   232  O OD1 . ASP   A 1 27  ? -10.853 -11.182 4.802   1.00 19.01 ? 33  ASP   B OD1 1 
ATOM   233  O OD2 . ASP   A 1 27  ? -11.986 -10.782 6.712   1.00 22.03 ? 33  ASP   B OD2 1 
ATOM   234  N N   . ARG   A 1 28  ? -11.415 -10.902 1.720   1.00 14.74 ? 34  ARG   B N   1 
ATOM   235  C CA  . ARG   A 1 28  ? -10.682 -9.960  0.831   1.00 15.16 ? 34  ARG   B CA  1 
ATOM   236  C C   . ARG   A 1 28  ? -10.086 -8.836  1.703   1.00 13.57 ? 34  ARG   B C   1 
ATOM   237  O O   . ARG   A 1 28  ? -9.848  -7.742  1.146   1.00 14.28 ? 34  ARG   B O   1 
ATOM   238  C CB  . ARG   A 1 28  ? -11.565 -9.497  -0.329  1.00 18.33 ? 34  ARG   B CB  1 
ATOM   239  C CG  . ARG   A 1 28  ? -11.841 -10.646 -1.298  1.00 23.06 ? 34  ARG   B CG  1 
ATOM   240  C CD  . ARG   A 1 28  ? -12.563 -10.255 -2.541  1.00 29.62 ? 34  ARG   B CD  1 
ATOM   241  N NE  . ARG   A 1 28  ? -13.711 -9.403  -2.304  1.00 37.20 ? 34  ARG   B NE  1 
ATOM   242  C CZ  . ARG   A 1 28  ? -13.840 -8.089  -2.620  1.00 47.58 ? 34  ARG   B CZ  1 
ATOM   243  N NH1 . ARG   A 1 28  ? -12.872 -7.369  -3.216  1.00 37.41 ? 34  ARG   B NH1 1 
ATOM   244  N NH2 . ARG   A 1 28  ? -14.992 -7.498  -2.322  1.00 52.40 ? 34  ARG   B NH2 1 
ATOM   245  N N   . ARG   A 1 29  ? -9.771  -9.080  2.964   1.00 12.16 ? 35  ARG   B N   1 
ATOM   246  C CA  . ARG   A 1 29  ? -9.196  -8.062  3.871   1.00 14.40 ? 35  ARG   B CA  1 
ATOM   247  C C   . ARG   A 1 29  ? -7.756  -8.386  4.247   1.00 14.25 ? 35  ARG   B C   1 
ATOM   248  O O   . ARG   A 1 29  ? -7.115  -7.555  4.899   1.00 15.41 ? 35  ARG   B O   1 
ATOM   249  C CB  . ARG   A 1 29  ? -10.053 -7.947  5.129   1.00 15.03 ? 35  ARG   B CB  1 
ATOM   250  C CG  . ARG   A 1 29  ? -11.468 -7.473  4.820   1.00 18.44 ? 35  ARG   B CG  1 
ATOM   251  C CD  . ARG   A 1 29  ? -11.609 -5.992  4.701   1.00 19.16 ? 35  ARG   B CD  1 
ATOM   252  N NE  . ARG   A 1 29  ? -11.586 -5.398  6.041   1.00 19.23 ? 35  ARG   B NE  1 
ATOM   253  C CZ  . ARG   A 1 29  ? -11.528 -4.074  6.276   1.00 18.28 ? 35  ARG   B CZ  1 
ATOM   254  N NH1 . ARG   A 1 29  ? -11.494 -3.252  5.260   1.00 17.99 ? 35  ARG   B NH1 1 
ATOM   255  N NH2 . ARG   A 1 29  ? -11.482 -3.626  7.506   1.00 20.27 ? 35  ARG   B NH2 1 
ATOM   256  N N   . GLN   A 1 30  ? -7.215  -9.566  3.905   1.00 12.94 ? 36  GLN   B N   1 
ATOM   257  C CA  . GLN   A 1 30  ? -5.843  -9.954  4.285   1.00 13.34 ? 36  GLN   B CA  1 
ATOM   258  C C   . GLN   A 1 30  ? -5.134  -10.556 3.067   1.00 13.24 ? 36  GLN   B C   1 
ATOM   259  O O   . GLN   A 1 30  ? -5.788  -11.142 2.191   1.00 13.03 ? 36  GLN   B O   1 
ATOM   260  C CB  . GLN   A 1 30  ? -5.820  -11.012 5.406   1.00 15.78 ? 36  GLN   B CB  1 
ATOM   261  C CG  . GLN   A 1 30  ? -6.694  -10.706 6.608   1.00 18.56 ? 36  GLN   B CG  1 
ATOM   262  C CD  . GLN   A 1 30  ? -6.410  -11.682 7.732   1.00 21.78 ? 36  GLN   B CD  1 
ATOM   263  O OE1 . GLN   A 1 30  ? -5.418  -12.422 7.726   1.00 26.13 ? 36  GLN   B OE1 1 
ATOM   264  N NE2 . GLN   A 1 30  ? -7.258  -11.661 8.728   1.00 24.89 ? 36  GLN   B NE2 1 
ATOM   265  N N   . VAL   A 1 31  ? -3.835  -10.324 2.983   1.00 12.58 ? 37  VAL   B N   1 
ATOM   266  C CA  . VAL   A 1 31  ? -3.013  -10.881 1.890   1.00 12.34 ? 37  VAL   B CA  1 
ATOM   267  C C   . VAL   A 1 31  ? -1.627  -11.245 2.428   1.00 12.13 ? 37  VAL   B C   1 
ATOM   268  O O   . VAL   A 1 31  ? -1.056  -10.537 3.237   1.00 11.61 ? 37  VAL   B O   1 
ATOM   269  C CB  . VAL   A 1 31  ? -2.942  -9.902  0.705   1.00 12.23 ? 37  VAL   B CB  1 
ATOM   270  C CG1 . VAL   A 1 31  ? -2.383  -8.521  1.102   1.00 12.21 ? 37  VAL   B CG1 1 
ATOM   271  C CG2 . VAL   A 1 31  ? -2.139  -10.470 -0.441  1.00 14.01 ? 37  VAL   B CG2 1 
ATOM   272  N N   . ARG   A 1 32  ? -1.120  -12.387 1.962   1.00 12.23 ? 38  ARG   B N   1 
ATOM   273  C CA  . ARG   A 1 32  ? 0.247   -12.835 2.267   1.00 12.86 ? 38  ARG   B CA  1 
ATOM   274  C C   . ARG   A 1 32  ? 0.862   -13.503 1.032   1.00 12.21 ? 38  ARG   B C   1 
ATOM   275  O O   . ARG   A 1 32  ? 0.170   -13.885 0.119   1.00 11.66 ? 38  ARG   B O   1 
ATOM   276  C CB  . ARG   A 1 32  ? 0.250   -13.788 3.472   1.00 14.01 ? 38  ARG   B CB  1 
ATOM   277  C CG  . ARG   A 1 32  ? -0.409  -15.132 3.198   1.00 15.82 ? 38  ARG   B CG  1 
ATOM   278  C CD  . ARG   A 1 32  ? -0.507  -15.966 4.471   1.00 19.86 ? 38  ARG   B CD  1 
ATOM   279  N NE  . ARG   A 1 32  ? -1.183  -17.235 4.250   1.00 21.95 ? 38  ARG   B NE  1 
ATOM   280  C CZ  . ARG   A 1 32  ? -0.571  -18.345 3.879   1.00 20.75 ? 38  ARG   B CZ  1 
ATOM   281  N NH1 . ARG   A 1 32  ? 0.712   -18.356 3.614   1.00 20.99 ? 38  ARG   B NH1 1 
ATOM   282  N NH2 . ARG   A 1 32  ? -1.300  -19.456 3.716   1.00 23.58 ? 38  ARG   B NH2 1 
ATOM   283  N N   A MET   A 1 33  ? 2.189   -13.607 1.107   0.25 12.46 ? 39  MET   B N   1 
ATOM   284  N N   B MET   A 1 33  ? 2.190   -13.552 0.989   0.25 13.15 ? 39  MET   B N   1 
ATOM   285  C CA  A MET   A 1 33  ? 3.063   -14.268 0.111   0.25 13.19 ? 39  MET   B CA  1 
ATOM   286  C CA  B MET   A 1 33  ? 2.887   -14.192 -0.155  0.25 13.80 ? 39  MET   B CA  1 
ATOM   287  C C   A MET   A 1 33  ? 2.937   -15.788 0.290   0.25 13.03 ? 39  MET   B C   1 
ATOM   288  C C   B MET   A 1 33  ? 3.062   -15.677 0.152   0.25 13.40 ? 39  MET   B C   1 
ATOM   289  O O   A MET   A 1 33  ? 3.119   -16.282 1.402   0.25 13.53 ? 39  MET   B O   1 
ATOM   290  O O   B MET   A 1 33  ? 3.711   -15.992 1.172   0.25 11.93 ? 39  MET   B O   1 
ATOM   291  C CB  A MET   A 1 33  ? 4.505   -13.796 0.340   0.25 13.19 ? 39  MET   B CB  1 
ATOM   292  C CB  B MET   A 1 33  ? 4.265   -13.587 -0.438  0.25 15.39 ? 39  MET   B CB  1 
ATOM   293  C CG  A MET   A 1 33  ? 5.498   -14.200 -0.744  0.25 14.52 ? 39  MET   B CG  1 
ATOM   294  C CG  B MET   A 1 33  ? 4.987   -14.319 -1.582  0.25 17.35 ? 39  MET   B CG  1 
ATOM   295  S SD  A MET   A 1 33  ? 4.903   -13.827 -2.429  0.25 16.20 ? 39  MET   B SD  1 
ATOM   296  S SD  B MET   A 1 33  ? 6.359   -13.359 -2.227  0.25 18.94 ? 39  MET   B SD  1 
ATOM   297  C CE  A MET   A 1 33  ? 6.407   -13.658 -3.377  0.25 15.31 ? 39  MET   B CE  1 
ATOM   298  C CE  B MET   A 1 33  ? 6.776   -14.371 -3.645  0.25 19.46 ? 39  MET   B CE  1 
ATOM   299  N N   . GLY   A 1 34  ? 2.508   -16.489 -0.746  1.00 12.90 ? 40  GLY   B N   1 
ATOM   300  C CA  . GLY   A 1 34  ? 2.619   -17.962 -0.722  1.00 14.49 ? 40  GLY   B CA  1 
ATOM   301  C C   . GLY   A 1 34  ? 4.014   -18.427 -1.044  1.00 15.42 ? 40  GLY   B C   1 
ATOM   302  O O   . GLY   A 1 34  ? 4.915   -17.639 -1.394  1.00 15.75 ? 40  GLY   B O   1 
ATOM   303  N N   . ASP   A 1 35  ? 4.251   -19.726 -0.822  1.00 17.34 ? 41  ASP   B N   1 
ATOM   304  C CA  . ASP   A 1 35  ? 5.623   -20.287 -1.036  1.00 20.30 ? 41  ASP   B CA  1 
ATOM   305  C C   . ASP   A 1 35  ? 5.730   -20.786 -2.496  1.00 19.31 ? 41  ASP   B C   1 
ATOM   306  O O   . ASP   A 1 35  ? 6.795   -21.304 -2.871  1.00 20.33 ? 41  ASP   B O   1 
ATOM   307  C CB  . ASP   A 1 35  ? 6.001   -21.336 0.031   1.00 23.72 ? 41  ASP   B CB  1 
ATOM   308  C CG  . ASP   A 1 35  ? 6.335   -20.802 1.438   1.00 30.15 ? 41  ASP   B CG  1 
ATOM   309  O OD1 . ASP   A 1 35  ? 6.820   -19.639 1.556   1.00 34.31 ? 41  ASP   B OD1 1 
ATOM   310  O OD2 . ASP   A 1 35  ? 6.197   -21.565 2.422   1.00 32.76 ? 41  ASP   B OD2 1 
ATOM   311  N N   . THR   A 1 36  ? 4.707   -20.607 -3.309  1.00 15.59 ? 42  THR   B N   1 
ATOM   312  C CA  . THR   A 1 36  ? 4.669   -21.073 -4.731  1.00 15.95 ? 42  THR   B CA  1 
ATOM   313  C C   . THR   A 1 36  ? 3.607   -20.291 -5.526  1.00 14.34 ? 42  THR   B C   1 
ATOM   314  O O   . THR   A 1 36  ? 2.714   -19.551 -4.935  1.00 13.16 ? 42  THR   B O   1 
ATOM   315  C CB  . THR   A 1 36  ? 4.425   -22.581 -4.688  1.00 17.81 ? 42  THR   B CB  1 
ATOM   316  O OG1 . THR   A 1 36  ? 4.623   -23.117 -5.973  1.00 20.23 ? 42  THR   B OG1 1 
ATOM   317  C CG2 . THR   A 1 36  ? 3.016   -22.912 -4.237  1.00 19.22 ? 42  THR   B CG2 1 
ATOM   318  N N   . HIS   A 1 37  ? 3.518   -20.479 -6.841  1.00 13.72 ? 43  HIS   B N   1 
ATOM   319  C CA  . HIS   A 1 37  ? 2.408   -19.984 -7.700  1.00 13.38 ? 43  HIS   B CA  1 
ATOM   320  C C   . HIS   A 1 37  ? 1.084   -20.504 -7.179  1.00 13.41 ? 43  HIS   B C   1 
ATOM   321  O O   . HIS   A 1 37  ? 1.006   -21.741 -6.903  1.00 14.56 ? 43  HIS   B O   1 
ATOM   322  C CB  . HIS   A 1 37  ? 2.737   -20.371 -9.143  1.00 12.75 ? 43  HIS   B CB  1 
ATOM   323  C CG  . HIS   A 1 37  ? 1.819   -19.895 -10.194 1.00 12.79 ? 43  HIS   B CG  1 
ATOM   324  N ND1 . HIS   A 1 37  ? 0.478   -20.248 -10.305 1.00 13.13 ? 43  HIS   B ND1 1 
ATOM   325  C CD2 . HIS   A 1 37  ? 2.072   -19.064 -11.236 1.00 12.54 ? 43  HIS   B CD2 1 
ATOM   326  C CE1 . HIS   A 1 37  ? -0.033  -19.657 -11.348 1.00 13.48 ? 43  HIS   B CE1 1 
ATOM   327  N NE2 . HIS   A 1 37  ? 0.954   -18.905 -11.982 1.00 13.06 ? 43  HIS   B NE2 1 
ATOM   328  N N   . GLN   A 1 38  ? 0.063   -19.673 -7.088  1.00 13.16 ? 44  GLN   B N   1 
ATOM   329  C CA  . GLN   A 1 38  ? -1.212  -20.043 -6.427  1.00 12.83 ? 44  GLN   B CA  1 
ATOM   330  C C   . GLN   A 1 38  ? -2.247  -20.533 -7.454  1.00 13.95 ? 44  GLN   B C   1 
ATOM   331  O O   . GLN   A 1 38  ? -3.460  -20.633 -7.116  1.00 15.76 ? 44  GLN   B O   1 
ATOM   332  C CB  . GLN   A 1 38  ? -1.716  -18.854 -5.591  1.00 12.10 ? 44  GLN   B CB  1 
ATOM   333  C CG  . GLN   A 1 38  ? -0.794  -18.596 -4.439  1.00 13.27 ? 44  GLN   B CG  1 
ATOM   334  C CD  . GLN   A 1 38  ? -0.556  -19.763 -3.524  1.00 13.53 ? 44  GLN   B CD  1 
ATOM   335  O OE1 . GLN   A 1 38  ? 0.551   -20.121 -3.125  1.00 18.71 ? 44  GLN   B OE1 1 
ATOM   336  N NE2 . GLN   A 1 38  ? -1.628  -20.412 -3.136  1.00 13.08 ? 44  GLN   B NE2 1 
ATOM   337  N N   . ASN   A 1 39  ? -1.821  -20.953 -8.638  1.00 13.29 ? 45  ASN   B N   1 
ATOM   338  C CA  . ASN   A 1 39  ? -2.678  -21.756 -9.550  1.00 13.72 ? 45  ASN   B CA  1 
ATOM   339  C C   . ASN   A 1 39  ? -3.814  -20.945 -10.132 1.00 14.56 ? 45  ASN   B C   1 
ATOM   340  O O   . ASN   A 1 39  ? -4.863  -21.485 -10.494 1.00 15.86 ? 45  ASN   B O   1 
ATOM   341  C CB  . ASN   A 1 39  ? -3.234  -23.043 -8.910  1.00 14.03 ? 45  ASN   B CB  1 
ATOM   342  C CG  . ASN   A 1 39  ? -3.501  -24.127 -9.941  1.00 13.85 ? 45  ASN   B CG  1 
ATOM   343  O OD1 . ASN   A 1 39  ? -2.877  -24.229 -10.991 1.00 13.40 ? 45  ASN   B OD1 1 
ATOM   344  N ND2 . ASN   A 1 39  ? -4.504  -24.954 -9.636  1.00 13.57 ? 45  ASN   B ND2 1 
ATOM   345  N N   . VAL   A 1 40  ? -3.552  -19.672 -10.401 1.00 15.42 ? 46  VAL   B N   1 
ATOM   346  C CA  . VAL   A 1 40  ? -4.465  -18.743 -11.123 1.00 16.51 ? 46  VAL   B CA  1 
ATOM   347  C C   . VAL   A 1 40  ? -3.986  -18.557 -12.571 1.00 15.91 ? 46  VAL   B C   1 
ATOM   348  O O   . VAL   A 1 40  ? -2.786  -18.638 -12.821 1.00 16.10 ? 46  VAL   B O   1 
ATOM   349  C CB  . VAL   A 1 40  ? -4.568  -17.388 -10.390 1.00 17.10 ? 46  VAL   B CB  1 
ATOM   350  C CG1 . VAL   A 1 40  ? -5.221  -17.546 -9.024  1.00 19.91 ? 46  VAL   B CG1 1 
ATOM   351  C CG2 . VAL   A 1 40  ? -3.232  -16.694 -10.241 1.00 18.34 ? 46  VAL   B CG2 1 
ATOM   352  N N   . SER   A 1 41  ? -4.882  -18.212 -13.506 1.00 16.83 ? 47  SER   B N   1 
ATOM   353  C CA  . SER   A 1 41  ? -4.514  -17.828 -14.873 1.00 17.56 ? 47  SER   B CA  1 
ATOM   354  C C   . SER   A 1 41  ? -3.858  -16.451 -14.874 1.00 15.79 ? 47  SER   B C   1 
ATOM   355  O O   . SER   A 1 41  ? -4.141  -15.636 -13.956 1.00 16.90 ? 47  SER   B O   1 
ATOM   356  C CB  . SER   A 1 41  ? -5.724  -17.863 -15.794 1.00 20.82 ? 47  SER   B CB  1 
ATOM   357  O OG  . SER   A 1 41  ? -6.710  -16.966 -15.300 1.00 23.68 ? 47  SER   B OG  1 
ATOM   358  N N   . ASP   A 1 42  ? -3.027  -16.172 -15.853 1.00 17.18 ? 48  ASP   B N   1 
ATOM   359  C CA  . ASP   A 1 42  ? -2.397  -14.850 -15.996 1.00 17.51 ? 48  ASP   B CA  1 
ATOM   360  C C   . ASP   A 1 42  ? -3.405  -13.907 -16.642 1.00 18.73 ? 48  ASP   B C   1 
ATOM   361  O O   . ASP   A 1 42  ? -4.346  -14.357 -17.326 1.00 18.98 ? 48  ASP   B O   1 
ATOM   362  C CB  . ASP   A 1 42  ? -1.083  -14.932 -16.747 1.00 19.05 ? 48  ASP   B CB  1 
ATOM   363  C CG  . ASP   A 1 42  ? -0.345  -13.616 -16.691 1.00 24.35 ? 48  ASP   B CG  1 
ATOM   364  O OD1 . ASP   A 1 42  ? -0.322  -12.956 -15.595 1.00 18.15 ? 48  ASP   B OD1 1 
ATOM   365  O OD2 . ASP   A 1 42  ? 0.022   -13.159 -17.797 1.00 33.10 ? 48  ASP   B OD2 1 
ATOM   366  N N   . ASN   A 1 43  ? -3.220  -12.593 -16.434 1.00 17.05 ? 49  ASN   B N   1 
ATOM   367  C CA  . ASN   A 1 43  ? -4.068  -11.568 -17.088 1.00 18.21 ? 49  ASN   B CA  1 
ATOM   368  C C   . ASN   A 1 43  ? -3.278  -10.267 -17.104 1.00 18.99 ? 49  ASN   B C   1 
ATOM   369  O O   . ASN   A 1 43  ? -2.204  -10.185 -16.461 1.00 18.57 ? 49  ASN   B O   1 
ATOM   370  C CB  . ASN   A 1 43  ? -5.436  -11.412 -16.451 1.00 17.62 ? 49  ASN   B CB  1 
ATOM   371  C CG  . ASN   A 1 43  ? -5.364  -10.826 -15.051 1.00 18.26 ? 49  ASN   B CG  1 
ATOM   372  O OD1 . ASN   A 1 43  ? -4.793  -9.743  -14.860 1.00 20.09 ? 49  ASN   B OD1 1 
ATOM   373  N ND2 . ASN   A 1 43  ? -5.926  -11.474 -14.091 1.00 17.54 ? 49  ASN   B ND2 1 
ATOM   374  N N   . LYS   A 1 44  ? -3.743  -9.280  -17.847 1.00 19.26 ? 50  LYS   B N   1 
ATOM   375  C CA  . LYS   A 1 44  ? -2.967  -8.042  -18.070 1.00 20.53 ? 50  LYS   B CA  1 
ATOM   376  C C   . LYS   A 1 44  ? -2.977  -7.172  -16.786 1.00 16.99 ? 50  LYS   B C   1 
ATOM   377  O O   . LYS   A 1 44  ? -2.130  -6.262  -16.736 1.00 19.25 ? 50  LYS   B O   1 
ATOM   378  C CB  . LYS   A 1 44  ? -3.565  -7.239  -19.244 1.00 24.49 ? 50  LYS   B CB  1 
ATOM   379  C CG  . LYS   A 1 44  ? -4.990  -6.784  -19.014 1.00 31.39 ? 50  LYS   B CG  1 
ATOM   380  C CD  . LYS   A 1 44  ? -5.717  -6.201  -20.219 1.00 42.59 ? 50  LYS   B CD  1 
ATOM   381  C CE  . LYS   A 1 44  ? -7.036  -5.598  -19.776 1.00 46.11 ? 50  LYS   B CE  1 
ATOM   382  N NZ  . LYS   A 1 44  ? -7.802  -5.048  -20.918 1.00 52.66 ? 50  LYS   B NZ  1 
ATOM   383  N N   . GLU   A 1 45  ? -3.897  -7.400  -15.865 1.00 16.68 ? 51  GLU   B N   1 
ATOM   384  C CA  . GLU   A 1 45  ? -3.981  -6.589  -14.601 1.00 17.68 ? 51  GLU   B CA  1 
ATOM   385  C C   . GLU   A 1 45  ? -2.897  -7.032  -13.598 1.00 16.76 ? 51  GLU   B C   1 
ATOM   386  O O   . GLU   A 1 45  ? -2.526  -6.215  -12.737 1.00 17.81 ? 51  GLU   B O   1 
ATOM   387  C CB  . GLU   A 1 45  ? -5.347  -6.680  -13.952 1.00 19.86 ? 51  GLU   B CB  1 
ATOM   388  C CG  . GLU   A 1 45  ? -6.544  -6.211  -14.787 1.00 24.20 ? 51  GLU   B CG  1 
ATOM   389  C CD  . GLU   A 1 45  ? -7.834  -6.413  -13.985 1.00 30.25 ? 51  GLU   B CD  1 
ATOM   390  O OE1 . GLU   A 1 45  ? -8.572  -7.386  -14.290 1.00 35.23 ? 51  GLU   B OE1 1 
ATOM   391  O OE2 . GLU   A 1 45  ? -8.093  -5.673  -12.983 1.00 32.58 ? 51  GLU   B OE2 1 
ATOM   392  N N   . ARG   A 1 46  ? -2.438  -8.283  -13.600 1.00 15.61 ? 52  ARG   B N   1 
ATOM   393  C CA  . ARG   A 1 46  ? -1.625  -8.803  -12.475 1.00 14.52 ? 52  ARG   B CA  1 
ATOM   394  C C   . ARG   A 1 46  ? -0.270  -8.166  -12.423 1.00 13.39 ? 52  ARG   B C   1 
ATOM   395  O O   . ARG   A 1 46  ? 0.463   -8.087  -13.433 1.00 14.98 ? 52  ARG   B O   1 
ATOM   396  C CB  . ARG   A 1 46  ? -1.389  -10.308 -12.598 1.00 13.33 ? 52  ARG   B CB  1 
ATOM   397  C CG  . ARG   A 1 46  ? -2.658  -11.111 -12.460 1.00 14.30 ? 52  ARG   B CG  1 
ATOM   398  C CD  . ARG   A 1 46  ? -2.326  -12.593 -12.166 1.00 13.55 ? 52  ARG   B CD  1 
ATOM   399  N NE  . ARG   A 1 46  ? -3.534  -13.393 -12.170 1.00 15.40 ? 52  ARG   B NE  1 
ATOM   400  C CZ  . ARG   A 1 46  ? -4.496  -13.331 -11.266 1.00 14.69 ? 52  ARG   B CZ  1 
ATOM   401  N NH1 . ARG   A 1 46  ? -4.321  -12.659 -10.132 1.00 14.53 ? 52  ARG   B NH1 1 
ATOM   402  N NH2 . ARG   A 1 46  ? -5.632  -14.006 -11.409 1.00 17.94 ? 52  ARG   B NH2 1 
ATOM   403  N N   . PHE   A 1 47  ? 0.187   -7.720  -11.248 1.00 12.18 ? 53  PHE   B N   1 
ATOM   404  C CA  . PHE   A 1 47  ? 1.578   -7.305  -11.090 1.00 12.31 ? 53  PHE   B CA  1 
ATOM   405  C C   . PHE   A 1 47  ? 2.487   -8.549  -11.253 1.00 13.57 ? 53  PHE   B C   1 
ATOM   406  O O   . PHE   A 1 47  ? 2.355   -9.521  -10.520 1.00 15.16 ? 53  PHE   B O   1 
ATOM   407  C CB  . PHE   A 1 47  ? 1.851   -6.670  -9.729  1.00 11.65 ? 53  PHE   B CB  1 
ATOM   408  C CG  . PHE   A 1 47  ? 1.244   -5.280  -9.608  1.00 11.22 ? 53  PHE   B CG  1 
ATOM   409  C CD1 . PHE   A 1 47  ? 1.900   -4.176  -10.125 1.00 11.51 ? 53  PHE   B CD1 1 
ATOM   410  C CD2 . PHE   A 1 47  ? 0.019   -5.073  -8.982  1.00 12.07 ? 53  PHE   B CD2 1 
ATOM   411  C CE1 . PHE   A 1 47  ? 1.331   -2.912  -10.055 1.00 11.98 ? 53  PHE   B CE1 1 
ATOM   412  C CE2 . PHE   A 1 47  ? -0.531  -3.784  -8.906  1.00 12.50 ? 53  PHE   B CE2 1 
ATOM   413  C CZ  . PHE   A 1 47  ? 0.159   -2.723  -9.421  1.00 11.94 ? 53  PHE   B CZ  1 
ATOM   414  N N   . SER   A 1 48  ? 3.413   -8.543  -12.197 1.00 14.60 ? 54  SER   B N   1 
ATOM   415  C CA  . SER   A 1 48  ? 4.176   -9.765  -12.575 1.00 16.07 ? 54  SER   B CA  1 
ATOM   416  C C   . SER   A 1 48  ? 5.446   -9.890  -11.757 1.00 16.49 ? 54  SER   B C   1 
ATOM   417  O O   . SER   A 1 48  ? 5.825   -11.044 -11.458 1.00 18.51 ? 54  SER   B O   1 
ATOM   418  C CB  . SER   A 1 48  ? 4.473   -9.725  -14.072 1.00 17.26 ? 54  SER   B CB  1 
ATOM   419  O OG  . SER   A 1 48  ? 5.284   -8.627  -14.440 1.00 16.47 ? 54  SER   B OG  1 
ATOM   420  N N   . ASN   A 1 49  ? 6.157   -8.832  -11.394 1.00 14.52 ? 55  ASN   B N   1 
ATOM   421  C CA  . ASN   A 1 49  ? 7.557   -8.877  -10.906 1.00 15.93 ? 55  ASN   B CA  1 
ATOM   422  C C   . ASN   A 1 49  ? 7.658   -8.765  -9.391  1.00 16.28 ? 55  ASN   B C   1 
ATOM   423  O O   . ASN   A 1 49  ? 8.732   -9.046  -8.830  1.00 17.64 ? 55  ASN   B O   1 
ATOM   424  C CB  . ASN   A 1 49  ? 8.411   -7.800  -11.543 1.00 17.71 ? 55  ASN   B CB  1 
ATOM   425  C CG  . ASN   A 1 49  ? 8.804   -8.092  -12.998 1.00 21.87 ? 55  ASN   B CG  1 
ATOM   426  O OD1 . ASN   A 1 49  ? 7.972   -8.440  -13.851 1.00 23.89 ? 55  ASN   B OD1 1 
ATOM   427  N ND2 . ASN   A 1 49  ? 10.096  -8.005  -13.273 1.00 28.69 ? 55  ASN   B ND2 1 
ATOM   428  N N   . TYR   A 1 50  ? 6.597   -8.295  -8.725  1.00 13.23 ? 56  TYR   B N   1 
ATOM   429  C CA  . TYR   A 1 50  ? 6.642   -8.028  -7.274  1.00 12.80 ? 56  TYR   B CA  1 
ATOM   430  C C   . TYR   A 1 50  ? 5.334   -8.493  -6.628  1.00 11.22 ? 56  TYR   B C   1 
ATOM   431  O O   . TYR   A 1 50  ? 4.281   -8.600  -7.275  1.00 12.67 ? 56  TYR   B O   1 
ATOM   432  C CB  . TYR   A 1 50  ? 6.719   -6.511  -7.042  1.00 12.31 ? 56  TYR   B CB  1 
ATOM   433  C CG  . TYR   A 1 50  ? 7.767   -5.799  -7.858  1.00 13.81 ? 56  TYR   B CG  1 
ATOM   434  C CD1 . TYR   A 1 50  ? 9.105   -5.855  -7.493  1.00 14.58 ? 56  TYR   B CD1 1 
ATOM   435  C CD2 . TYR   A 1 50  ? 7.454   -5.032  -8.977  1.00 14.36 ? 56  TYR   B CD2 1 
ATOM   436  C CE1 . TYR   A 1 50  ? 10.110  -5.214  -8.223  1.00 15.40 ? 56  TYR   B CE1 1 
ATOM   437  C CE2 . TYR   A 1 50  ? 8.422   -4.431  -9.759  1.00 15.21 ? 56  TYR   B CE2 1 
ATOM   438  C CZ  . TYR   A 1 50  ? 9.752   -4.484  -9.358  1.00 15.45 ? 56  TYR   B CZ  1 
ATOM   439  O OH  . TYR   A 1 50  ? 10.712  -3.793  -10.063 1.00 16.75 ? 56  TYR   B OH  1 
ATOM   440  N N   . PRO   A 1 51  ? 5.345   -8.762  -5.297  1.00 11.74 ? 57  PRO   B N   1 
ATOM   441  C CA  . PRO   A 1 51  ? 4.175   -9.291  -4.604  1.00 11.26 ? 57  PRO   B CA  1 
ATOM   442  C C   . PRO   A 1 51  ? 3.123   -8.213  -4.234  1.00 10.87 ? 57  PRO   B C   1 
ATOM   443  O O   . PRO   A 1 51  ? 2.846   -7.973  -3.072  1.00 11.56 ? 57  PRO   B O   1 
ATOM   444  C CB  . PRO   A 1 51  ? 4.789   -9.977  -3.339  1.00 13.20 ? 57  PRO   B CB  1 
ATOM   445  C CG  . PRO   A 1 51  ? 6.274   -9.863  -3.469  1.00 15.61 ? 57  PRO   B CG  1 
ATOM   446  C CD  . PRO   A 1 51  ? 6.548   -8.787  -4.458  1.00 12.93 ? 57  PRO   B CD  1 
ATOM   447  N N   . MET   A 1 52  ? 2.561   -7.611  -5.274  1.00 10.55 ? 58  MET   B N   1 
ATOM   448  C CA  . MET   A 1 52  ? 1.695   -6.424  -5.203  1.00 10.27 ? 58  MET   B CA  1 
ATOM   449  C C   . MET   A 1 52  ? 0.253   -6.815  -5.521  1.00 10.86 ? 58  MET   B C   1 
ATOM   450  O O   . MET   A 1 52  ? -0.064  -7.722  -6.320  1.00 11.22 ? 58  MET   B O   1 
ATOM   451  C CB  . MET   A 1 52  ? 2.173   -5.350  -6.163  1.00 11.20 ? 58  MET   B CB  1 
ATOM   452  C CG  . MET   A 1 52  ? 3.497   -4.756  -5.757  1.00 11.29 ? 58  MET   B CG  1 
ATOM   453  S SD  . MET   A 1 52  ? 4.203   -3.785  -7.098  1.00 12.08 ? 58  MET   B SD  1 
ATOM   454  C CE  . MET   A 1 52  ? 5.712   -3.161  -6.368  1.00 13.23 ? 58  MET   B CE  1 
ATOM   455  N N   . VAL   A 1 53  ? -0.675  -6.003  -4.997  1.00 10.73 ? 59  VAL   B N   1 
ATOM   456  C CA  . VAL   A 1 53  ? -2.131  -6.136  -5.246  1.00 10.94 ? 59  VAL   B CA  1 
ATOM   457  C C   . VAL   A 1 53  ? -2.776  -4.763  -5.034  1.00 11.34 ? 59  VAL   B C   1 
ATOM   458  O O   . VAL   A 1 53  ? -2.275  -3.969  -4.173  1.00 11.79 ? 59  VAL   B O   1 
ATOM   459  C CB  . VAL   A 1 53  ? -2.787  -7.228  -4.371  1.00 11.40 ? 59  VAL   B CB  1 
ATOM   460  C CG1 . VAL   A 1 53  ? -2.623  -6.957  -2.894  1.00 11.48 ? 59  VAL   B CG1 1 
ATOM   461  C CG2 . VAL   A 1 53  ? -4.246  -7.523  -4.725  1.00 11.32 ? 59  VAL   B CG2 1 
ATOM   462  N N   . LEU   A 1 54  ? -3.882  -4.499  -5.693  1.00 11.41 ? 60  LEU   B N   1 
ATOM   463  C CA  . LEU   A 1 54  ? -4.664  -3.255  -5.497  1.00 10.82 ? 60  LEU   B CA  1 
ATOM   464  C C   . LEU   A 1 54  ? -5.921  -3.512  -4.688  1.00 11.68 ? 60  LEU   B C   1 
ATOM   465  O O   . LEU   A 1 54  ? -6.561  -4.624  -4.789  1.00 12.89 ? 60  LEU   B O   1 
ATOM   466  C CB  . LEU   A 1 54  ? -5.036  -2.662  -6.853  1.00 11.72 ? 60  LEU   B CB  1 
ATOM   467  C CG  . LEU   A 1 54  ? -3.876  -2.358  -7.775  1.00 11.99 ? 60  LEU   B CG  1 
ATOM   468  C CD1 . LEU   A 1 54  ? -4.298  -1.646  -9.047  1.00 14.37 ? 60  LEU   B CD1 1 
ATOM   469  C CD2 . LEU   A 1 54  ? -2.790  -1.580  -7.081  1.00 12.19 ? 60  LEU   B CD2 1 
ATOM   470  N N   . GLY   A 1 55  ? -6.430  -2.459  -4.032  1.00 12.25 ? 61  GLY   B N   1 
ATOM   471  C CA  . GLY   A 1 55  ? -7.828  -2.482  -3.554  1.00 12.00 ? 61  GLY   B CA  1 
ATOM   472  C C   . GLY   A 1 55  ? -8.786  -2.384  -4.739  1.00 11.92 ? 61  GLY   B C   1 
ATOM   473  O O   . GLY   A 1 55  ? -8.440  -1.829  -5.782  1.00 13.26 ? 61  GLY   B O   1 
ATOM   474  N N   . ALA   A 1 56  ? -9.989  -2.884  -4.534  1.00 13.11 ? 62  ALA   B N   1 
ATOM   475  C CA  . ALA   A 1 56  ? -11.062 -2.848  -5.558  1.00 14.68 ? 62  ALA   B CA  1 
ATOM   476  C C   . ALA   A 1 56  ? -11.630 -1.425  -5.706  1.00 15.85 ? 62  ALA   B C   1 
ATOM   477  O O   . ALA   A 1 56  ? -12.100 -1.077  -6.811  1.00 18.84 ? 62  ALA   B O   1 
ATOM   478  C CB  . ALA   A 1 56  ? -12.123 -3.807  -5.104  1.00 16.68 ? 62  ALA   B CB  1 
ATOM   479  N N   . GLN   A 1 57  ? -11.542 -0.635  -4.655  1.00 15.74 ? 63  GLN   B N   1 
ATOM   480  C CA  . GLN   A 1 57  ? -12.197 0.697   -4.628  1.00 15.14 ? 63  GLN   B CA  1 
ATOM   481  C C   . GLN   A 1 57  ? -11.396 1.651   -5.514  1.00 16.54 ? 63  GLN   B C   1 
ATOM   482  O O   . GLN   A 1 57  ? -10.160 1.596   -5.568  1.00 17.40 ? 63  GLN   B O   1 
ATOM   483  C CB  . GLN   A 1 57  ? -12.332 1.174   -3.180  1.00 16.83 ? 63  GLN   B CB  1 
ATOM   484  C CG  . GLN   A 1 57  ? -13.366 0.423   -2.367  1.00 18.44 ? 63  GLN   B CG  1 
ATOM   485  C CD  . GLN   A 1 57  ? -12.923 -0.978  -2.003  1.00 18.23 ? 63  GLN   B CD  1 
ATOM   486  O OE1 . GLN   A 1 57  ? -11.743 -1.198  -1.745  1.00 17.39 ? 63  GLN   B OE1 1 
ATOM   487  N NE2 . GLN   A 1 57  ? -13.850 -1.901  -1.907  1.00 21.60 ? 63  GLN   B NE2 1 
ATOM   488  N N   . ARG   A 1 58  ? -12.090 2.547   -6.218  1.00 16.66 ? 64  ARG   B N   1 
ATOM   489  C CA  . ARG   A 1 58  ? -11.493 3.628   -7.033  1.00 17.08 ? 64  ARG   B CA  1 
ATOM   490  C C   . ARG   A 1 58  ? -11.980 4.970   -6.487  1.00 15.72 ? 64  ARG   B C   1 
ATOM   491  O O   . ARG   A 1 58  ? -13.177 5.095   -6.147  1.00 18.58 ? 64  ARG   B O   1 
ATOM   492  C CB  . ARG   A 1 58  ? -11.955 3.599   -8.502  1.00 21.65 ? 64  ARG   B CB  1 
ATOM   493  C CG  . ARG   A 1 58  ? -11.331 2.530   -9.410  1.00 31.87 ? 64  ARG   B CG  1 
ATOM   494  C CD  . ARG   A 1 58  ? -11.352 1.122   -8.824  1.00 33.71 ? 64  ARG   B CD  1 
ATOM   495  N NE  . ARG   A 1 58  ? -11.417 -0.130  -9.602  1.00 39.49 ? 64  ARG   B NE  1 
ATOM   496  C CZ  . ARG   A 1 58  ? -11.194 -0.312  -10.904 1.00 39.46 ? 64  ARG   B CZ  1 
ATOM   497  N NH1 . ARG   A 1 58  ? -11.275 -1.532  -11.406 1.00 46.31 ? 64  ARG   B NH1 1 
ATOM   498  N NH2 . ARG   A 1 58  ? -10.853 0.680   -11.697 1.00 36.86 ? 64  ARG   B NH2 1 
ATOM   499  N N   . PHE   A 1 59  ? -11.062 5.895   -6.295  1.00 14.51 ? 65  PHE   B N   1 
ATOM   500  C CA  . PHE   A 1 59  ? -11.387 7.221   -5.711  1.00 14.52 ? 65  PHE   B CA  1 
ATOM   501  C C   . PHE   A 1 59  ? -10.979 8.311   -6.679  1.00 13.30 ? 65  PHE   B C   1 
ATOM   502  O O   . PHE   A 1 59  ? -9.823  8.361   -7.159  1.00 13.53 ? 65  PHE   B O   1 
ATOM   503  C CB  . PHE   A 1 59  ? -10.613 7.404   -4.393  1.00 15.87 ? 65  PHE   B CB  1 
ATOM   504  C CG  . PHE   A 1 59  ? -10.900 6.320   -3.363  1.00 18.22 ? 65  PHE   B CG  1 
ATOM   505  C CD1 . PHE   A 1 59  ? -12.207 6.092   -2.959  1.00 20.02 ? 65  PHE   B CD1 1 
ATOM   506  C CD2 . PHE   A 1 59  ? -9.920  5.512   -2.838  1.00 25.15 ? 65  PHE   B CD2 1 
ATOM   507  C CE1 . PHE   A 1 59  ? -12.549 5.113   -2.034  1.00 22.34 ? 65  PHE   B CE1 1 
ATOM   508  C CE2 . PHE   A 1 59  ? -10.254 4.560   -1.873  1.00 21.02 ? 65  PHE   B CE2 1 
ATOM   509  C CZ  . PHE   A 1 59  ? -11.555 4.340   -1.517  1.00 21.08 ? 65  PHE   B CZ  1 
ATOM   510  N N   A SER   A 1 60  ? -11.902 9.247   -6.959  0.25 14.20 ? 66  SER   B N   1 
ATOM   511  N N   B SER   A 1 60  ? -11.914 9.226   -6.986  0.25 13.95 ? 66  SER   B N   1 
ATOM   512  C CA  A SER   A 1 60  ? -11.676 10.373  -7.907  0.25 15.08 ? 66  SER   B CA  1 
ATOM   513  C CA  B SER   A 1 60  ? -11.700 10.380  -7.903  0.25 14.73 ? 66  SER   B CA  1 
ATOM   514  C C   A SER   A 1 60  ? -12.042 11.726  -7.274  0.25 14.62 ? 66  SER   B C   1 
ATOM   515  C C   B SER   A 1 60  ? -12.130 11.689  -7.247  0.25 14.89 ? 66  SER   B C   1 
ATOM   516  O O   A SER   A 1 60  ? -11.781 12.764  -7.926  0.25 14.47 ? 66  SER   B O   1 
ATOM   517  O O   B SER   A 1 60  ? -12.268 12.680  -7.971  0.25 14.07 ? 66  SER   B O   1 
ATOM   518  C CB  A SER   A 1 60  ? -12.400 10.107  -9.214  0.25 15.72 ? 66  SER   B CB  1 
ATOM   519  C CB  B SER   A 1 60  ? -12.467 10.196  -9.173  0.25 14.56 ? 66  SER   B CB  1 
ATOM   520  O OG  A SER   A 1 60  ? -11.666 9.143   -9.996  0.25 17.54 ? 66  SER   B OG  1 
ATOM   521  O OG  B SER   A 1 60  ? -13.832 10.051  -8.878  0.25 15.54 ? 66  SER   B OG  1 
ATOM   522  N N   A SER   A 1 61  ? -12.517 11.719  -6.023  0.25 13.83 ? 67  SER   B N   1 
ATOM   523  N N   B SER   A 1 61  ? -12.346 11.691  -5.939  0.25 15.52 ? 67  SER   B N   1 
ATOM   524  C CA  A SER   A 1 61  ? -12.867 12.936  -5.244  0.25 14.25 ? 67  SER   B CA  1 
ATOM   525  C CA  B SER   A 1 61  ? -12.845 12.883  -5.222  0.25 17.06 ? 67  SER   B CA  1 
ATOM   526  C C   A SER   A 1 61  ? -12.810 12.633  -3.744  0.25 14.79 ? 67  SER   B C   1 
ATOM   527  C C   B SER   A 1 61  ? -12.951 12.598  -3.725  0.25 16.44 ? 67  SER   B C   1 
ATOM   528  O O   A SER   A 1 61  ? -12.593 11.474  -3.395  0.25 14.28 ? 67  SER   B O   1 
ATOM   529  O O   B SER   A 1 61  ? -13.046 11.403  -3.357  0.25 16.06 ? 67  SER   B O   1 
ATOM   530  C CB  A SER   A 1 61  ? -14.252 13.437  -5.615  0.25 14.23 ? 67  SER   B CB  1 
ATOM   531  C CB  B SER   A 1 61  ? -14.180 13.271  -5.795  0.25 19.16 ? 67  SER   B CB  1 
ATOM   532  O OG  A SER   A 1 61  ? -15.243 12.484  -5.269  0.25 13.72 ? 67  SER   B OG  1 
ATOM   533  O OG  B SER   A 1 61  ? -14.396 14.654  -5.623  0.25 23.01 ? 67  SER   B OG  1 
ATOM   534  N N   . GLY   A 1 62  ? -12.987 13.652  -2.904  1.00 16.76 ? 68  GLY   B N   1 
ATOM   535  C CA  . GLY   A 1 62  ? -13.261 13.471  -1.472  1.00 17.74 ? 68  GLY   B CA  1 
ATOM   536  C C   . GLY   A 1 62  ? -12.055 13.092  -0.640  1.00 14.26 ? 68  GLY   B C   1 
ATOM   537  O O   . GLY   A 1 62  ? -10.909 13.195  -1.109  1.00 15.56 ? 68  GLY   B O   1 
ATOM   538  N N   . LYS   A 1 63  ? -12.388 12.768  0.589   1.00 14.90 ? 69  LYS   B N   1 
ATOM   539  C CA  . LYS   A 1 63  ? -11.429 12.433  1.655   1.00 15.10 ? 69  LYS   B CA  1 
ATOM   540  C C   . LYS   A 1 63  ? -11.691 10.982  2.046   1.00 15.49 ? 69  LYS   B C   1 
ATOM   541  O O   . LYS   A 1 63  ? -12.834 10.591  2.295   1.00 16.41 ? 69  LYS   B O   1 
ATOM   542  C CB  . LYS   A 1 63  ? -11.607 13.386  2.828   1.00 16.52 ? 69  LYS   B CB  1 
ATOM   543  C CG  . LYS   A 1 63  ? -11.202 14.832  2.519   1.00 16.85 ? 69  LYS   B CG  1 
ATOM   544  C CD  . LYS   A 1 63  ? -11.508 15.784  3.711   1.00 19.73 ? 69  LYS   B CD  1 
ATOM   545  C CE  . LYS   A 1 63  ? -10.997 17.180  3.464   1.00 22.47 ? 69  LYS   B CE  1 
ATOM   546  N NZ  . LYS   A 1 63  ? -11.249 18.047  4.638   1.00 23.94 ? 69  LYS   B NZ  1 
ATOM   547  N N   . MET   A 1 64  ? -10.627 10.191  2.140   1.00 13.32 ? 70  MET   B N   1 
ATOM   548  C CA  . MET   A 1 64  ? -10.679 8.742   2.433   1.00 13.68 ? 70  MET   B CA  1 
ATOM   549  C C   . MET   A 1 64  ? -9.614  8.397   3.471   1.00 13.05 ? 70  MET   B C   1 
ATOM   550  O O   . MET   A 1 64  ? -8.505  8.944   3.407   1.00 13.96 ? 70  MET   B O   1 
ATOM   551  C CB  . MET   A 1 64  ? -10.346 7.967   1.169   1.00 13.91 ? 70  MET   B CB  1 
ATOM   552  C CG  . MET   A 1 64  ? -11.410 7.903   0.122   1.00 14.40 ? 70  MET   B CG  1 
ATOM   553  S SD  . MET   A 1 64  ? -11.761 9.410   -0.846  1.00 16.81 ? 70  MET   B SD  1 
ATOM   554  C CE  . MET   A 1 64  ? -10.190 9.843   -1.526  1.00 15.38 ? 70  MET   B CE  1 
ATOM   555  N N   . TYR   A 1 65  ? -9.901  7.465   4.353   1.00 13.17 ? 71  TYR   B N   1 
ATOM   556  C CA  . TYR   A 1 65  ? -8.971  7.019   5.410   1.00 13.45 ? 71  TYR   B CA  1 
ATOM   557  C C   . TYR   A 1 65  ? -9.124  5.510   5.575   1.00 13.60 ? 71  TYR   B C   1 
ATOM   558  O O   . TYR   A 1 65  ? -10.261 4.985   5.608   1.00 13.72 ? 71  TYR   B O   1 
ATOM   559  C CB  . TYR   A 1 65  ? -9.267  7.714   6.736   1.00 14.22 ? 71  TYR   B CB  1 
ATOM   560  C CG  . TYR   A 1 65  ? -8.374  7.295   7.869   1.00 13.85 ? 71  TYR   B CG  1 
ATOM   561  C CD1 . TYR   A 1 65  ? -7.086  7.769   7.931   1.00 13.79 ? 71  TYR   B CD1 1 
ATOM   562  C CD2 . TYR   A 1 65  ? -8.805  6.405   8.855   1.00 14.57 ? 71  TYR   B CD2 1 
ATOM   563  C CE1 . TYR   A 1 65  ? -6.221  7.415   8.963   1.00 15.44 ? 71  TYR   B CE1 1 
ATOM   564  C CE2 . TYR   A 1 65  ? -7.929  5.993   9.851   1.00 14.22 ? 71  TYR   B CE2 1 
ATOM   565  C CZ  . TYR   A 1 65  ? -6.654  6.499   9.911   1.00 14.85 ? 71  TYR   B CZ  1 
ATOM   566  O OH  . TYR   A 1 65  ? -5.825  6.148   10.945  1.00 17.05 ? 71  TYR   B OH  1 
ATOM   567  N N   . TRP   A 1 66  ? -8.022  4.794   5.697   1.00 11.62 ? 72  TRP   B N   1 
ATOM   568  C CA  . TRP   A 1 66  ? -8.052  3.370   6.086   1.00 11.82 ? 72  TRP   B CA  1 
ATOM   569  C C   . TRP   A 1 66  ? -6.778  3.052   6.902   1.00 11.64 ? 72  TRP   B C   1 
ATOM   570  O O   . TRP   A 1 66  ? -5.798  3.810   6.885   1.00 12.70 ? 72  TRP   B O   1 
ATOM   571  C CB  . TRP   A 1 66  ? -8.253  2.442   4.863   1.00 12.27 ? 72  TRP   B CB  1 
ATOM   572  C CG  . TRP   A 1 66  ? -7.196  2.455   3.805   1.00 11.71 ? 72  TRP   B CG  1 
ATOM   573  C CD1 . TRP   A 1 66  ? -6.142  1.594   3.647   1.00 11.71 ? 72  TRP   B CD1 1 
ATOM   574  C CD2 . TRP   A 1 66  ? -7.106  3.344   2.696   1.00 12.23 ? 72  TRP   B CD2 1 
ATOM   575  N NE1 . TRP   A 1 66  ? -5.407  1.907   2.525   1.00 11.45 ? 72  TRP   B NE1 1 
ATOM   576  C CE2 . TRP   A 1 66  ? -5.964  3.001   1.944   1.00 12.60 ? 72  TRP   B CE2 1 
ATOM   577  C CE3 . TRP   A 1 66  ? -7.850  4.458   2.290   1.00 14.84 ? 72  TRP   B CE3 1 
ATOM   578  C CZ2 . TRP   A 1 66  ? -5.585  3.653   0.792   1.00 12.97 ? 72  TRP   B CZ2 1 
ATOM   579  C CZ3 . TRP   A 1 66  ? -7.495  5.099   1.116   1.00 16.40 ? 72  TRP   B CZ3 1 
ATOM   580  C CH2 . TRP   A 1 66  ? -6.343  4.746   0.409   1.00 14.55 ? 72  TRP   B CH2 1 
ATOM   581  N N   . GLU   A 1 67  ? -6.761  1.856   7.519   1.00 11.66 ? 73  GLU   B N   1 
ATOM   582  C CA  . GLU   A 1 67  ? -5.636  1.382   8.363   1.00 11.98 ? 73  GLU   B CA  1 
ATOM   583  C C   . GLU   A 1 67  ? -5.224  -0.029  7.973   1.00 11.42 ? 73  GLU   B C   1 
ATOM   584  O O   . GLU   A 1 67  ? -6.049  -0.815  7.539   1.00 12.68 ? 73  GLU   B O   1 
ATOM   585  C CB  . GLU   A 1 67  ? -6.010  1.396   9.846   1.00 13.24 ? 73  GLU   B CB  1 
ATOM   586  C CG  . GLU   A 1 67  ? -6.189  2.833   10.358  1.00 15.66 ? 73  GLU   B CG  1 
ATOM   587  C CD  . GLU   A 1 67  ? -6.628  2.939   11.810  1.00 20.76 ? 73  GLU   B CD  1 
ATOM   588  O OE1 . GLU   A 1 67  ? -6.857  1.871   12.465  1.00 24.07 ? 73  GLU   B OE1 1 
ATOM   589  O OE2 . GLU   A 1 67  ? -6.657  4.105   12.318  1.00 18.48 ? 73  GLU   B OE2 1 
ATOM   590  N N   . VAL   A 1 68  ? -3.930  -0.256  8.054   1.00 11.67 ? 74  VAL   B N   1 
ATOM   591  C CA  . VAL   A 1 68  ? -3.327  -1.547  7.665   1.00 11.65 ? 74  VAL   B CA  1 
ATOM   592  C C   . VAL   A 1 68  ? -2.423  -2.025  8.781   1.00 12.02 ? 74  VAL   B C   1 
ATOM   593  O O   . VAL   A 1 68  ? -1.569  -1.265  9.265   1.00 12.63 ? 74  VAL   B O   1 
ATOM   594  C CB  . VAL   A 1 68  ? -2.515  -1.422  6.363   1.00 11.60 ? 74  VAL   B CB  1 
ATOM   595  C CG1 . VAL   A 1 68  ? -2.024  -2.790  5.958   1.00 12.20 ? 74  VAL   B CG1 1 
ATOM   596  C CG2 . VAL   A 1 68  ? -3.323  -0.732  5.261   1.00 12.80 ? 74  VAL   B CG2 1 
ATOM   597  N N   . ASP   A 1 69  ? -2.560  -3.307  9.147   1.00 11.81 ? 75  ASP   B N   1 
ATOM   598  C CA  . ASP   A 1 69  ? -1.710  -4.012  10.134  1.00 13.21 ? 75  ASP   B CA  1 
ATOM   599  C C   . ASP   A 1 69  ? -0.475  -4.578  9.441   1.00 11.97 ? 75  ASP   B C   1 
ATOM   600  O O   . ASP   A 1 69  ? -0.650  -5.291  8.409   1.00 12.64 ? 75  ASP   B O   1 
ATOM   601  C CB  . ASP   A 1 69  ? -2.526  -5.101  10.854  1.00 14.58 ? 75  ASP   B CB  1 
ATOM   602  C CG  . ASP   A 1 69  ? -1.828  -5.610  12.119  1.00 18.08 ? 75  ASP   B CG  1 
ATOM   603  O OD1 . ASP   A 1 69  ? -0.727  -6.069  12.021  1.00 17.45 ? 75  ASP   B OD1 1 
ATOM   604  O OD2 . ASP   A 1 69  ? -2.304  -5.315  13.233  1.00 24.02 ? 75  ASP   B OD2 1 
ATOM   605  N N   . VAL   A 1 70  ? 0.710   -4.244  9.941   1.00 12.21 ? 76  VAL   B N   1 
ATOM   606  C CA  . VAL   A 1 70  ? 2.047   -4.674  9.402   1.00 12.68 ? 76  VAL   B CA  1 
ATOM   607  C C   . VAL   A 1 70  ? 2.841   -5.485  10.446  1.00 12.99 ? 76  VAL   B C   1 
ATOM   608  O O   . VAL   A 1 70  ? 4.031   -5.628  10.296  1.00 13.78 ? 76  VAL   B O   1 
ATOM   609  C CB  . VAL   A 1 70  ? 2.826   -3.443  8.860   1.00 12.17 ? 76  VAL   B CB  1 
ATOM   610  C CG1 . VAL   A 1 70  ? 2.044   -2.742  7.734   1.00 12.45 ? 76  VAL   B CG1 1 
ATOM   611  C CG2 . VAL   A 1 70  ? 3.161   -2.437  9.949   1.00 12.79 ? 76  VAL   B CG2 1 
ATOM   612  N N   . THR   A 1 71  ? 2.182   -5.911  11.512  1.00 13.19 ? 77  THR   B N   1 
ATOM   613  C CA  . THR   A 1 71  ? 2.817   -6.673  12.626  1.00 14.73 ? 77  THR   B CA  1 
ATOM   614  C C   . THR   A 1 71  ? 3.765   -7.739  12.080  1.00 14.30 ? 77  THR   B C   1 
ATOM   615  O O   . THR   A 1 71  ? 3.390   -8.546  11.219  1.00 13.95 ? 77  THR   B O   1 
ATOM   616  C CB  . THR   A 1 71  ? 1.756   -7.316  13.513  1.00 15.32 ? 77  THR   B CB  1 
ATOM   617  O OG1 . THR   A 1 71  ? 0.935   -6.311  14.117  1.00 17.58 ? 77  THR   B OG1 1 
ATOM   618  C CG2 . THR   A 1 71  ? 2.417   -8.130  14.610  1.00 20.52 ? 77  THR   B CG2 1 
ATOM   619  N N   . GLN   A 1 72  ? 4.957   -7.706  12.644  1.00 16.41 ? 78  GLN   B N   1 
ATOM   620  C CA  . GLN   A 1 72  ? 6.089   -8.665  12.484  1.00 19.34 ? 78  GLN   B CA  1 
ATOM   621  C C   . GLN   A 1 72  ? 6.591   -8.764  11.053  1.00 19.97 ? 78  GLN   B C   1 
ATOM   622  O O   . GLN   A 1 72  ? 7.470   -9.611  10.784  1.00 24.00 ? 78  GLN   B O   1 
ATOM   623  C CB  . GLN   A 1 72  ? 5.773   -10.034 13.082  1.00 26.18 ? 78  GLN   B CB  1 
ATOM   624  C CG  . GLN   A 1 72  ? 4.673   -10.814 12.395  1.00 32.54 ? 78  GLN   B CG  1 
ATOM   625  C CD  . GLN   A 1 72  ? 4.996   -12.287 12.259  1.00 37.38 ? 78  GLN   B CD  1 
ATOM   626  O OE1 . GLN   A 1 72  ? 4.113   -13.149 12.322  1.00 40.84 ? 78  GLN   B OE1 1 
ATOM   627  N NE2 . GLN   A 1 72  ? 6.258   -12.578 11.968  1.00 43.39 ? 78  GLN   B NE2 1 
ATOM   628  N N   . LYS   A 1 73  ? 6.249   -7.883  10.140  1.00 14.00 ? 79  LYS   B N   1 
ATOM   629  C CA  . LYS   A 1 73  ? 6.875   -7.891  8.814   1.00 12.87 ? 79  LYS   B CA  1 
ATOM   630  C C   . LYS   A 1 73  ? 8.223   -7.193  8.782   1.00 12.74 ? 79  LYS   B C   1 
ATOM   631  O O   . LYS   A 1 73  ? 8.419   -6.160  9.472   1.00 14.36 ? 79  LYS   B O   1 
ATOM   632  C CB  . LYS   A 1 73  ? 5.886   -7.258  7.826   1.00 13.08 ? 79  LYS   B CB  1 
ATOM   633  C CG  . LYS   A 1 73  ? 4.653   -8.156  7.580   1.00 13.72 ? 79  LYS   B CG  1 
ATOM   634  C CD  . LYS   A 1 73  ? 3.787   -7.770  6.405   1.00 13.82 ? 79  LYS   B CD  1 
ATOM   635  C CE  . LYS   A 1 73  ? 4.447   -7.929  5.052   1.00 12.64 ? 79  LYS   B CE  1 
ATOM   636  N NZ  . LYS   A 1 73  ? 4.943   -9.299  4.773   1.00 11.01 ? 79  LYS   B NZ  1 
ATOM   637  N N   . GLU   A 1 74  ? 9.113   -7.680  7.950   1.00 11.28 ? 80  GLU   B N   1 
ATOM   638  C CA  . GLU   A 1 74  ? 10.433  -7.080  7.697   1.00 11.32 ? 80  GLU   B CA  1 
ATOM   639  C C   . GLU   A 1 74  ? 10.445  -6.152  6.483   1.00 10.92 ? 80  GLU   B C   1 
ATOM   640  O O   . GLU   A 1 74  ? 11.388  -5.404  6.299   1.00 12.77 ? 80  GLU   B O   1 
ATOM   641  C CB  . GLU   A 1 74  ? 11.457  -8.205  7.438   1.00 12.82 ? 80  GLU   B CB  1 
ATOM   642  C CG  . GLU   A 1 74  ? 11.725  -9.151  8.587   1.00 14.96 ? 80  GLU   B CG  1 
ATOM   643  C CD  . GLU   A 1 74  ? 12.679  -10.289 8.189   1.00 14.11 ? 80  GLU   B CD  1 
ATOM   644  O OE1 . GLU   A 1 74  ? 13.166  -10.902 9.108   1.00 18.34 ? 80  GLU   B OE1 1 
ATOM   645  O OE2 . GLU   A 1 74  ? 12.923  -10.491 6.971   1.00 16.87 ? 80  GLU   B OE2 1 
ATOM   646  N N   . ALA   A 1 75  ? 9.491   -6.302  5.567   1.00 10.81 ? 81  ALA   B N   1 
ATOM   647  C CA  . ALA   A 1 75  ? 9.490   -5.530  4.320   1.00 11.16 ? 81  ALA   B CA  1 
ATOM   648  C C   . ALA   A 1 75  ? 8.058   -5.425  3.829   1.00 12.00 ? 81  ALA   B C   1 
ATOM   649  O O   . ALA   A 1 75  ? 7.303   -6.421  3.861   1.00 11.40 ? 81  ALA   B O   1 
ATOM   650  C CB  . ALA   A 1 75  ? 10.362  -6.159  3.258   1.00 12.16 ? 81  ALA   B CB  1 
ATOM   651  N N   . TRP   A 1 76  ? 7.692   -4.233  3.340   1.00 10.84 ? 82  TRP   B N   1 
ATOM   652  C CA  . TRP   A 1 76  ? 6.344   -3.969  2.754   1.00 10.42 ? 82  TRP   B CA  1 
ATOM   653  C C   . TRP   A 1 76  ? 6.346   -2.579  2.154   1.00 10.84 ? 82  TRP   B C   1 
ATOM   654  O O   . TRP   A 1 76  ? 7.198   -1.749  2.503   1.00 11.06 ? 82  TRP   B O   1 
ATOM   655  C CB  . TRP   A 1 76  ? 5.223   -4.077  3.805   1.00 10.90 ? 82  TRP   B CB  1 
ATOM   656  C CG  . TRP   A 1 76  ? 5.439   -3.335  5.075   1.00 10.78 ? 82  TRP   B CG  1 
ATOM   657  C CD1 . TRP   A 1 76  ? 5.892   -3.825  6.257   1.00 12.85 ? 82  TRP   B CD1 1 
ATOM   658  C CD2 . TRP   A 1 76  ? 5.259   -1.931  5.371   1.00 11.14 ? 82  TRP   B CD2 1 
ATOM   659  N NE1 . TRP   A 1 76  ? 6.004   -2.886  7.232   1.00 12.31 ? 82  TRP   B NE1 1 
ATOM   660  C CE2 . TRP   A 1 76  ? 5.638   -1.683  6.704   1.00 12.98 ? 82  TRP   B CE2 1 
ATOM   661  C CE3 . TRP   A 1 76  ? 4.808   -0.828  4.607   1.00 12.25 ? 82  TRP   B CE3 1 
ATOM   662  C CZ2 . TRP   A 1 76  ? 5.548   -0.441  7.313   1.00 12.50 ? 82  TRP   B CZ2 1 
ATOM   663  C CZ3 . TRP   A 1 76  ? 4.747   0.423   5.187   1.00 12.45 ? 82  TRP   B CZ3 1 
ATOM   664  C CH2 . TRP   A 1 76  ? 5.115   0.613   6.531   1.00 13.26 ? 82  TRP   B CH2 1 
ATOM   665  N N   . ASP   A 1 77  ? 5.369   -2.320  1.311   0.46 10.23 ? 83  ASP   B N   1 
ATOM   666  C CA  . ASP   A 1 77  ? 5.101   -0.927  0.880   0.46 10.31 ? 83  ASP   B CA  1 
ATOM   667  C C   . ASP   A 1 77  ? 3.594   -0.741  0.835   0.46 10.31 ? 83  ASP   B C   1 
ATOM   668  O O   . ASP   A 1 77  ? 2.894   -1.660  0.384   0.46 9.83  ? 83  ASP   B O   1 
ATOM   669  C CB  . ASP   A 1 77  ? 5.768   -0.607  -0.452  0.46 10.30 ? 83  ASP   B CB  1 
ATOM   670  C CG  . ASP   A 1 77  ? 5.376   0.728   -1.063  0.46 10.43 ? 83  ASP   B CG  1 
ATOM   671  O OD1 . ASP   A 1 77  ? 6.267   1.631   -1.118  0.46 11.05 ? 83  ASP   B OD1 1 
ATOM   672  O OD2 . ASP   A 1 77  ? 4.202   0.852   -1.484  0.46 11.35 ? 83  ASP   B OD2 1 
ATOM   673  N N   . LEU   A 1 78  ? 3.157   0.458   1.206   1.00 10.35 ? 84  LEU   B N   1 
ATOM   674  C CA  . LEU   A 1 78  ? 1.735   0.818   1.360   1.00 10.61 ? 84  LEU   B CA  1 
ATOM   675  C C   . LEU   A 1 78  ? 1.506   2.217   0.818   1.00 10.22 ? 84  LEU   B C   1 
ATOM   676  O O   . LEU   A 1 78  ? 2.349   3.111   1.010   1.00 11.10 ? 84  LEU   B O   1 
ATOM   677  C CB  . LEU   A 1 78  ? 1.298   0.811   2.824   1.00 11.72 ? 84  LEU   B CB  1 
ATOM   678  C CG  . LEU   A 1 78  ? 1.188   -0.537  3.516   1.00 12.67 ? 84  LEU   B CG  1 
ATOM   679  C CD1 . LEU   A 1 78  ? 0.941   -0.329  5.010   1.00 12.92 ? 84  LEU   B CD1 1 
ATOM   680  C CD2 . LEU   A 1 78  ? 0.108   -1.348  2.864   1.00 13.66 ? 84  LEU   B CD2 1 
ATOM   681  N N   . GLY   A 1 79  ? 0.342   2.382   0.218   1.00 9.27  ? 85  GLY   B N   1 
ATOM   682  C CA  . GLY   A 1 79  ? -0.147  3.733   -0.088  1.00 10.04 ? 85  GLY   B CA  1 
ATOM   683  C C   . GLY   A 1 79  ? -1.275  3.681   -1.090  1.00 9.61  ? 85  GLY   B C   1 
ATOM   684  O O   . GLY   A 1 79  ? -2.223  2.924   -0.932  1.00 10.15 ? 85  GLY   B O   1 
ATOM   685  N N   A VAL   A 1 80  ? -1.202  4.581   -2.078  0.25 9.64  ? 86  VAL   B N   1 
ATOM   686  N N   B VAL   A 1 80  ? -1.180  4.512   -2.115  0.25 10.56 ? 86  VAL   B N   1 
ATOM   687  C CA  A VAL   A 1 80  ? -2.153  4.633   -3.228  0.25 9.42  ? 86  VAL   B CA  1 
ATOM   688  C CA  B VAL   A 1 80  ? -2.253  4.639   -3.135  0.25 10.85 ? 86  VAL   B CA  1 
ATOM   689  C C   A VAL   A 1 80  ? -1.390  4.710   -4.540  0.25 9.80  ? 86  VAL   B C   1 
ATOM   690  C C   B VAL   A 1 80  ? -1.530  4.847   -4.475  0.25 10.78 ? 86  VAL   B C   1 
ATOM   691  O O   A VAL   A 1 80  ? -0.220  5.130   -4.599  0.25 10.46 ? 86  VAL   B O   1 
ATOM   692  O O   B VAL   A 1 80  ? -0.422  5.375   -4.449  0.25 11.31 ? 86  VAL   B O   1 
ATOM   693  C CB  A VAL   A 1 80  ? -3.118  5.831   -3.193  0.25 9.37  ? 86  VAL   B CB  1 
ATOM   694  C CB  B VAL   A 1 80  ? -3.210  5.779   -2.715  0.25 12.28 ? 86  VAL   B CB  1 
ATOM   695  C CG1 A VAL   A 1 80  ? -4.083  5.666   -2.043  0.25 8.94  ? 86  VAL   B CG1 1 
ATOM   696  C CG1 B VAL   A 1 80  ? -2.529  7.140   -2.772  0.25 12.33 ? 86  VAL   B CG1 1 
ATOM   697  C CG2 A VAL   A 1 80  ? -2.373  7.160   -3.103  0.25 9.23  ? 86  VAL   B CG2 1 
ATOM   698  C CG2 B VAL   A 1 80  ? -4.509  5.769   -3.496  0.25 13.13 ? 86  VAL   B CG2 1 
ATOM   699  N N   . CYS   A 1 81  ? -2.113  4.419   -5.605  1.00 10.32 ? 87  CYS   B N   1 
ATOM   700  C CA  . CYS   A 1 81  ? -1.524  4.583   -6.925  1.00 10.84 ? 87  CYS   B CA  1 
ATOM   701  C C   . CYS   A 1 81  ? -2.612  4.905   -7.946  1.00 11.04 ? 87  CYS   B C   1 
ATOM   702  O O   . CYS   A 1 81  ? -3.788  4.657   -7.713  1.00 11.31 ? 87  CYS   B O   1 
ATOM   703  C CB  . CYS   A 1 81  ? -0.758  3.315   -7.316  1.00 12.57 ? 87  CYS   B CB  1 
ATOM   704  S SG  . CYS   A 1 81  ? -1.765  1.827   -7.590  1.00 12.89 ? 87  CYS   B SG  1 
ATOM   705  N N   A ARG   A 1 82  ? -2.160  5.404   -9.085  0.25 11.45 ? 88  ARG   B N   1 
ATOM   706  N N   B ARG   A 1 82  ? -2.174  5.424   -9.082  0.25 11.79 ? 88  ARG   B N   1 
ATOM   707  C CA  A ARG   A 1 82  ? -3.063  5.579   -10.248 0.25 12.04 ? 88  ARG   B CA  1 
ATOM   708  C CA  B ARG   A 1 82  ? -3.088  5.687   -10.222 0.25 12.56 ? 88  ARG   B CA  1 
ATOM   709  C C   A ARG   A 1 82  ? -3.651  4.239   -10.669 0.25 11.77 ? 88  ARG   B C   1 
ATOM   710  C C   B ARG   A 1 82  ? -3.562  4.350   -10.822 0.25 12.39 ? 88  ARG   B C   1 
ATOM   711  O O   A ARG   A 1 82  ? -3.006  3.197   -10.583 0.25 10.72 ? 88  ARG   B O   1 
ATOM   712  O O   B ARG   A 1 82  ? -2.720  3.403   -10.973 0.25 12.23 ? 88  ARG   B O   1 
ATOM   713  C CB  A ARG   A 1 82  ? -2.301  6.148   -11.438 0.25 12.87 ? 88  ARG   B CB  1 
ATOM   714  C CB  B ARG   A 1 82  ? -2.331  6.554   -11.232 0.25 13.71 ? 88  ARG   B CB  1 
ATOM   715  C CG  A ARG   A 1 82  ? -1.659  7.475   -11.104 0.25 13.34 ? 88  ARG   B CG  1 
ATOM   716  C CG  B ARG   A 1 82  ? -3.201  7.127   -12.339 0.25 14.19 ? 88  ARG   B CG  1 
ATOM   717  C CD  A ARG   A 1 82  ? -1.309  8.255   -12.343 0.25 14.31 ? 88  ARG   B CD  1 
ATOM   718  C CD  B ARG   A 1 82  ? -2.372  7.819   -13.394 0.25 14.19 ? 88  ARG   B CD  1 
ATOM   719  N NE  A ARG   A 1 82  ? -0.657  9.500   -11.970 0.25 13.89 ? 88  ARG   B NE  1 
ATOM   720  N NE  B ARG   A 1 82  ? -1.578  8.872   -12.808 0.25 14.83 ? 88  ARG   B NE  1 
ATOM   721  C CZ  A ARG   A 1 82  ? 0.522   9.870   -12.438 0.25 14.60 ? 88  ARG   B CZ  1 
ATOM   722  C CZ  B ARG   A 1 82  ? -0.260  8.999   -12.937 0.25 14.74 ? 88  ARG   B CZ  1 
ATOM   723  N NH1 A ARG   A 1 82  ? 1.165   9.080   -13.280 0.25 15.05 ? 88  ARG   B NH1 1 
ATOM   724  N NH1 B ARG   A 1 82  ? 0.422   8.170   -13.696 0.25 15.78 ? 88  ARG   B NH1 1 
ATOM   725  N NH2 A ARG   A 1 82  ? 1.040   11.026  -12.068 0.25 16.02 ? 88  ARG   B NH2 1 
ATOM   726  N NH2 B ARG   A 1 82  ? 0.361   9.997   -12.334 0.25 14.31 ? 88  ARG   B NH2 1 
ATOM   727  N N   . ASP   A 1 83  ? -4.847  4.271   -11.216 1.00 12.83 ? 89  ASP   B N   1 
ATOM   728  C CA  . ASP   A 1 83  ? -5.420  3.043   -11.802 1.00 14.15 ? 89  ASP   B CA  1 
ATOM   729  C C   . ASP   A 1 83  ? -4.592  2.630   -13.016 1.00 14.65 ? 89  ASP   B C   1 
ATOM   730  O O   . ASP   A 1 83  ? -4.639  1.406   -13.312 1.00 17.93 ? 89  ASP   B O   1 
ATOM   731  C CB  . ASP   A 1 83  ? -6.890  3.279   -12.149 1.00 15.82 ? 89  ASP   B CB  1 
ATOM   732  C CG  . ASP   A 1 83  ? -7.211  4.252   -13.249 1.00 20.67 ? 89  ASP   B CG  1 
ATOM   733  O OD1 . ASP   A 1 83  ? -6.292  4.929   -13.772 1.00 27.45 ? 89  ASP   B OD1 1 
ATOM   734  O OD2 . ASP   A 1 83  ? -8.407  4.241   -13.635 1.00 26.45 ? 89  ASP   B OD2 1 
ATOM   735  N N   . SER   A 1 84  ? -3.869  3.522   -13.679 1.00 14.08 ? 90  SER   B N   1 
ATOM   736  C CA  . SER   A 1 84  ? -3.144  3.295   -14.944 1.00 15.89 ? 90  SER   B CA  1 
ATOM   737  C C   . SER   A 1 84  ? -1.672  2.847   -14.731 1.00 14.44 ? 90  SER   B C   1 
ATOM   738  O O   . SER   A 1 84  ? -0.926  2.827   -15.686 1.00 15.09 ? 90  SER   B O   1 
ATOM   739  C CB  . SER   A 1 84  ? -3.262  4.582   -15.789 1.00 16.30 ? 90  SER   B CB  1 
ATOM   740  O OG  . SER   A 1 84  ? -2.734  5.664   -15.152 1.00 18.40 ? 90  SER   B OG  1 
ATOM   741  N N   . VAL   A 1 85  ? -1.229  2.627   -13.484 1.00 13.46 ? 91  VAL   B N   1 
ATOM   742  C CA  . VAL   A 1 85  ? 0.191   2.208   -13.275 1.00 13.30 ? 91  VAL   B CA  1 
ATOM   743  C C   . VAL   A 1 85  ? 0.567   0.951   -14.088 1.00 13.41 ? 91  VAL   B C   1 
ATOM   744  O O   . VAL   A 1 85  ? -0.261  0.043   -14.257 1.00 14.47 ? 91  VAL   B O   1 
ATOM   745  C CB  . VAL   A 1 85  ? 0.588   2.028   -11.784 1.00 13.10 ? 91  VAL   B CB  1 
ATOM   746  C CG1 . VAL   A 1 85  ? 0.502   3.346   -11.027 1.00 13.21 ? 91  VAL   B CG1 1 
ATOM   747  C CG2 . VAL   A 1 85  ? -0.163  0.931   -11.117 1.00 13.16 ? 91  VAL   B CG2 1 
ATOM   748  N N   . GLN   A 1 86  ? 1.816   0.960   -14.520 1.00 13.78 ? 92  GLN   B N   1 
ATOM   749  C CA  . GLN   A 1 86  ? 2.482   -0.246  -15.117 1.00 15.67 ? 92  GLN   B CA  1 
ATOM   750  C C   . GLN   A 1 86  ? 2.292   -1.466  -14.201 1.00 15.20 ? 92  GLN   B C   1 
ATOM   751  O O   . GLN   A 1 86  ? 2.492   -1.381  -12.989 1.00 15.05 ? 92  GLN   B O   1 
ATOM   752  C CB  . GLN   A 1 86  ? 3.958   0.103   -15.316 1.00 17.50 ? 92  GLN   B CB  1 
ATOM   753  C CG  . GLN   A 1 86  ? 4.849   -1.007  -15.889 1.00 20.58 ? 92  GLN   B CG  1 
ATOM   754  C CD  . GLN   A 1 86  ? 6.313   -0.576  -15.917 1.00 24.33 ? 92  GLN   B CD  1 
ATOM   755  O OE1 . GLN   A 1 86  ? 6.662   0.619   -15.817 1.00 25.36 ? 92  GLN   B OE1 1 
ATOM   756  N NE2 . GLN   A 1 86  ? 7.235   -1.530  -16.065 1.00 25.93 ? 92  GLN   B NE2 1 
ATOM   757  N N   . ARG   A 1 87  ? 1.952   -2.614  -14.792 1.00 13.95 ? 93  ARG   B N   1 
ATOM   758  C CA  . ARG   A 1 87  ? 1.777   -3.899  -14.055 1.00 13.05 ? 93  ARG   B CA  1 
ATOM   759  C C   . ARG   A 1 87  ? 2.925   -4.857  -14.351 1.00 14.13 ? 93  ARG   B C   1 
ATOM   760  O O   . ARG   A 1 87  ? 3.224   -5.695  -13.487 1.00 14.34 ? 93  ARG   B O   1 
ATOM   761  C CB  . ARG   A 1 87  ? 0.476   -4.594  -14.409 1.00 14.22 ? 93  ARG   B CB  1 
ATOM   762  C CG  . ARG   A 1 87  ? -0.768  -3.717  -14.331 1.00 13.85 ? 93  ARG   B CG  1 
ATOM   763  C CD  . ARG   A 1 87  ? -0.902  -3.120  -12.922 1.00 14.36 ? 93  ARG   B CD  1 
ATOM   764  N NE  . ARG   A 1 87  ? -1.966  -2.104  -12.920 1.00 15.13 ? 93  ARG   B NE  1 
ATOM   765  C CZ  . ARG   A 1 87  ? -3.255  -2.339  -12.740 1.00 14.53 ? 93  ARG   B CZ  1 
ATOM   766  N NH1 . ARG   A 1 87  ? -3.678  -3.561  -12.520 1.00 16.77 ? 93  ARG   B NH1 1 
ATOM   767  N NH2 . ARG   A 1 87  ? -4.136  -1.363  -12.834 1.00 17.44 ? 93  ARG   B NH2 1 
ATOM   768  N N   . LYS   A 1 88  ? 3.573   -4.753  -15.502 1.00 14.31 ? 94  LYS   B N   1 
ATOM   769  C CA  . LYS   A 1 88  ? 4.539   -5.781  -15.977 1.00 14.47 ? 94  LYS   B CA  1 
ATOM   770  C C   . LYS   A 1 88  ? 5.960   -5.256  -15.964 1.00 17.37 ? 94  LYS   B C   1 
ATOM   771  O O   . LYS   A 1 88  ? 6.164   -4.068  -16.313 1.00 18.72 ? 94  LYS   B O   1 
ATOM   772  C CB  . LYS   A 1 88  ? 4.122   -6.248  -17.380 1.00 14.69 ? 94  LYS   B CB  1 
ATOM   773  C CG  . LYS   A 1 88  ? 2.693   -6.688  -17.543 1.00 16.31 ? 94  LYS   B CG  1 
ATOM   774  C CD  . LYS   A 1 88  ? 2.273   -7.804  -16.606 1.00 17.95 ? 94  LYS   B CD  1 
ATOM   775  C CE  . LYS   A 1 88  ? 0.868   -8.250  -16.913 1.00 17.99 ? 94  LYS   B CE  1 
ATOM   776  N NZ  . LYS   A 1 88  ? 0.386   -9.305  -15.971 1.00 17.30 ? 94  LYS   B NZ  1 
ATOM   777  N N   . GLY   A 1 89  ? 6.924   -6.084  -15.625 1.00 17.49 ? 95  GLY   B N   1 
ATOM   778  C CA  . GLY   A 1 89  ? 8.327   -5.672  -15.645 1.00 17.21 ? 95  GLY   B CA  1 
ATOM   779  C C   . GLY   A 1 89  ? 8.760   -4.926  -14.393 1.00 20.02 ? 95  GLY   B C   1 
ATOM   780  O O   . GLY   A 1 89  ? 7.971   -4.904  -13.379 1.00 18.37 ? 95  GLY   B O   1 
ATOM   781  N N   . GLN   A 1 90  ? 9.939   -4.305  -14.460 1.00 19.26 ? 96  GLN   B N   1 
ATOM   782  C CA  . GLN   A 1 90  ? 10.578  -3.590  -13.342 1.00 21.04 ? 96  GLN   B CA  1 
ATOM   783  C C   . GLN   A 1 90  ? 10.204  -2.110  -13.412 1.00 19.38 ? 96  GLN   B C   1 
ATOM   784  O O   . GLN   A 1 90  ? 9.983   -1.568  -14.519 1.00 21.05 ? 96  GLN   B O   1 
ATOM   785  C CB  . GLN   A 1 90  ? 12.097  -3.800  -13.383 1.00 26.49 ? 96  GLN   B CB  1 
ATOM   786  C CG  . GLN   A 1 90  ? 12.431  -5.258  -13.139 1.00 33.59 ? 96  GLN   B CG  1 
ATOM   787  C CD  . GLN   A 1 90  ? 13.873  -5.515  -12.807 1.00 43.23 ? 96  GLN   B CD  1 
ATOM   788  O OE1 . GLN   A 1 90  ? 14.303  -5.350  -11.666 1.00 48.97 ? 96  GLN   B OE1 1 
ATOM   789  N NE2 . GLN   A 1 90  ? 14.601  -5.999  -13.799 1.00 49.30 ? 96  GLN   B NE2 1 
ATOM   790  N N   . PHE   A 1 91  ? 10.025  -1.519  -12.234 1.00 17.50 ? 97  PHE   B N   1 
ATOM   791  C CA  . PHE   A 1 91  ? 9.728   -0.080  -12.075 1.00 16.82 ? 97  PHE   B CA  1 
ATOM   792  C C   . PHE   A 1 91  ? 9.997   0.338   -10.638 1.00 16.43 ? 97  PHE   B C   1 
ATOM   793  O O   . PHE   A 1 91  ? 9.992   -0.488  -9.735  1.00 17.52 ? 97  PHE   B O   1 
ATOM   794  C CB  . PHE   A 1 91  ? 8.287   0.249   -12.472 1.00 16.41 ? 97  PHE   B CB  1 
ATOM   795  C CG  . PHE   A 1 91  ? 7.265   -0.586  -11.739 1.00 16.44 ? 97  PHE   B CG  1 
ATOM   796  C CD1 . PHE   A 1 91  ? 6.732   -0.153  -10.523 1.00 15.88 ? 97  PHE   B CD1 1 
ATOM   797  C CD2 . PHE   A 1 91  ? 6.738   -1.745  -12.289 1.00 16.43 ? 97  PHE   B CD2 1 
ATOM   798  C CE1 . PHE   A 1 91  ? 5.772   -0.897  -9.855  1.00 14.85 ? 97  PHE   B CE1 1 
ATOM   799  C CE2 . PHE   A 1 91  ? 5.758   -2.459  -11.623 1.00 15.30 ? 97  PHE   B CE2 1 
ATOM   800  C CZ  . PHE   A 1 91  ? 5.274   -2.036  -10.411 1.00 16.16 ? 97  PHE   B CZ  1 
ATOM   801  N N   A SER   A 1 92  ? 10.255  1.629   -10.414 0.23 17.71 ? 98  SER   B N   1 
ATOM   802  N N   B SER   A 1 92  ? 10.217  1.639   -10.449 0.23 16.49 ? 98  SER   B N   1 
ATOM   803  C CA  A SER   A 1 92  ? 10.419  2.179   -9.047  0.23 18.39 ? 98  SER   B CA  1 
ATOM   804  C CA  B SER   A 1 92  ? 10.382  2.263   -9.116  0.23 16.48 ? 98  SER   B CA  1 
ATOM   805  C C   A SER   A 1 92  ? 9.082   2.769   -8.586  0.23 17.01 ? 98  SER   B C   1 
ATOM   806  C C   B SER   A 1 92  ? 9.015   2.728   -8.602  0.23 15.74 ? 98  SER   B C   1 
ATOM   807  O O   A SER   A 1 92  ? 8.331   3.310   -9.436  0.23 17.22 ? 98  SER   B O   1 
ATOM   808  O O   B SER   A 1 92  ? 8.156   3.138   -9.438  0.23 15.74 ? 98  SER   B O   1 
ATOM   809  C CB  A SER   A 1 92  ? 11.515  3.197   -8.965  0.23 20.75 ? 98  SER   B CB  1 
ATOM   810  C CB  B SER   A 1 92  ? 11.356  3.401   -9.159  0.23 17.29 ? 98  SER   B CB  1 
ATOM   811  O OG  A SER   A 1 92  ? 11.291  4.237   -9.900  0.23 24.64 ? 98  SER   B OG  1 
ATOM   812  O OG  B SER   A 1 92  ? 12.662  2.924   -9.459  0.23 17.78 ? 98  SER   B OG  1 
ATOM   813  N N   . LEU   A 1 93  ? 8.826   2.679   -7.283  1.00 15.66 ? 99  LEU   B N   1 
ATOM   814  C CA  . LEU   A 1 93  ? 7.635   3.278   -6.647  1.00 17.51 ? 99  LEU   B CA  1 
ATOM   815  C C   . LEU   A 1 93  ? 7.905   4.768   -6.470  1.00 18.92 ? 99  LEU   B C   1 
ATOM   816  O O   . LEU   A 1 93  ? 8.623   5.155   -5.530  1.00 21.31 ? 99  LEU   B O   1 
ATOM   817  C CB  . LEU   A 1 93  ? 7.336   2.563   -5.339  1.00 18.09 ? 99  LEU   B CB  1 
ATOM   818  C CG  . LEU   A 1 93  ? 6.999   1.093   -5.495  1.00 17.80 ? 99  LEU   B CG  1 
ATOM   819  C CD1 . LEU   A 1 93  ? 6.819   0.444   -4.139  1.00 19.85 ? 99  LEU   B CD1 1 
ATOM   820  C CD2 . LEU   A 1 93  ? 5.729   0.894   -6.343  1.00 19.66 ? 99  LEU   B CD2 1 
ATOM   821  N N   . SER   A 1 94  ? 7.370   5.624   -7.345  1.00 16.16 ? 100 SER   B N   1 
ATOM   822  C CA  . SER   A 1 94  ? 7.619   7.076   -7.332  1.00 16.46 ? 100 SER   B CA  1 
ATOM   823  C C   . SER   A 1 94  ? 6.370   7.788   -7.818  1.00 14.58 ? 100 SER   B C   1 
ATOM   824  O O   . SER   A 1 94  ? 5.607   7.226   -8.609  1.00 13.22 ? 100 SER   B O   1 
ATOM   825  C CB  . SER   A 1 94  ? 8.786   7.473   -8.201  1.00 19.95 ? 100 SER   B CB  1 
ATOM   826  O OG  . SER   A 1 94  ? 8.485   7.199   -9.550  1.00 23.78 ? 100 SER   B OG  1 
ATOM   827  N N   . PRO   A 1 95  ? 6.186   9.060   -7.478  1.00 13.41 ? 101 PRO   B N   1 
ATOM   828  C CA  . PRO   A 1 95  ? 5.051   9.825   -7.987  1.00 14.32 ? 101 PRO   B CA  1 
ATOM   829  C C   . PRO   A 1 95  ? 5.136   9.967   -9.511  1.00 14.73 ? 101 PRO   B C   1 
ATOM   830  O O   . PRO   A 1 95  ? 4.063   9.915   -10.164 1.00 14.89 ? 101 PRO   B O   1 
ATOM   831  C CB  . PRO   A 1 95  ? 5.126   11.205  -7.313  1.00 14.46 ? 101 PRO   B CB  1 
ATOM   832  C CG  . PRO   A 1 95  ? 5.863   10.864  -5.996  1.00 15.59 ? 101 PRO   B CG  1 
ATOM   833  C CD  . PRO   A 1 95  ? 6.859   9.796   -6.399  1.00 14.81 ? 101 PRO   B CD  1 
ATOM   834  N N   . GLU   A 1 96  ? 6.354   10.021  -10.075 1.00 16.08 ? 102 GLU   B N   1 
ATOM   835  C CA  . GLU   A 1 96  ? 6.472   10.083  -11.552 1.00 19.11 ? 102 GLU   B CA  1 
ATOM   836  C C   . GLU   A 1 96  ? 5.841   8.843   -12.196 1.00 18.09 ? 102 GLU   B C   1 
ATOM   837  O O   . GLU   A 1 96  ? 5.358   8.919   -13.328 1.00 19.54 ? 102 GLU   B O   1 
ATOM   838  C CB  . GLU   A 1 96  ? 7.944   10.234  -11.912 1.00 24.87 ? 102 GLU   B CB  1 
ATOM   839  C CG  . GLU   A 1 96  ? 8.549   11.507  -11.344 1.00 34.84 ? 102 GLU   B CG  1 
ATOM   840  C CD  . GLU   A 1 96  ? 9.368   11.418  -10.053 1.00 41.11 ? 102 GLU   B CD  1 
ATOM   841  O OE1 . GLU   A 1 96  ? 8.817   11.057  -8.954  1.00 27.49 ? 102 GLU   B OE1 1 
ATOM   842  O OE2 . GLU   A 1 96  ? 10.576  11.766  -10.137 1.00 48.94 ? 102 GLU   B OE2 1 
ATOM   843  N N   . ASN   A 1 97  ? 5.912   7.678   -11.548 1.00 15.53 ? 103 ASN   B N   1 
ATOM   844  C CA  . ASN   A 1 97  ? 5.335   6.428   -12.083 1.00 15.01 ? 103 ASN   B CA  1 
ATOM   845  C C   . ASN   A 1 97  ? 3.908   6.211   -11.564 1.00 13.95 ? 103 ASN   B C   1 
ATOM   846  O O   . ASN   A 1 97  ? 3.316   5.188   -11.911 1.00 14.96 ? 103 ASN   B O   1 
ATOM   847  C CB  . ASN   A 1 97  ? 6.211   5.225   -11.741 1.00 16.27 ? 103 ASN   B CB  1 
ATOM   848  C CG  . ASN   A 1 97  ? 7.508   5.173   -12.515 1.00 18.18 ? 103 ASN   B CG  1 
ATOM   849  O OD1 . ASN   A 1 97  ? 7.633   5.753   -13.590 1.00 21.65 ? 103 ASN   B OD1 1 
ATOM   850  N ND2 . ASN   A 1 97  ? 8.494   4.474   -11.960 1.00 19.55 ? 103 ASN   B ND2 1 
ATOM   851  N N   . GLY   A 1 98  ? 3.337   7.160   -10.821 1.00 12.48 ? 104 GLY   B N   1 
ATOM   852  C CA  . GLY   A 1 98  ? 1.954   7.050   -10.354 1.00 11.28 ? 104 GLY   B CA  1 
ATOM   853  C C   . GLY   A 1 98  ? 1.722   6.386   -9.004  1.00 10.44 ? 104 GLY   B C   1 
ATOM   854  O O   . GLY   A 1 98  ? 0.634   5.900   -8.759  1.00 11.52 ? 104 GLY   B O   1 
ATOM   855  N N   . PHE   A 1 99  ? 2.733   6.439   -8.111  1.00 10.64 ? 105 PHE   B N   1 
ATOM   856  C CA  . PHE   A 1 99  ? 2.627   5.826   -6.759  1.00 11.02 ? 105 PHE   B CA  1 
ATOM   857  C C   . PHE   A 1 99  ? 2.917   6.866   -5.676  1.00 10.08 ? 105 PHE   B C   1 
ATOM   858  O O   . PHE   A 1 99  ? 3.977   7.572   -5.824  1.00 12.35 ? 105 PHE   B O   1 
ATOM   859  C CB  . PHE   A 1 99  ? 3.632   4.666   -6.611  1.00 11.39 ? 105 PHE   B CB  1 
ATOM   860  C CG  . PHE   A 1 99  ? 3.460   3.531   -7.591  1.00 11.20 ? 105 PHE   B CG  1 
ATOM   861  C CD1 . PHE   A 1 99  ? 4.111   3.541   -8.804  1.00 11.25 ? 105 PHE   B CD1 1 
ATOM   862  C CD2 . PHE   A 1 99  ? 2.671   2.449   -7.268  1.00 11.20 ? 105 PHE   B CD2 1 
ATOM   863  C CE1 . PHE   A 1 99  ? 3.966   2.476   -9.690  1.00 12.57 ? 105 PHE   B CE1 1 
ATOM   864  C CE2 . PHE   A 1 99  ? 2.520   1.395   -8.144  1.00 11.99 ? 105 PHE   B CE2 1 
ATOM   865  C CZ  . PHE   A 1 99  ? 3.168   1.418   -9.343  1.00 12.00 ? 105 PHE   B CZ  1 
ATOM   866  N N   . TRP   A 1 100 ? 2.131   6.856   -4.610  1.00 9.63  ? 106 TRP   B N   1 
ATOM   867  C CA  . TRP   A 1 100 ? 2.344   7.676   -3.407  1.00 10.35 ? 106 TRP   B CA  1 
ATOM   868  C C   . TRP   A 1 100 ? 2.367   6.701   -2.237  1.00 9.97  ? 106 TRP   B C   1 
ATOM   869  O O   . TRP   A 1 100 ? 1.303   6.300   -1.751  1.00 10.58 ? 106 TRP   B O   1 
ATOM   870  C CB  . TRP   A 1 100 ? 1.295   8.796   -3.274  1.00 10.38 ? 106 TRP   B CB  1 
ATOM   871  C CG  . TRP   A 1 100 ? 1.341   9.751   -4.432  1.00 10.47 ? 106 TRP   B CG  1 
ATOM   872  C CD1 . TRP   A 1 100 ? 2.039   10.925  -4.511  1.00 12.37 ? 106 TRP   B CD1 1 
ATOM   873  C CD2 . TRP   A 1 100 ? 0.703   9.571   -5.720  1.00 10.70 ? 106 TRP   B CD2 1 
ATOM   874  N NE1 . TRP   A 1 100 ? 1.879   11.467  -5.770  1.00 11.91 ? 106 TRP   B NE1 1 
ATOM   875  C CE2 . TRP   A 1 100 ? 1.074   10.672  -6.523  1.00 12.07 ? 106 TRP   B CE2 1 
ATOM   876  C CE3 . TRP   A 1 100 ? -0.137  8.601   -6.250  1.00 11.57 ? 106 TRP   B CE3 1 
ATOM   877  C CZ2 . TRP   A 1 100 ? 0.665   10.773  -7.856  1.00 12.37 ? 106 TRP   B CZ2 1 
ATOM   878  C CZ3 . TRP   A 1 100 ? -0.550  8.722   -7.562  1.00 12.92 ? 106 TRP   B CZ3 1 
ATOM   879  C CH2 . TRP   A 1 100 ? -0.166  9.798   -8.334  1.00 13.56 ? 106 TRP   B CH2 1 
ATOM   880  N N   . THR   A 1 101 ? 3.576   6.351   -1.819  1.00 10.71 ? 107 THR   B N   1 
ATOM   881  C CA  . THR   A 1 101 ? 3.790   5.167   -0.929  1.00 10.50 ? 107 THR   B CA  1 
ATOM   882  C C   . THR   A 1 101 ? 4.890   5.469   0.104   1.00 10.08 ? 107 THR   B C   1 
ATOM   883  O O   . THR   A 1 101 ? 5.785   6.292   -0.132  1.00 10.71 ? 107 THR   B O   1 
ATOM   884  C CB  . THR   A 1 101 ? 4.147   3.890   -1.689  1.00 11.44 ? 107 THR   B CB  1 
ATOM   885  O OG1 . THR   A 1 101 ? 5.383   4.036   -2.333  1.00 12.42 ? 107 THR   B OG1 1 
ATOM   886  C CG2 . THR   A 1 101 ? 3.037   3.545   -2.686  1.00 11.72 ? 107 THR   B CG2 1 
ATOM   887  N N   . ILE   A 1 102 ? 4.863   4.645   1.163   1.00 11.00 ? 108 ILE   B N   1 
ATOM   888  C CA  . ILE   A 1 102 ? 6.015   4.494   2.116   1.00 10.44 ? 108 ILE   B CA  1 
ATOM   889  C C   . ILE   A 1 102 ? 6.357   3.018   2.199   1.00 10.82 ? 108 ILE   B C   1 
ATOM   890  O O   . ILE   A 1 102 ? 5.491   2.160   1.861   1.00 10.58 ? 108 ILE   B O   1 
ATOM   891  C CB  . ILE   A 1 102 ? 5.773   5.119   3.499   1.00 10.12 ? 108 ILE   B CB  1 
ATOM   892  C CG1 . ILE   A 1 102 ? 4.717   4.376   4.306   1.00 10.80 ? 108 ILE   B CG1 1 
ATOM   893  C CG2 . ILE   A 1 102 ? 5.393   6.580   3.367   1.00 10.56 ? 108 ILE   B CG2 1 
ATOM   894  C CD1 . ILE   A 1 102 ? 4.537   4.781   5.744   1.00 11.50 ? 108 ILE   B CD1 1 
ATOM   895  N N   . TRP   A 1 103 ? 7.541   2.726   2.686   1.00 10.11 ? 109 TRP   B N   1 
ATOM   896  C CA  . TRP   A 1 103 ? 7.959   1.318   2.798   1.00 10.32 ? 109 TRP   B CA  1 
ATOM   897  C C   . TRP   A 1 103 ? 8.862   1.126   3.994   1.00 11.28 ? 109 TRP   B C   1 
ATOM   898  O O   . TRP   A 1 103 ? 9.509   2.050   4.540   1.00 11.56 ? 109 TRP   B O   1 
ATOM   899  C CB  . TRP   A 1 103 ? 8.617   0.824   1.533   1.00 13.03 ? 109 TRP   B CB  1 
ATOM   900  C CG  . TRP   A 1 103 ? 9.914   1.425   1.123   1.00 12.93 ? 109 TRP   B CG  1 
ATOM   901  C CD1 . TRP   A 1 103 ? 11.112  1.263   1.758   1.00 13.60 ? 109 TRP   B CD1 1 
ATOM   902  C CD2 . TRP   A 1 103 ? 10.185  2.131   -0.079  1.00 13.94 ? 109 TRP   B CD2 1 
ATOM   903  N NE1 . TRP   A 1 103 ? 12.119  1.794   1.008   1.00 15.15 ? 109 TRP   B NE1 1 
ATOM   904  C CE2 . TRP   A 1 103 ? 11.576  2.335   -0.121  1.00 14.08 ? 109 TRP   B CE2 1 
ATOM   905  C CE3 . TRP   A 1 103 ? 9.413   2.559   -1.158  1.00 14.72 ? 109 TRP   B CE3 1 
ATOM   906  C CZ2 . TRP   A 1 103 ? 12.209  2.990   -1.174  1.00 16.71 ? 109 TRP   B CZ2 1 
ATOM   907  C CZ3 . TRP   A 1 103 ? 10.041  3.215   -2.186  1.00 16.14 ? 109 TRP   B CZ3 1 
ATOM   908  C CH2 . TRP   A 1 103 ? 11.401  3.418   -2.189  1.00 16.95 ? 109 TRP   B CH2 1 
ATOM   909  N N   . LEU   A 1 104 ? 8.930   -0.155  4.405   1.00 10.33 ? 110 LEU   B N   1 
ATOM   910  C CA  . LEU   A 1 104 ? 9.973   -0.704  5.303   1.00 11.19 ? 110 LEU   B CA  1 
ATOM   911  C C   . LEU   A 1 104 ? 10.863  -1.623  4.493   1.00 10.59 ? 110 LEU   B C   1 
ATOM   912  O O   . LEU   A 1 104 ? 10.365  -2.477  3.767   1.00 10.48 ? 110 LEU   B O   1 
ATOM   913  C CB  . LEU   A 1 104 ? 9.333   -1.509  6.423   1.00 11.17 ? 110 LEU   B CB  1 
ATOM   914  C CG  . LEU   A 1 104 ? 10.313  -2.283  7.329   1.00 11.91 ? 110 LEU   B CG  1 
ATOM   915  C CD1 . LEU   A 1 104 ? 11.290  -1.363  8.061   1.00 12.75 ? 110 LEU   B CD1 1 
ATOM   916  C CD2 . LEU   A 1 104 ? 9.565   -3.116  8.320   1.00 13.77 ? 110 LEU   B CD2 1 
ATOM   917  N N   . TRP   A 1 105 ? 12.186  -1.434  4.621   1.00 11.69 ? 111 TRP   B N   1 
ATOM   918  C CA  . TRP   A 1 105 ? 13.155  -2.279  3.910   1.00 12.16 ? 111 TRP   B CA  1 
ATOM   919  C C   . TRP   A 1 105 ? 14.447  -2.244  4.688   1.00 14.61 ? 111 TRP   B C   1 
ATOM   920  O O   . TRP   A 1 105 ? 14.958  -1.168  4.970   1.00 14.91 ? 111 TRP   B O   1 
ATOM   921  C CB  . TRP   A 1 105 ? 13.357  -1.704  2.524   1.00 16.34 ? 111 TRP   B CB  1 
ATOM   922  C CG  . TRP   A 1 105 ? 14.478  -2.278  1.769   1.00 19.62 ? 111 TRP   B CG  1 
ATOM   923  C CD1 . TRP   A 1 105 ? 15.693  -1.729  1.422   1.00 20.92 ? 111 TRP   B CD1 1 
ATOM   924  C CD2 . TRP   A 1 105 ? 14.448  -3.598  1.250   1.00 19.37 ? 111 TRP   B CD2 1 
ATOM   925  N NE1 . TRP   A 1 105 ? 16.400  -2.628  0.696   1.00 20.68 ? 111 TRP   B NE1 1 
ATOM   926  C CE2 . TRP   A 1 105 ? 15.666  -3.787  0.581   1.00 17.95 ? 111 TRP   B CE2 1 
ATOM   927  C CE3 . TRP   A 1 105 ? 13.500  -4.626  1.235   1.00 19.88 ? 111 TRP   B CE3 1 
ATOM   928  C CZ2 . TRP   A 1 105 ? 15.987  -4.960  -0.094  1.00 23.74 ? 111 TRP   B CZ2 1 
ATOM   929  C CZ3 . TRP   A 1 105 ? 13.826  -5.800  0.595   1.00 23.70 ? 111 TRP   B CZ3 1 
ATOM   930  C CH2 . TRP   A 1 105 ? 15.059  -5.979  -0.030  1.00 22.92 ? 111 TRP   B CH2 1 
ATOM   931  N N   . GLN   A 1 106 ? 14.993  -3.424  5.032   1.00 13.55 ? 112 GLN   B N   1 
ATOM   932  C CA  . GLN   A 1 106 ? 16.331  -3.501  5.698   1.00 13.53 ? 112 GLN   B CA  1 
ATOM   933  C C   . GLN   A 1 106 ? 16.388  -2.549  6.862   1.00 14.95 ? 112 GLN   B C   1 
ATOM   934  O O   . GLN   A 1 106 ? 17.418  -1.789  7.008   1.00 15.73 ? 112 GLN   B O   1 
ATOM   935  C CB  . GLN   A 1 106 ? 17.435  -3.274  4.665   1.00 15.32 ? 112 GLN   B CB  1 
ATOM   936  C CG  . GLN   A 1 106 ? 17.403  -4.335  3.589   1.00 16.25 ? 112 GLN   B CG  1 
ATOM   937  C CD  . GLN   A 1 106 ? 18.610  -4.388  2.695   1.00 19.57 ? 112 GLN   B CD  1 
ATOM   938  O OE1 . GLN   A 1 106 ? 18.803  -5.368  1.945   1.00 24.48 ? 112 GLN   B OE1 1 
ATOM   939  N NE2 . GLN   A 1 106 ? 19.387  -3.316  2.733   1.00 17.39 ? 112 GLN   B NE2 1 
ATOM   940  N N   . ASP   A 1 107 ? 15.423  -2.642  7.751   1.00 15.42 ? 113 ASP   B N   1 
ATOM   941  C CA  . ASP   A 1 107 ? 15.439  -1.981  9.062   1.00 18.55 ? 113 ASP   B CA  1 
ATOM   942  C C   . ASP   A 1 107 ? 15.375  -0.447  8.941   1.00 19.28 ? 113 ASP   B C   1 
ATOM   943  O O   . ASP   A 1 107 ? 15.592  0.210   10.004  1.00 26.35 ? 113 ASP   B O   1 
ATOM   944  C CB  . ASP   A 1 107 ? 16.724  -2.379  9.797   1.00 21.70 ? 113 ASP   B CB  1 
ATOM   945  C CG  . ASP   A 1 107 ? 16.681  -2.197  11.275  1.00 27.49 ? 113 ASP   B CG  1 
ATOM   946  O OD1 . ASP   A 1 107 ? 15.594  -2.392  11.885  1.00 30.77 ? 113 ASP   B OD1 1 
ATOM   947  O OD2 . ASP   A 1 107 ? 17.765  -1.906  11.834  1.00 33.85 ? 113 ASP   B OD2 1 
ATOM   948  N N   . SER   A 1 108 ? 14.971  0.096   7.789   1.00 16.01 ? 114 SER   B N   1 
ATOM   949  C CA  . SER   A 1 108 ? 14.737  1.565   7.629   1.00 17.08 ? 114 SER   B CA  1 
ATOM   950  C C   . SER   A 1 108 ? 13.379  1.780   6.963   1.00 15.49 ? 114 SER   B C   1 
ATOM   951  O O   . SER   A 1 108 ? 12.963  1.015   6.044   1.00 15.97 ? 114 SER   B O   1 
ATOM   952  C CB  . SER   A 1 108 ? 15.901  2.233   6.984   1.00 21.42 ? 114 SER   B CB  1 
ATOM   953  O OG  . SER   A 1 108 ? 15.940  2.028   5.596   1.00 31.11 ? 114 SER   B OG  1 
ATOM   954  N N   . TYR   A 1 109 ? 12.729  2.860   7.359   1.00 13.20 ? 115 TYR   B N   1 
ATOM   955  C CA  . TYR   A 1 109 ? 11.470  3.353   6.752   1.00 12.78 ? 115 TYR   B CA  1 
ATOM   956  C C   . TYR   A 1 109 ? 11.793  4.485   5.789   1.00 12.50 ? 115 TYR   B C   1 
ATOM   957  O O   . TYR   A 1 109 ? 12.565  5.391   6.138   1.00 13.21 ? 115 TYR   B O   1 
ATOM   958  C CB  . TYR   A 1 109 ? 10.527  3.768   7.845   1.00 12.69 ? 115 TYR   B CB  1 
ATOM   959  C CG  . TYR   A 1 109 ? 10.113  2.656   8.797   1.00 13.27 ? 115 TYR   B CG  1 
ATOM   960  C CD1 . TYR   A 1 109 ? 10.773  2.478   10.000  1.00 14.56 ? 115 TYR   B CD1 1 
ATOM   961  C CD2 . TYR   A 1 109 ? 9.013   1.876   8.529   1.00 12.98 ? 115 TYR   B CD2 1 
ATOM   962  C CE1 . TYR   A 1 109 ? 10.382  1.476   10.883  1.00 14.16 ? 115 TYR   B CE1 1 
ATOM   963  C CE2 . TYR   A 1 109 ? 8.615   0.868   9.394   1.00 12.73 ? 115 TYR   B CE2 1 
ATOM   964  C CZ  . TYR   A 1 109 ? 9.310   0.676   10.574  1.00 14.28 ? 115 TYR   B CZ  1 
ATOM   965  O OH  . TYR   A 1 109 ? 8.983   -0.305  11.463  1.00 15.28 ? 115 TYR   B OH  1 
ATOM   966  N N   A GLU   A 1 110 ? 11.237  4.447   4.573   0.23 11.53 ? 116 GLU   B N   1 
ATOM   967  N N   B GLU   A 1 110 ? 11.218  4.436   4.587   0.23 12.36 ? 116 GLU   B N   1 
ATOM   968  C CA  A GLU   A 1 110 ? 11.490  5.490   3.535   0.23 11.85 ? 116 GLU   B CA  1 
ATOM   969  C CA  B GLU   A 1 110 ? 11.457  5.451   3.526   0.23 13.27 ? 116 GLU   B CA  1 
ATOM   970  C C   A GLU   A 1 110 ? 10.196  5.831   2.788   0.23 10.94 ? 116 GLU   B C   1 
ATOM   971  C C   B GLU   A 1 110 ? 10.112  5.865   2.919   0.23 11.55 ? 116 GLU   B C   1 
ATOM   972  O O   A GLU   A 1 110 ? 9.371   4.947   2.548   0.23 10.76 ? 116 GLU   B O   1 
ATOM   973  O O   B GLU   A 1 110 ? 9.148   5.066   2.963   0.23 10.72 ? 116 GLU   B O   1 
ATOM   974  C CB  A GLU   A 1 110 ? 12.563  5.040   2.544   0.23 12.29 ? 116 GLU   B CB  1 
ATOM   975  C CB  B GLU   A 1 110 ? 12.385  4.903   2.444   0.23 15.13 ? 116 GLU   B CB  1 
ATOM   976  C CG  A GLU   A 1 110 ? 13.927  4.784   3.180   0.23 13.26 ? 116 GLU   B CG  1 
ATOM   977  C CG  B GLU   A 1 110 ? 13.675  4.269   2.968   0.23 17.77 ? 116 GLU   B CG  1 
ATOM   978  C CD  A GLU   A 1 110 ? 14.964  4.147   2.264   0.23 14.05 ? 116 GLU   B CD  1 
ATOM   979  C CD  B GLU   A 1 110 ? 14.866  5.197   3.135   0.23 20.64 ? 116 GLU   B CD  1 
ATOM   980  O OE1 A GLU   A 1 110 ? 14.638  3.176   1.586   0.23 15.53 ? 116 GLU   B OE1 1 
ATOM   981  O OE1 B GLU   A 1 110 ? 14.687  6.402   2.990   0.23 23.50 ? 116 GLU   B OE1 1 
ATOM   982  O OE2 A GLU   A 1 110 ? 16.112  4.628   2.217   0.23 14.41 ? 116 GLU   B OE2 1 
ATOM   983  O OE2 B GLU   A 1 110 ? 15.982  4.689   3.404   0.23 24.77 ? 116 GLU   B OE2 1 
ATOM   984  N N   . ALA   A 1 111 ? 10.044  7.097   2.398   1.00 11.12 ? 117 ALA   B N   1 
ATOM   985  C CA  . ALA   A 1 111 ? 8.938   7.504   1.497   1.00 11.04 ? 117 ALA   B CA  1 
ATOM   986  C C   . ALA   A 1 111 ? 9.409   7.265   0.073   1.00 11.49 ? 117 ALA   B C   1 
ATOM   987  O O   . ALA   A 1 111 ? 10.573  7.589   -0.308  1.00 12.56 ? 117 ALA   B O   1 
ATOM   988  C CB  . ALA   A 1 111 ? 8.557   8.968   1.698   1.00 11.53 ? 117 ALA   B CB  1 
ATOM   989  N N   . GLY   A 1 112 ? 8.506   6.746   -0.775  1.00 11.89 ? 118 GLY   B N   1 
ATOM   990  C CA  . GLY   A 1 112 ? 8.721   6.476   -2.201  1.00 14.42 ? 118 GLY   B CA  1 
ATOM   991  C C   . GLY   A 1 112 ? 8.754   7.723   -3.041  1.00 14.32 ? 118 GLY   B C   1 
ATOM   992  O O   . GLY   A 1 112 ? 7.962   7.871   -3.947  1.00 16.46 ? 118 GLY   B O   1 
ATOM   993  N N   . THR   A 1 113 ? 9.612   8.675   -2.745  1.00 17.23 ? 119 THR   B N   1 
ATOM   994  C CA  . THR   A 1 113 ? 9.971   9.768   -3.667  1.00 17.24 ? 119 THR   B CA  1 
ATOM   995  C C   . THR   A 1 113 ? 11.089  9.317   -4.606  1.00 17.49 ? 119 THR   B C   1 
ATOM   996  O O   . THR   A 1 113 ? 11.639  8.260   -4.393  1.00 20.52 ? 119 THR   B O   1 
ATOM   997  C CB  . THR   A 1 113 ? 10.345  10.980  -2.824  1.00 14.90 ? 119 THR   B CB  1 
ATOM   998  O OG1 . THR   A 1 113 ? 11.369  10.606  -1.882  1.00 15.45 ? 119 THR   B OG1 1 
ATOM   999  C CG2 . THR   A 1 113 ? 9.211   11.561  -2.046  1.00 16.53 ? 119 THR   B CG2 1 
ATOM   1000 N N   . SER   A 1 114 ? 11.477  10.147  -5.568  1.00 21.61 ? 120 SER   B N   1 
ATOM   1001 C CA  . SER   A 1 114 ? 12.610  9.810   -6.461  1.00 25.13 ? 120 SER   B CA  1 
ATOM   1002 C C   . SER   A 1 114 ? 13.655  10.933  -6.399  1.00 24.88 ? 120 SER   B C   1 
ATOM   1003 O O   . SER   A 1 114 ? 13.408  12.051  -6.844  1.00 28.65 ? 120 SER   B O   1 
ATOM   1004 C CB  . SER   A 1 114 ? 12.114  9.571   -7.871  1.00 29.31 ? 120 SER   B CB  1 
ATOM   1005 O OG  . SER   A 1 114 ? 13.229  9.312   -8.714  1.00 34.04 ? 120 SER   B OG  1 
ATOM   1006 N N   . PRO   A 1 115 ? 14.792  10.731  -5.723  1.00 23.36 ? 121 PRO   B N   1 
ATOM   1007 C CA  . PRO   A 1 115 ? 15.127  9.512   -4.981  1.00 22.70 ? 121 PRO   B CA  1 
ATOM   1008 C C   . PRO   A 1 115 ? 14.372  9.421   -3.631  1.00 19.47 ? 121 PRO   B C   1 
ATOM   1009 O O   . PRO   A 1 115 ? 13.735  10.386  -3.231  1.00 18.66 ? 121 PRO   B O   1 
ATOM   1010 C CB  . PRO   A 1 115 ? 16.641  9.656   -4.792  1.00 26.24 ? 121 PRO   B CB  1 
ATOM   1011 C CG  . PRO   A 1 115 ? 16.849  11.156  -4.687  1.00 25.40 ? 121 PRO   B CG  1 
ATOM   1012 C CD  . PRO   A 1 115 ? 15.847  11.763  -5.641  1.00 27.81 ? 121 PRO   B CD  1 
ATOM   1013 N N   . GLN   A 1 116 ? 14.407  8.268   -2.983  1.00 18.41 ? 122 GLN   B N   1 
ATOM   1014 C CA  . GLN   A 1 116 ? 13.607  8.005   -1.756  1.00 16.46 ? 122 GLN   B CA  1 
ATOM   1015 C C   . GLN   A 1 116 ? 14.082  8.888   -0.602  1.00 15.92 ? 122 GLN   B C   1 
ATOM   1016 O O   . GLN   A 1 116 ? 15.228  9.380   -0.625  1.00 16.95 ? 122 GLN   B O   1 
ATOM   1017 C CB  . GLN   A 1 116 ? 13.557  6.509   -1.393  1.00 21.77 ? 122 GLN   B CB  1 
ATOM   1018 C CG  . GLN   A 1 116 ? 14.816  5.883   -0.821  1.00 27.49 ? 122 GLN   B CG  1 
ATOM   1019 C CD  . GLN   A 1 116 ? 15.680  5.267   -1.891  1.00 34.11 ? 122 GLN   B CD  1 
ATOM   1020 O OE1 . GLN   A 1 116 ? 15.782  5.760   -3.011  1.00 37.64 ? 122 GLN   B OE1 1 
ATOM   1021 N NE2 . GLN   A 1 116 ? 16.321  4.166   -1.536  1.00 39.51 ? 122 GLN   B NE2 1 
ATOM   1022 N N   . THR   A 1 117 ? 13.174  9.102   0.337   1.00 13.52 ? 123 THR   B N   1 
ATOM   1023 C CA  . THR   A 1 117 ? 13.342  10.000  1.494   1.00 12.86 ? 123 THR   B CA  1 
ATOM   1024 C C   . THR   A 1 117 ? 13.381  9.184   2.763   1.00 12.49 ? 123 THR   B C   1 
ATOM   1025 O O   . THR   A 1 117 ? 12.399  8.475   3.073   1.00 13.94 ? 123 THR   B O   1 
ATOM   1026 C CB  . THR   A 1 117 ? 12.253  11.087  1.508   1.00 13.17 ? 123 THR   B CB  1 
ATOM   1027 O OG1 . THR   A 1 117 ? 12.300  11.823  0.289   1.00 13.73 ? 123 THR   B OG1 1 
ATOM   1028 C CG2 . THR   A 1 117 ? 12.399  11.984  2.711   1.00 13.41 ? 123 THR   B CG2 1 
ATOM   1029 N N   . THR   A 1 118 ? 14.390  9.413   3.603   1.00 13.22 ? 124 THR   B N   1 
ATOM   1030 C CA  . THR   A 1 118 ? 14.477  8.811   4.935   1.00 13.37 ? 124 THR   B CA  1 
ATOM   1031 C C   . THR   A 1 118 ? 13.345  9.254   5.851   1.00 13.37 ? 124 THR   B C   1 
ATOM   1032 O O   . THR   A 1 118 ? 13.056  10.502  5.905   1.00 15.12 ? 124 THR   B O   1 
ATOM   1033 C CB  . THR   A 1 118 ? 15.868  9.138   5.520   1.00 16.64 ? 124 THR   B CB  1 
ATOM   1034 O OG1 . THR   A 1 118 ? 16.862  8.581   4.670   1.00 19.04 ? 124 THR   B OG1 1 
ATOM   1035 C CG2 . THR   A 1 118 ? 15.925  8.718   6.966   1.00 19.70 ? 124 THR   B CG2 1 
ATOM   1036 N N   . LEU   A 1 119 ? 12.651  8.362   6.533   1.00 12.71 ? 125 LEU   B N   1 
ATOM   1037 C CA  . LEU   A 1 119 ? 11.611  8.640   7.514   1.00 12.74 ? 125 LEU   B CA  1 
ATOM   1038 C C   . LEU   A 1 119 ? 12.248  8.527   8.909   1.00 15.55 ? 125 LEU   B C   1 
ATOM   1039 O O   . LEU   A 1 119 ? 13.284  7.859   9.037   1.00 19.47 ? 125 LEU   B O   1 
ATOM   1040 C CB  . LEU   A 1 119 ? 10.368  7.749   7.391   1.00 12.61 ? 125 LEU   B CB  1 
ATOM   1041 C CG  . LEU   A 1 119 ? 9.731   7.782   6.005   1.00 11.81 ? 125 LEU   B CG  1 
ATOM   1042 C CD1 . LEU   A 1 119 ? 8.611   6.765   5.860   1.00 12.75 ? 125 LEU   B CD1 1 
ATOM   1043 C CD2 . LEU   A 1 119 ? 9.165   9.181   5.759   1.00 12.85 ? 125 LEU   B CD2 1 
ATOM   1044 N N   . HIS   A 1 120 ? 11.712  9.254   9.866   1.00 14.80 ? 126 HIS   B N   1 
ATOM   1045 C CA  . HIS   A 1 120 ? 12.218  9.354   11.255  1.00 15.29 ? 126 HIS   B CA  1 
ATOM   1046 C C   . HIS   A 1 120 ? 11.130  8.801   12.147  1.00 17.88 ? 126 HIS   B C   1 
ATOM   1047 O O   . HIS   A 1 120 ? 10.152  9.517   12.476  1.00 21.85 ? 126 HIS   B O   1 
ATOM   1048 C CB  . HIS   A 1 120 ? 12.570  10.822  11.575  1.00 16.51 ? 126 HIS   B CB  1 
ATOM   1049 C CG  . HIS   A 1 120 ? 13.642  11.399  10.698  1.00 16.30 ? 126 HIS   B CG  1 
ATOM   1050 N ND1 . HIS   A 1 120 ? 13.373  12.161  9.572   1.00 20.77 ? 126 HIS   B ND1 1 
ATOM   1051 C CD2 . HIS   A 1 120 ? 14.963  11.237  10.721  1.00 18.41 ? 126 HIS   B CD2 1 
ATOM   1052 C CE1 . HIS   A 1 120 ? 14.524  12.497  9.008   1.00 20.79 ? 126 HIS   B CE1 1 
ATOM   1053 N NE2 . HIS   A 1 120 ? 15.487  11.964  9.663   1.00 19.22 ? 126 HIS   B NE2 1 
ATOM   1054 N N   . ILE   A 1 121 ? 11.193  7.534   12.481  1.00 20.01 ? 127 ILE   B N   1 
ATOM   1055 C CA  . ILE   A 1 121 ? 10.105  6.902   13.275  1.00 20.10 ? 127 ILE   B CA  1 
ATOM   1056 C C   . ILE   A 1 121 ? 10.751  6.376   14.581  1.00 21.25 ? 127 ILE   B C   1 
ATOM   1057 O O   . ILE   A 1 121 ? 11.667  5.622   14.491  1.00 26.45 ? 127 ILE   B O   1 
ATOM   1058 C CB  . ILE   A 1 121 ? 9.388   5.809   12.454  1.00 21.15 ? 127 ILE   B CB  1 
ATOM   1059 C CG1 . ILE   A 1 121 ? 8.830   6.331   11.117  1.00 19.75 ? 127 ILE   B CG1 1 
ATOM   1060 C CG2 . ILE   A 1 121 ? 8.304   5.190   13.325  1.00 26.33 ? 127 ILE   B CG2 1 
ATOM   1061 C CD1 . ILE   A 1 121 ? 8.012   5.313   10.335  1.00 18.83 ? 127 ILE   B CD1 1 
ATOM   1062 N N   . GLN   A 1 122 ? 10.284  6.827   15.723  1.00 24.93 ? 128 GLN   B N   1 
ATOM   1063 C CA  . GLN   A 1 122 ? 10.893  6.413   17.029  1.00 26.99 ? 128 GLN   B CA  1 
ATOM   1064 C C   . GLN   A 1 122 ? 10.256  5.109   17.521  1.00 24.05 ? 128 GLN   B C   1 
ATOM   1065 O O   . GLN   A 1 122 ? 10.991  4.231   18.074  1.00 25.30 ? 128 GLN   B O   1 
ATOM   1066 C CB  . GLN   A 1 122 ? 10.743  7.570   18.017  1.00 30.01 ? 128 GLN   B CB  1 
ATOM   1067 C CG  . GLN   A 1 122 ? 11.151  7.225   19.455  1.00 37.21 ? 128 GLN   B CG  1 
ATOM   1068 C CD  . GLN   A 1 122 ? 12.586  6.770   19.626  1.00 43.22 ? 128 GLN   B CD  1 
ATOM   1069 O OE1 . GLN   A 1 122 ? 13.494  7.152   18.882  1.00 48.45 ? 128 GLN   B OE1 1 
ATOM   1070 N NE2 . GLN   A 1 122 ? 12.804  5.929   20.627  1.00 46.00 ? 128 GLN   B NE2 1 
ATOM   1071 N N   . VAL   A 1 123 ? 8.985   4.911   17.214  1.00 22.24 ? 129 VAL   B N   1 
ATOM   1072 C CA  . VAL   A 1 123 ? 8.193   3.710   17.651  1.00 19.35 ? 129 VAL   B CA  1 
ATOM   1073 C C   . VAL   A 1 123 ? 7.844   2.886   16.412  1.00 17.80 ? 129 VAL   B C   1 
ATOM   1074 O O   . VAL   A 1 123 ? 6.966   3.297   15.626  1.00 17.59 ? 129 VAL   B O   1 
ATOM   1075 C CB  . VAL   A 1 123 ? 6.934   4.144   18.417  1.00 20.48 ? 129 VAL   B CB  1 
ATOM   1076 C CG1 . VAL   A 1 123 ? 6.063   2.952   18.827  1.00 21.41 ? 129 VAL   B CG1 1 
ATOM   1077 C CG2 . VAL   A 1 123 ? 7.297   4.966   19.648  1.00 22.64 ? 129 VAL   B CG2 1 
ATOM   1078 N N   . PRO   A 1 124 ? 8.509   1.746   16.122  1.00 17.55 ? 130 PRO   B N   1 
ATOM   1079 C CA  . PRO   A 1 124 ? 8.197   0.979   14.922  1.00 18.23 ? 130 PRO   B CA  1 
ATOM   1080 C C   . PRO   A 1 124 ? 6.719   0.694   14.876  1.00 17.41 ? 130 PRO   B C   1 
ATOM   1081 O O   . PRO   A 1 124 ? 6.133   0.197   15.828  1.00 19.07 ? 130 PRO   B O   1 
ATOM   1082 C CB  . PRO   A 1 124 ? 9.010   -0.310  15.111  1.00 19.85 ? 130 PRO   B CB  1 
ATOM   1083 C CG  . PRO   A 1 124 ? 10.223  0.221   15.849  1.00 21.04 ? 130 PRO   B CG  1 
ATOM   1084 C CD  . PRO   A 1 124 ? 9.671   1.191   16.850  1.00 20.90 ? 130 PRO   B CD  1 
ATOM   1085 N N   . PRO   A 1 125 ? 6.008   1.055   13.798  1.00 15.11 ? 131 PRO   B N   1 
ATOM   1086 C CA  . PRO   A 1 125 ? 4.569   0.852   13.759  1.00 15.13 ? 131 PRO   B CA  1 
ATOM   1087 C C   . PRO   A 1 125 ? 4.148   -0.602  13.577  1.00 14.44 ? 131 PRO   B C   1 
ATOM   1088 O O   . PRO   A 1 125 ? 4.730   -1.294  12.770  1.00 15.13 ? 131 PRO   B O   1 
ATOM   1089 C CB  . PRO   A 1 125 ? 4.142   1.737   12.578  1.00 15.32 ? 131 PRO   B CB  1 
ATOM   1090 C CG  . PRO   A 1 125 ? 5.348   1.913   11.755  1.00 16.88 ? 131 PRO   B CG  1 
ATOM   1091 C CD  . PRO   A 1 125 ? 6.538   1.849   12.669  1.00 15.06 ? 131 PRO   B CD  1 
ATOM   1092 N N   . CYS   A 1 126 ? 3.066   -0.966  14.243  1.00 14.57 ? 132 CYS   B N   1 
ATOM   1093 C CA  . CYS   A 1 126 ? 2.357   -2.233  13.937  1.00 15.02 ? 132 CYS   B CA  1 
ATOM   1094 C C   . CYS   A 1 126 ? 1.121   -1.998  13.096  1.00 13.65 ? 132 CYS   B C   1 
ATOM   1095 O O   . CYS   A 1 126 ? 0.626   -2.920  12.487  1.00 13.57 ? 132 CYS   B O   1 
ATOM   1096 C CB  . CYS   A 1 126 ? 1.953   -2.985  15.189  1.00 18.05 ? 132 CYS   B CB  1 
ATOM   1097 S SG  . CYS   A 1 126 ? 3.363   -3.457  16.230  1.00 27.51 ? 132 CYS   B SG  1 
ATOM   1098 N N   A GLN   A 1 127 ? 0.556   -0.777  13.109  0.25 14.15 ? 133 GLN   B N   1 
ATOM   1099 N N   B GLN   A 1 127 ? 0.704   -0.730  13.017  0.25 14.22 ? 133 GLN   B N   1 
ATOM   1100 C CA  A GLN   A 1 127 ? -0.558  -0.386  12.199  0.25 14.46 ? 133 GLN   B CA  1 
ATOM   1101 C CA  B GLN   A 1 127 ? -0.512  -0.300  12.292  0.25 14.72 ? 133 GLN   B CA  1 
ATOM   1102 C C   A GLN   A 1 127 ? -0.320  1.034   11.666  0.25 13.75 ? 133 GLN   B C   1 
ATOM   1103 C C   B GLN   A 1 127 ? -0.205  1.053   11.641  0.25 13.76 ? 133 GLN   B C   1 
ATOM   1104 O O   A GLN   A 1 127 ? 0.086   1.932   12.436  0.25 12.83 ? 133 GLN   B O   1 
ATOM   1105 O O   B GLN   A 1 127 ? 0.477   1.900   12.279  0.25 12.61 ? 133 GLN   B O   1 
ATOM   1106 C CB  A GLN   A 1 127 ? -1.946  -0.439  12.847  0.25 16.27 ? 133 GLN   B CB  1 
ATOM   1107 C CB  B GLN   A 1 127 ? -1.699  -0.273  13.255  0.25 16.84 ? 133 GLN   B CB  1 
ATOM   1108 C CG  A GLN   A 1 127 ? -2.408  -1.814  13.317  0.25 18.22 ? 133 GLN   B CG  1 
ATOM   1109 C CG  B GLN   A 1 127 ? -2.166  -1.657  13.674  0.25 18.99 ? 133 GLN   B CG  1 
ATOM   1110 C CD  A GLN   A 1 127 ? -2.077  -2.008  14.775  0.25 20.49 ? 133 GLN   B CD  1 
ATOM   1111 C CD  B GLN   A 1 127 ? -3.577  -1.710  14.204  0.25 20.82 ? 133 GLN   B CD  1 
ATOM   1112 O OE1 A GLN   A 1 127 ? -2.043  -1.050  15.546  0.25 22.42 ? 133 GLN   B OE1 1 
ATOM   1113 O OE1 B GLN   A 1 127 ? -4.244  -0.697  14.382  0.25 25.62 ? 133 GLN   B OE1 1 
ATOM   1114 N NE2 A GLN   A 1 127 ? -1.768  -3.244  15.141  0.25 20.84 ? 133 GLN   B NE2 1 
ATOM   1115 N NE2 B GLN   A 1 127 ? -4.030  -2.914  14.475  0.25 22.93 ? 133 GLN   B NE2 1 
ATOM   1116 N N   . ILE   A 1 128 ? -0.613  1.193   10.377  1.00 12.61 ? 134 ILE   B N   1 
ATOM   1117 C CA  . ILE   A 1 128 ? -0.397  2.427   9.573   1.00 12.48 ? 134 ILE   B CA  1 
ATOM   1118 C C   . ILE   A 1 128 ? -1.783  2.955   9.194   1.00 11.94 ? 134 ILE   B C   1 
ATOM   1119 O O   . ILE   A 1 128 ? -2.612  2.190   8.647   1.00 12.76 ? 134 ILE   B O   1 
ATOM   1120 C CB  . ILE   A 1 128 ? 0.443   2.132   8.324   1.00 13.67 ? 134 ILE   B CB  1 
ATOM   1121 C CG1 . ILE   A 1 128 ? 1.813   1.495   8.636   1.00 16.43 ? 134 ILE   B CG1 1 
ATOM   1122 C CG2 . ILE   A 1 128 ? 0.568   3.406   7.468   1.00 14.24 ? 134 ILE   B CG2 1 
ATOM   1123 C CD1 . ILE   A 1 128 ? 2.764   2.424   9.229   1.00 16.34 ? 134 ILE   B CD1 1 
ATOM   1124 N N   . GLY   A 1 129 ? -2.003  4.265   9.367   1.00 12.15 ? 135 GLY   B N   1 
ATOM   1125 C CA  . GLY   A 1 129 ? -3.175  4.979   8.836   1.00 12.41 ? 135 GLY   B CA  1 
ATOM   1126 C C   . GLY   A 1 129 ? -2.805  5.716   7.557   1.00 12.01 ? 135 GLY   B C   1 
ATOM   1127 O O   . GLY   A 1 129 ? -1.701  6.314   7.491   1.00 13.00 ? 135 GLY   B O   1 
ATOM   1128 N N   . ILE   A 1 130 ? -3.652  5.605   6.532   1.00 11.29 ? 136 ILE   B N   1 
ATOM   1129 C CA  . ILE   A 1 130 ? -3.455  6.270   5.201   1.00 11.37 ? 136 ILE   B CA  1 
ATOM   1130 C C   . ILE   A 1 130 ? -4.647  7.190   4.935   1.00 12.50 ? 136 ILE   B C   1 
ATOM   1131 O O   . ILE   A 1 130 ? -5.796  6.769   5.026   1.00 12.29 ? 136 ILE   B O   1 
ATOM   1132 C CB  . ILE   A 1 130 ? -3.319  5.221   4.087   1.00 13.10 ? 136 ILE   B CB  1 
ATOM   1133 C CG1 . ILE   A 1 130 ? -2.162  4.290   4.419   1.00 14.84 ? 136 ILE   B CG1 1 
ATOM   1134 C CG2 . ILE   A 1 130 ? -3.122  5.841   2.718   1.00 13.30 ? 136 ILE   B CG2 1 
ATOM   1135 C CD1 . ILE   A 1 130 ? -2.048  3.160   3.525   1.00 20.30 ? 136 ILE   B CD1 1 
ATOM   1136 N N   . PHE   A 1 131 ? -4.331  8.457   4.740   1.00 11.85 ? 137 PHE   B N   1 
ATOM   1137 C CA  . PHE   A 1 131 ? -5.329  9.517   4.491   1.00 11.35 ? 137 PHE   B CA  1 
ATOM   1138 C C   . PHE   A 1 131 ? -5.073  10.111  3.108   1.00 11.37 ? 137 PHE   B C   1 
ATOM   1139 O O   . PHE   A 1 131 ? -3.948  10.530  2.783   1.00 12.32 ? 137 PHE   B O   1 
ATOM   1140 C CB  . PHE   A 1 131 ? -5.228  10.636  5.517   1.00 12.85 ? 137 PHE   B CB  1 
ATOM   1141 C CG  . PHE   A 1 131 ? -6.152  11.798  5.265   1.00 14.73 ? 137 PHE   B CG  1 
ATOM   1142 C CD1 . PHE   A 1 131 ? -7.513  11.649  5.372   1.00 16.04 ? 137 PHE   B CD1 1 
ATOM   1143 C CD2 . PHE   A 1 131 ? -5.641  13.041  4.965   1.00 15.74 ? 137 PHE   B CD2 1 
ATOM   1144 C CE1 . PHE   A 1 131 ? -8.346  12.743  5.166   1.00 17.91 ? 137 PHE   B CE1 1 
ATOM   1145 C CE2 . PHE   A 1 131 ? -6.472  14.134  4.722   1.00 17.16 ? 137 PHE   B CE2 1 
ATOM   1146 C CZ  . PHE   A 1 131 ? -7.809  13.971  4.873   1.00 17.63 ? 137 PHE   B CZ  1 
ATOM   1147 N N   . VAL   A 1 132 ? -6.116  10.171  2.272   1.00 11.78 ? 138 VAL   B N   1 
ATOM   1148 C CA  . VAL   A 1 132 ? -6.081  10.781  0.930   1.00 11.80 ? 138 VAL   B CA  1 
ATOM   1149 C C   . VAL   A 1 132 ? -7.093  11.936  0.869   1.00 11.47 ? 138 VAL   B C   1 
ATOM   1150 O O   . VAL   A 1 132 ? -8.286  11.723  1.170   1.00 12.96 ? 138 VAL   B O   1 
ATOM   1151 C CB  . VAL   A 1 132 ? -6.346  9.771   -0.186  1.00 12.69 ? 138 VAL   B CB  1 
ATOM   1152 C CG1 . VAL   A 1 132 ? -6.305  10.471  -1.536  1.00 14.64 ? 138 VAL   B CG1 1 
ATOM   1153 C CG2 . VAL   A 1 132 ? -5.342  8.609   -0.101  1.00 14.54 ? 138 VAL   B CG2 1 
ATOM   1154 N N   . ASP   A 1 133 ? -6.612  13.120  0.528   1.00 11.96 ? 139 ASP   B N   1 
ATOM   1155 C CA  . ASP   A 1 133 ? -7.505  14.274  0.226   1.00 13.57 ? 139 ASP   B CA  1 
ATOM   1156 C C   . ASP   A 1 133 ? -7.346  14.564  -1.261  1.00 11.90 ? 139 ASP   B C   1 
ATOM   1157 O O   . ASP   A 1 133 ? -6.339  15.144  -1.686  1.00 13.06 ? 139 ASP   B O   1 
ATOM   1158 C CB  . ASP   A 1 133 ? -7.217  15.473  1.103   1.00 13.84 ? 139 ASP   B CB  1 
ATOM   1159 C CG  . ASP   A 1 133 ? -8.140  16.668  0.859   1.00 16.34 ? 139 ASP   B CG  1 
ATOM   1160 O OD1 . ASP   A 1 133 ? -8.736  16.740  -0.205  1.00 18.05 ? 139 ASP   B OD1 1 
ATOM   1161 O OD2 . ASP   A 1 133 ? -8.221  17.477  1.816   1.00 22.12 ? 139 ASP   B OD2 1 
ATOM   1162 N N   . TYR   A 1 134 ? -8.297  14.078  -2.077  1.00 13.17 ? 140 TYR   B N   1 
ATOM   1163 C CA  . TYR   A 1 134 ? -8.171  14.140  -3.546  1.00 13.29 ? 140 TYR   B CA  1 
ATOM   1164 C C   . TYR   A 1 134 ? -8.069  15.602  -4.009  1.00 14.00 ? 140 TYR   B C   1 
ATOM   1165 O O   . TYR   A 1 134 ? -7.168  15.969  -4.723  1.00 14.82 ? 140 TYR   B O   1 
ATOM   1166 C CB  . TYR   A 1 134 ? -9.301  13.395  -4.259  1.00 13.71 ? 140 TYR   B CB  1 
ATOM   1167 C CG  . TYR   A 1 134 ? -8.947  13.060  -5.679  1.00 14.49 ? 140 TYR   B CG  1 
ATOM   1168 C CD1 . TYR   A 1 134 ? -8.909  14.035  -6.669  1.00 14.77 ? 140 TYR   B CD1 1 
ATOM   1169 C CD2 . TYR   A 1 134 ? -8.516  11.790  -6.051  1.00 14.03 ? 140 TYR   B CD2 1 
ATOM   1170 C CE1 . TYR   A 1 134 ? -8.471  13.763  -7.957  1.00 13.60 ? 140 TYR   B CE1 1 
ATOM   1171 C CE2 . TYR   A 1 134 ? -8.092  11.511  -7.337  1.00 13.46 ? 140 TYR   B CE2 1 
ATOM   1172 C CZ  . TYR   A 1 134 ? -8.093  12.477  -8.322  1.00 13.24 ? 140 TYR   B CZ  1 
ATOM   1173 O OH  . TYR   A 1 134 ? -7.625  12.259  -9.560  1.00 14.14 ? 140 TYR   B OH  1 
ATOM   1174 N N   . GLU   A 1 135 ? -8.970  16.415  -3.498  1.00 16.09 ? 141 GLU   B N   1 
ATOM   1175 C CA  . GLU   A 1 135 ? -9.085  17.819  -4.012  1.00 17.03 ? 141 GLU   B CA  1 
ATOM   1176 C C   . GLU   A 1 135 ? -7.828  18.560  -3.618  1.00 16.89 ? 141 GLU   B C   1 
ATOM   1177 O O   . GLU   A 1 135 ? -7.292  19.288  -4.464  1.00 20.59 ? 141 GLU   B O   1 
ATOM   1178 C CB  . GLU   A 1 135 ? -10.320 18.525  -3.472  1.00 19.35 ? 141 GLU   B CB  1 
ATOM   1179 C CG  . GLU   A 1 135 ? -11.552 18.209  -4.314  1.00 27.42 ? 141 GLU   B CG  1 
ATOM   1180 C CD  . GLU   A 1 135 ? -11.914 16.769  -4.390  1.00 32.88 ? 141 GLU   B CD  1 
ATOM   1181 O OE1 . GLU   A 1 135 ? -12.085 16.287  -5.474  1.00 26.25 ? 141 GLU   B OE1 1 
ATOM   1182 O OE2 . GLU   A 1 135 ? -11.968 16.122  -3.324  1.00 38.75 ? 141 GLU   B OE2 1 
ATOM   1183 N N   . ALA   A 1 136 ? -7.321  18.378  -2.398  1.00 15.12 ? 142 ALA   B N   1 
ATOM   1184 C CA  . ALA   A 1 136 ? -6.126  19.082  -1.924  1.00 16.06 ? 142 ALA   B CA  1 
ATOM   1185 C C   . ALA   A 1 136 ? -4.826  18.549  -2.552  1.00 15.96 ? 142 ALA   B C   1 
ATOM   1186 O O   . ALA   A 1 136 ? -3.788  19.213  -2.431  1.00 17.59 ? 142 ALA   B O   1 
ATOM   1187 C CB  . ALA   A 1 136 ? -6.031  19.025  -0.425  1.00 18.41 ? 142 ALA   B CB  1 
ATOM   1188 N N   . GLY   A 1 137 ? -4.808  17.358  -3.155  1.00 13.80 ? 143 GLY   B N   1 
ATOM   1189 C CA  . GLY   A 1 137 ? -3.585  16.736  -3.652  1.00 13.87 ? 143 GLY   B CA  1 
ATOM   1190 C C   . GLY   A 1 137 ? -2.663  16.277  -2.519  1.00 12.11 ? 143 GLY   B C   1 
ATOM   1191 O O   . GLY   A 1 137 ? -1.478  16.585  -2.597  1.00 13.44 ? 143 GLY   B O   1 
ATOM   1192 N N   . VAL   A 1 138 ? -3.218  15.602  -1.513  1.00 12.41 ? 144 VAL   B N   1 
ATOM   1193 C CA  . VAL   A 1 138 ? -2.459  15.194  -0.296  1.00 12.53 ? 144 VAL   B CA  1 
ATOM   1194 C C   . VAL   A 1 138 ? -2.636  13.699  -0.058  1.00 11.49 ? 144 VAL   B C   1 
ATOM   1195 O O   . VAL   A 1 138 ? -3.779  13.201  -0.063  1.00 12.50 ? 144 VAL   B O   1 
ATOM   1196 C CB  . VAL   A 1 138 ? -2.954  15.988  0.929   1.00 14.16 ? 144 VAL   B CB  1 
ATOM   1197 C CG1 . VAL   A 1 138 ? -2.448  15.414  2.259   1.00 15.70 ? 144 VAL   B CG1 1 
ATOM   1198 C CG2 . VAL   A 1 138 ? -2.552  17.456  0.772   1.00 15.42 ? 144 VAL   B CG2 1 
ATOM   1199 N N   . VAL   A 1 139 ? -1.544  13.050  0.311   1.00 11.31 ? 145 VAL   B N   1 
ATOM   1200 C CA  . VAL   A 1 139 ? -1.549  11.666  0.862   1.00 11.22 ? 145 VAL   B CA  1 
ATOM   1201 C C   . VAL   A 1 139 ? -0.689  11.700  2.130   1.00 10.83 ? 145 VAL   B C   1 
ATOM   1202 O O   . VAL   A 1 139 ? 0.510   12.045  2.018   1.00 11.77 ? 145 VAL   B O   1 
ATOM   1203 C CB  . VAL   A 1 139 ? -0.996  10.648  -0.143  1.00 11.49 ? 145 VAL   B CB  1 
ATOM   1204 C CG1 . VAL   A 1 139 ? -1.076  9.230   0.429   1.00 12.08 ? 145 VAL   B CG1 1 
ATOM   1205 C CG2 . VAL   A 1 139 ? -1.668  10.716  -1.502  1.00 11.79 ? 145 VAL   B CG2 1 
ATOM   1206 N N   . SER   A 1 140 ? -1.262  11.291  3.235   1.00 10.66 ? 146 SER   B N   1 
ATOM   1207 C CA  . SER   A 1 140 ? -0.564  11.312  4.527   1.00 11.65 ? 146 SER   B CA  1 
ATOM   1208 C C   . SER   A 1 140 ? -0.606  9.918   5.170   1.00 11.36 ? 146 SER   B C   1 
ATOM   1209 O O   . SER   A 1 140 ? -1.571  9.210   5.046   1.00 11.66 ? 146 SER   B O   1 
ATOM   1210 C CB  . SER   A 1 140 ? -1.144  12.370  5.446   1.00 11.46 ? 146 SER   B CB  1 
ATOM   1211 O OG  . SER   A 1 140 ? -0.898  13.704  4.976   1.00 12.99 ? 146 SER   B OG  1 
ATOM   1212 N N   . PHE   A 1 141 ? 0.416   9.669   5.964   1.00 10.68 ? 147 PHE   B N   1 
ATOM   1213 C CA  . PHE   A 1 141 ? 0.632   8.391   6.662   1.00 10.54 ? 147 PHE   B CA  1 
ATOM   1214 C C   . PHE   A 1 141 ? 0.809   8.684   8.137   1.00 10.97 ? 147 PHE   B C   1 
ATOM   1215 O O   . PHE   A 1 141 ? 1.618   9.561   8.515   1.00 11.26 ? 147 PHE   B O   1 
ATOM   1216 C CB  . PHE   A 1 141 ? 1.864   7.676   6.090   1.00 11.05 ? 147 PHE   B CB  1 
ATOM   1217 C CG  . PHE   A 1 141 ? 1.707   7.319   4.629   1.00 10.59 ? 147 PHE   B CG  1 
ATOM   1218 C CD1 . PHE   A 1 141 ? 2.020   8.229   3.616   1.00 10.10 ? 147 PHE   B CD1 1 
ATOM   1219 C CD2 . PHE   A 1 141 ? 1.357   6.027   4.255   1.00 10.89 ? 147 PHE   B CD2 1 
ATOM   1220 C CE1 . PHE   A 1 141 ? 1.781   7.895   2.297   1.00 10.60 ? 147 PHE   B CE1 1 
ATOM   1221 C CE2 . PHE   A 1 141 ? 1.174   5.706   2.916   1.00 10.55 ? 147 PHE   B CE2 1 
ATOM   1222 C CZ  . PHE   A 1 141 ? 1.450   6.620   1.935   1.00 10.73 ? 147 PHE   B CZ  1 
ATOM   1223 N N   . TYR   A 1 142 ? 0.181   7.841   8.952   1.00 11.25 ? 148 TYR   B N   1 
ATOM   1224 C CA  . TYR   A 1 142 ? 0.109   8.032   10.425  1.00 12.62 ? 148 TYR   B CA  1 
ATOM   1225 C C   . TYR   A 1 142 ? 0.523   6.725   11.111  1.00 13.04 ? 148 TYR   B C   1 
ATOM   1226 O O   . TYR   A 1 142 ? 0.174   5.592   10.693  1.00 13.34 ? 148 TYR   B O   1 
ATOM   1227 C CB  . TYR   A 1 142 ? -1.267  8.517   10.886  1.00 12.81 ? 148 TYR   B CB  1 
ATOM   1228 C CG  . TYR   A 1 142 ? -1.653  9.850   10.305  1.00 13.05 ? 148 TYR   B CG  1 
ATOM   1229 C CD1 . TYR   A 1 142 ? -1.203  11.025  10.878  1.00 14.36 ? 148 TYR   B CD1 1 
ATOM   1230 C CD2 . TYR   A 1 142 ? -2.361  9.943   9.121   1.00 14.02 ? 148 TYR   B CD2 1 
ATOM   1231 C CE1 . TYR   A 1 142 ? -1.516  12.253  10.308  1.00 14.93 ? 148 TYR   B CE1 1 
ATOM   1232 C CE2 . TYR   A 1 142 ? -2.654  11.162  8.527   1.00 14.85 ? 148 TYR   B CE2 1 
ATOM   1233 C CZ  . TYR   A 1 142 ? -2.243  12.329  9.140   1.00 15.33 ? 148 TYR   B CZ  1 
ATOM   1234 O OH  . TYR   A 1 142 ? -2.499  13.566  8.572   1.00 16.30 ? 148 TYR   B OH  1 
ATOM   1235 N N   . ASN   A 1 143 ? 1.193   6.876   12.245  1.00 13.30 ? 149 ASN   B N   1 
ATOM   1236 C CA  . ASN   A 1 143 ? 1.693   5.757   13.090  1.00 13.33 ? 149 ASN   B CA  1 
ATOM   1237 C C   . ASN   A 1 143 ? 0.617   5.480   14.155  1.00 13.30 ? 149 ASN   B C   1 
ATOM   1238 O O   . ASN   A 1 143 ? 0.590   6.188   15.217  1.00 15.33 ? 149 ASN   B O   1 
ATOM   1239 C CB  . ASN   A 1 143 ? 3.025   6.151   13.713  1.00 13.41 ? 149 ASN   B CB  1 
ATOM   1240 C CG  . ASN   A 1 143 ? 3.677   5.032   14.498  1.00 13.84 ? 149 ASN   B CG  1 
ATOM   1241 O OD1 . ASN   A 1 143 ? 2.968   4.093   14.880  1.00 15.00 ? 149 ASN   B OD1 1 
ATOM   1242 N ND2 . ASN   A 1 143 ? 4.970   5.117   14.673  1.00 16.07 ? 149 ASN   B ND2 1 
ATOM   1243 N N   . ILE   A 1 144 ? -0.212  4.463   13.995  1.00 14.04 ? 150 ILE   B N   1 
ATOM   1244 C CA  . ILE   A 1 144 ? -1.367  4.226   14.893  1.00 14.50 ? 150 ILE   B CA  1 
ATOM   1245 C C   . ILE   A 1 144 ? -0.814  3.718   16.229  1.00 16.72 ? 150 ILE   B C   1 
ATOM   1246 O O   . ILE   A 1 144 ? -1.424  4.012   17.269  1.00 18.74 ? 150 ILE   B O   1 
ATOM   1247 C CB  . ILE   A 1 144 ? -2.357  3.253   14.255  1.00 16.33 ? 150 ILE   B CB  1 
ATOM   1248 C CG1 . ILE   A 1 144 ? -2.871  3.773   12.903  1.00 17.62 ? 150 ILE   B CG1 1 
ATOM   1249 C CG2 . ILE   A 1 144 ? -3.485  2.905   15.223  1.00 18.38 ? 150 ILE   B CG2 1 
ATOM   1250 C CD1 . ILE   A 1 144 ? -3.246  5.236   12.896  1.00 20.52 ? 150 ILE   B CD1 1 
ATOM   1251 N N   . THR   A 1 145 ? 0.300   3.015   16.214  1.00 16.68 ? 151 THR   B N   1 
ATOM   1252 C CA  . THR   A 1 145 ? 0.948   2.449   17.437  1.00 17.53 ? 151 THR   B CA  1 
ATOM   1253 C C   . THR   A 1 145 ? 1.386   3.620   18.323  1.00 20.18 ? 151 THR   B C   1 
ATOM   1254 O O   . THR   A 1 145 ? 1.372   3.477   19.575  1.00 23.03 ? 151 THR   B O   1 
ATOM   1255 C CB  . THR   A 1 145 ? 2.122   1.558   17.015  1.00 16.68 ? 151 THR   B CB  1 
ATOM   1256 O OG1 . THR   A 1 145 ? 1.638   0.603   16.075  1.00 16.67 ? 151 THR   B OG1 1 
ATOM   1257 C CG2 . THR   A 1 145 ? 2.760   0.852   18.205  1.00 18.64 ? 151 THR   B CG2 1 
ATOM   1258 N N   . ASP   A 1 146 ? 1.862   4.715   17.753  1.00 17.84 ? 152 ASP   B N   1 
ATOM   1259 C CA  . ASP   A 1 146 ? 2.340   5.914   18.496  1.00 19.45 ? 152 ASP   B CA  1 
ATOM   1260 C C   . ASP   A 1 146 ? 1.281   7.033   18.497  1.00 20.05 ? 152 ASP   B C   1 
ATOM   1261 O O   . ASP   A 1 146 ? 1.629   8.157   18.095  1.00 21.33 ? 152 ASP   B O   1 
ATOM   1262 C CB  . ASP   A 1 146 ? 3.653   6.336   17.905  1.00 18.69 ? 152 ASP   B CB  1 
ATOM   1263 C CG  . ASP   A 1 146 ? 4.292   7.487   18.633  1.00 23.71 ? 152 ASP   B CG  1 
ATOM   1264 O OD1 . ASP   A 1 146 ? 4.242   7.458   19.886  1.00 23.78 ? 152 ASP   B OD1 1 
ATOM   1265 O OD2 . ASP   A 1 146 ? 4.797   8.405   17.931  1.00 24.42 ? 152 ASP   B OD2 1 
ATOM   1266 N N   . HIS   A 1 147 ? 0.050   6.736   18.868  1.00 21.04 ? 153 HIS   B N   1 
ATOM   1267 C CA  . HIS   A 1 147 ? -1.016  7.744   19.131  1.00 24.78 ? 153 HIS   B CA  1 
ATOM   1268 C C   . HIS   A 1 147 ? -1.293  8.538   17.848  1.00 23.17 ? 153 HIS   B C   1 
ATOM   1269 O O   . HIS   A 1 147 ? -1.650  9.692   17.928  1.00 24.96 ? 153 HIS   B O   1 
ATOM   1270 C CB  . HIS   A 1 147 ? -0.633  8.721   20.261  1.00 30.50 ? 153 HIS   B CB  1 
ATOM   1271 C CG  . HIS   A 1 147 ? -0.098  8.117   21.526  1.00 38.93 ? 153 HIS   B CG  1 
ATOM   1272 N ND1 . HIS   A 1 147 ? -0.930  7.652   22.533  1.00 47.13 ? 153 HIS   B ND1 1 
ATOM   1273 C CD2 . HIS   A 1 147 ? 1.167   7.964   21.978  1.00 45.00 ? 153 HIS   B CD2 1 
ATOM   1274 C CE1 . HIS   A 1 147 ? -0.201  7.188   23.530  1.00 48.27 ? 153 HIS   B CE1 1 
ATOM   1275 N NE2 . HIS   A 1 147 ? 1.097   7.369   23.214  1.00 49.78 ? 153 HIS   B NE2 1 
ATOM   1276 N N   . GLY   A 1 148 ? -1.142  7.932   16.674  1.00 19.89 ? 154 GLY   B N   1 
ATOM   1277 C CA  . GLY   A 1 148 ? -1.509  8.625   15.418  1.00 17.51 ? 154 GLY   B CA  1 
ATOM   1278 C C   . GLY   A 1 148 ? -0.482  9.640   14.950  1.00 17.99 ? 154 GLY   B C   1 
ATOM   1279 O O   . GLY   A 1 148 ? -0.908  10.519  14.180  1.00 17.85 ? 154 GLY   B O   1 
ATOM   1280 N N   . SER   A 1 149 ? 0.765   9.600   15.385  1.00 15.66 ? 155 SER   B N   1 
ATOM   1281 C CA  . SER   A 1 149 ? 1.800   10.604  15.003  1.00 15.07 ? 155 SER   B CA  1 
ATOM   1282 C C   . SER   A 1 149 ? 2.025   10.600  13.486  1.00 15.33 ? 155 SER   B C   1 
ATOM   1283 O O   . SER   A 1 149 ? 2.027   9.519   12.834  1.00 14.39 ? 155 SER   B O   1 
ATOM   1284 C CB  . SER   A 1 149 ? 3.091   10.394  15.767  1.00 15.91 ? 155 SER   B CB  1 
ATOM   1285 O OG  . SER   A 1 149 ? 3.622   9.098   15.588  1.00 16.51 ? 155 SER   B OG  1 
ATOM   1286 N N   . LEU   A 1 150 ? 2.238   11.743  12.899  1.00 13.52 ? 156 LEU   B N   1 
ATOM   1287 C CA  . LEU   A 1 150 ? 2.549   11.831  11.446  1.00 12.23 ? 156 LEU   B CA  1 
ATOM   1288 C C   . LEU   A 1 150 ? 3.844   11.110  11.114  1.00 12.23 ? 156 LEU   B C   1 
ATOM   1289 O O   . LEU   A 1 150 ? 4.902   11.353  11.745  1.00 13.76 ? 156 LEU   B O   1 
ATOM   1290 C CB  . LEU   A 1 150 ? 2.622   13.305  11.037  1.00 12.33 ? 156 LEU   B CB  1 
ATOM   1291 C CG  . LEU   A 1 150 ? 2.862   13.573  9.537   1.00 12.58 ? 156 LEU   B CG  1 
ATOM   1292 C CD1 . LEU   A 1 150 ? 1.687   13.141  8.702   1.00 12.78 ? 156 LEU   B CD1 1 
ATOM   1293 C CD2 . LEU   A 1 150 ? 3.096   15.100  9.348   1.00 13.62 ? 156 LEU   B CD2 1 
ATOM   1294 N N   . ILE   A 1 151 ? 3.816   10.343  10.021  1.00 11.85 ? 157 ILE   B N   1 
ATOM   1295 C CA  . ILE   A 1 151 ? 5.002   9.730   9.421   1.00 12.40 ? 157 ILE   B CA  1 
ATOM   1296 C C   . ILE   A 1 151 ? 5.479   10.530  8.219   1.00 11.17 ? 157 ILE   B C   1 
ATOM   1297 O O   . ILE   A 1 151 ? 6.649   10.820  8.052   1.00 11.91 ? 157 ILE   B O   1 
ATOM   1298 C CB  . ILE   A 1 151 ? 4.705   8.248   9.032   1.00 12.17 ? 157 ILE   B CB  1 
ATOM   1299 C CG1 . ILE   A 1 151 ? 4.411   7.394   10.266  1.00 13.44 ? 157 ILE   B CG1 1 
ATOM   1300 C CG2 . ILE   A 1 151 ? 5.865   7.685   8.228   1.00 12.28 ? 157 ILE   B CG2 1 
ATOM   1301 C CD1 . ILE   A 1 151 ? 3.938   5.987   9.930   1.00 13.65 ? 157 ILE   B CD1 1 
ATOM   1302 N N   . TYR   A 1 152 ? 4.548   10.858  7.293   1.00 10.64 ? 158 TYR   B N   1 
ATOM   1303 C CA  . TYR   A 1 152 ? 4.947   11.517  6.030   1.00 10.00 ? 158 TYR   B CA  1 
ATOM   1304 C C   . TYR   A 1 152 ? 3.715   12.078  5.348   1.00 10.41 ? 158 TYR   B C   1 
ATOM   1305 O O   . TYR   A 1 152 ? 2.635   11.465  5.390   1.00 11.40 ? 158 TYR   B O   1 
ATOM   1306 C CB  . TYR   A 1 152 ? 5.587   10.518  5.004   1.00 10.80 ? 158 TYR   B CB  1 
ATOM   1307 C CG  . TYR   A 1 152 ? 6.304   11.192  3.867   1.00 10.67 ? 158 TYR   B CG  1 
ATOM   1308 C CD1 . TYR   A 1 152 ? 7.562   11.762  4.004   1.00 11.75 ? 158 TYR   B CD1 1 
ATOM   1309 C CD2 . TYR   A 1 152 ? 5.668   11.321  2.627   1.00 10.69 ? 158 TYR   B CD2 1 
ATOM   1310 C CE1 . TYR   A 1 152 ? 8.178   12.411  2.949   1.00 12.31 ? 158 TYR   B CE1 1 
ATOM   1311 C CE2 . TYR   A 1 152 ? 6.252   11.993  1.585   1.00 11.61 ? 158 TYR   B CE2 1 
ATOM   1312 C CZ  . TYR   A 1 152 ? 7.497   12.549  1.751   1.00 12.47 ? 158 TYR   B CZ  1 
ATOM   1313 O OH  . TYR   A 1 152 ? 8.121   13.272  0.750   1.00 14.70 ? 158 TYR   B OH  1 
ATOM   1314 N N   . THR   A 1 153 ? 3.880   13.246  4.706   1.00 10.57 ? 159 THR   B N   1 
ATOM   1315 C CA  . THR   A 1 153 ? 2.845   13.844  3.834   1.00 10.83 ? 159 THR   B CA  1 
ATOM   1316 C C   . THR   A 1 153 ? 3.438   14.147  2.471   1.00 10.51 ? 159 THR   B C   1 
ATOM   1317 O O   . THR   A 1 153 ? 4.408   14.899  2.333   1.00 11.62 ? 159 THR   B O   1 
ATOM   1318 C CB  . THR   A 1 153 ? 2.313   15.161  4.440   1.00 11.26 ? 159 THR   B CB  1 
ATOM   1319 O OG1 . THR   A 1 153 ? 1.561   14.802  5.590   1.00 11.45 ? 159 THR   B OG1 1 
ATOM   1320 C CG2 . THR   A 1 153 ? 1.425   15.920  3.473   1.00 12.30 ? 159 THR   B CG2 1 
ATOM   1321 N N   . PHE   A 1 154 ? 2.845   13.556  1.427   1.00 10.79 ? 160 PHE   B N   1 
ATOM   1322 C CA  . PHE   A 1 154 ? 3.000   13.985  0.019   1.00 10.93 ? 160 PHE   B CA  1 
ATOM   1323 C C   . PHE   A 1 154 ? 1.987   15.096  -0.211  1.00 11.61 ? 160 PHE   B C   1 
ATOM   1324 O O   . PHE   A 1 154 ? 0.803   14.897  -0.013  1.00 12.23 ? 160 PHE   B O   1 
ATOM   1325 C CB  . PHE   A 1 154 ? 2.667   12.855  -0.951  1.00 10.93 ? 160 PHE   B CB  1 
ATOM   1326 C CG  . PHE   A 1 154 ? 3.610   11.666  -0.982  1.00 9.99  ? 160 PHE   B CG  1 
ATOM   1327 C CD1 . PHE   A 1 154 ? 3.438   10.564  -0.153  1.00 10.01 ? 160 PHE   B CD1 1 
ATOM   1328 C CD2 . PHE   A 1 154 ? 4.636   11.624  -1.895  1.00 10.24 ? 160 PHE   B CD2 1 
ATOM   1329 C CE1 . PHE   A 1 154 ? 4.294   9.468   -0.229  1.00 10.79 ? 160 PHE   B CE1 1 
ATOM   1330 C CE2 . PHE   A 1 154 ? 5.500   10.527  -1.968  1.00 10.61 ? 160 PHE   B CE2 1 
ATOM   1331 C CZ  . PHE   A 1 154 ? 5.303   9.446   -1.136  1.00 9.88  ? 160 PHE   B CZ  1 
ATOM   1332 N N   . SER   A 1 155 ? 2.494   16.243  -0.646  1.00 13.58 ? 161 SER   B N   1 
ATOM   1333 C CA  . SER   A 1 155 ? 1.621   17.352  -1.038  1.00 14.74 ? 161 SER   B CA  1 
ATOM   1334 C C   . SER   A 1 155 ? 1.953   17.744  -2.470  1.00 14.44 ? 161 SER   B C   1 
ATOM   1335 O O   . SER   A 1 155 ? 2.955   17.304  -3.047  1.00 16.44 ? 161 SER   B O   1 
ATOM   1336 C CB  . SER   A 1 155 ? 1.740   18.448  -0.016  1.00 16.12 ? 161 SER   B CB  1 
ATOM   1337 O OG  . SER   A 1 155 ? 2.936   19.178  -0.121  1.00 19.67 ? 161 SER   B OG  1 
ATOM   1338 N N   . GLU   A 1 156 ? 1.066   18.585  -3.044  1.00 17.36 ? 162 GLU   B N   1 
ATOM   1339 C CA  . GLU   A 1 156 ? 1.209   18.957  -4.479  1.00 18.34 ? 162 GLU   B CA  1 
ATOM   1340 C C   . GLU   A 1 156 ? 1.183   17.697  -5.343  1.00 17.03 ? 162 GLU   B C   1 
ATOM   1341 O O   . GLU   A 1 156 ? 1.855   17.650  -6.396  1.00 20.01 ? 162 GLU   B O   1 
ATOM   1342 C CB  . GLU   A 1 156 ? 2.484   19.752  -4.740  1.00 21.63 ? 162 GLU   B CB  1 
ATOM   1343 C CG  . GLU   A 1 156 ? 2.759   20.819  -3.710  1.00 27.13 ? 162 GLU   B CG  1 
ATOM   1344 C CD  . GLU   A 1 156 ? 3.807   21.790  -4.207  1.00 39.34 ? 162 GLU   B CD  1 
ATOM   1345 O OE1 . GLU   A 1 156 ? 5.008   21.450  -4.125  1.00 46.56 ? 162 GLU   B OE1 1 
ATOM   1346 O OE2 . GLU   A 1 156 ? 3.409   22.832  -4.759  1.00 47.64 ? 162 GLU   B OE2 1 
ATOM   1347 N N   . CYS   A 1 157 ? 0.358   16.724  -4.951  1.00 15.26 ? 163 CYS   B N   1 
ATOM   1348 C CA  . CYS   A 1 157 ? 0.290   15.460  -5.695  1.00 13.94 ? 163 CYS   B CA  1 
ATOM   1349 C C   . CYS   A 1 157 ? -0.424  15.703  -7.027  1.00 15.93 ? 163 CYS   B C   1 
ATOM   1350 O O   . CYS   A 1 157 ? -1.458  16.470  -7.012  1.00 17.31 ? 163 CYS   B O   1 
ATOM   1351 C CB  . CYS   A 1 157 ? -0.455  14.339  -4.981  1.00 13.53 ? 163 CYS   B CB  1 
ATOM   1352 S SG  . CYS   A 1 157 ? 0.327   13.837  -3.420  1.00 13.77 ? 163 CYS   B SG  1 
ATOM   1353 N N   . VAL   A 1 158 ? 0.107   15.145  -8.076  1.00 15.12 ? 164 VAL   B N   1 
ATOM   1354 C CA  . VAL   A 1 158 ? -0.565  15.229  -9.398  1.00 16.79 ? 164 VAL   B CA  1 
ATOM   1355 C C   . VAL   A 1 158 ? -1.127  13.825  -9.685  1.00 14.86 ? 164 VAL   B C   1 
ATOM   1356 O O   . VAL   A 1 158 ? -0.491  12.968  -10.315 1.00 17.34 ? 164 VAL   B O   1 
ATOM   1357 C CB  . VAL   A 1 158 ? 0.402   15.841  -10.443 1.00 19.23 ? 164 VAL   B CB  1 
ATOM   1358 C CG1 . VAL   A 1 158 ? -0.304  15.881  -11.798 1.00 19.96 ? 164 VAL   B CG1 1 
ATOM   1359 C CG2 . VAL   A 1 158 ? 0.860   17.227  -10.034 1.00 20.94 ? 164 VAL   B CG2 1 
ATOM   1360 N N   . PHE   A 1 159 ? -2.301  13.494  -9.154  1.00 13.59 ? 165 PHE   B N   1 
ATOM   1361 C CA  . PHE   A 1 159 ? -2.887  12.135  -9.227  1.00 13.76 ? 165 PHE   B CA  1 
ATOM   1362 C C   . PHE   A 1 159 ? -3.044  11.726  -10.688 1.00 15.32 ? 165 PHE   B C   1 
ATOM   1363 O O   . PHE   A 1 159 ? -2.679  10.624  -11.067 1.00 16.93 ? 165 PHE   B O   1 
ATOM   1364 C CB  . PHE   A 1 159 ? -4.135  12.069  -8.368  1.00 13.82 ? 165 PHE   B CB  1 
ATOM   1365 C CG  . PHE   A 1 159 ? -3.904  12.283  -6.884  1.00 12.02 ? 165 PHE   B CG  1 
ATOM   1366 C CD1 . PHE   A 1 159 ? -2.876  11.606  -6.214  1.00 12.81 ? 165 PHE   B CD1 1 
ATOM   1367 C CD2 . PHE   A 1 159 ? -4.728  13.109  -6.140  1.00 13.90 ? 165 PHE   B CD2 1 
ATOM   1368 C CE1 . PHE   A 1 159 ? -2.672  11.788  -4.845  1.00 13.50 ? 165 PHE   B CE1 1 
ATOM   1369 C CE2 . PHE   A 1 159 ? -4.563  13.261  -4.764  1.00 13.91 ? 165 PHE   B CE2 1 
ATOM   1370 C CZ  . PHE   A 1 159 ? -3.532  12.586  -4.111  1.00 12.95 ? 165 PHE   B CZ  1 
ATOM   1371 N N   . ALA   A 1 160 ? -3.645  12.599  -11.481 1.00 14.00 ? 166 ALA   B N   1 
ATOM   1372 C CA  . ALA   A 1 160 ? -3.754  12.434  -12.937 1.00 15.06 ? 166 ALA   B CA  1 
ATOM   1373 C C   . ALA   A 1 160 ? -4.619  11.226  -13.286 1.00 14.33 ? 166 ALA   B C   1 
ATOM   1374 O O   . ALA   A 1 160 ? -4.427  10.674  -14.416 1.00 16.61 ? 166 ALA   B O   1 
ATOM   1375 C CB  . ALA   A 1 160 ? -2.416  12.393  -13.609 1.00 16.40 ? 166 ALA   B CB  1 
ATOM   1376 N N   . GLY   A 1 161 ? -5.558  10.869  -12.453 1.00 15.56 ? 167 GLY   B N   1 
ATOM   1377 C CA  . GLY   A 1 161 ? -6.373  9.672   -12.686 1.00 15.78 ? 167 GLY   B CA  1 
ATOM   1378 C C   . GLY   A 1 161 ? -7.119  9.243   -11.436 1.00 13.38 ? 167 GLY   B C   1 
ATOM   1379 O O   . GLY   A 1 161 ? -6.825  9.752   -10.335 1.00 14.48 ? 167 GLY   B O   1 
ATOM   1380 N N   . PRO   A 1 162 ? -7.997  8.243   -11.530 1.00 13.80 ? 168 PRO   B N   1 
ATOM   1381 C CA  . PRO   A 1 162 ? -8.563  7.604   -10.361 1.00 13.27 ? 168 PRO   B CA  1 
ATOM   1382 C C   . PRO   A 1 162 ? -7.454  6.935   -9.538  1.00 13.89 ? 168 PRO   B C   1 
ATOM   1383 O O   . PRO   A 1 162 ? -6.476  6.478   -10.135 1.00 13.55 ? 168 PRO   B O   1 
ATOM   1384 C CB  . PRO   A 1 162 ? -9.530  6.542   -10.893 1.00 14.12 ? 168 PRO   B CB  1 
ATOM   1385 C CG  . PRO   A 1 162 ? -9.672  6.917   -12.382 1.00 14.88 ? 168 PRO   B CG  1 
ATOM   1386 C CD  . PRO   A 1 162 ? -8.404  7.580   -12.786 1.00 13.96 ? 168 PRO   B CD  1 
ATOM   1387 N N   . LEU   A 1 163 ? -7.652  6.906   -8.224  1.00 12.62 ? 169 LEU   B N   1 
ATOM   1388 C CA  . LEU   A 1 163 ? -6.650  6.271   -7.307  1.00 11.86 ? 169 LEU   B CA  1 
ATOM   1389 C C   . LEU   A 1 163 ? -7.213  4.961   -6.781  1.00 12.55 ? 169 LEU   B C   1 
ATOM   1390 O O   . LEU   A 1 163 ? -8.415  4.843   -6.495  1.00 13.97 ? 169 LEU   B O   1 
ATOM   1391 C CB  . LEU   A 1 163 ? -6.378  7.202   -6.122  1.00 12.88 ? 169 LEU   B CB  1 
ATOM   1392 C CG  . LEU   A 1 163 ? -5.625  8.498   -6.429  1.00 13.94 ? 169 LEU   B CG  1 
ATOM   1393 C CD1 . LEU   A 1 163 ? -5.562  9.350   -5.179  1.00 14.22 ? 169 LEU   B CD1 1 
ATOM   1394 C CD2 . LEU   A 1 163 ? -4.235  8.209   -6.957  1.00 14.89 ? 169 LEU   B CD2 1 
ATOM   1395 N N   . ARG   A 1 164 ? -6.284  4.023   -6.589  1.00 11.99 ? 170 ARG   B N   1 
ATOM   1396 C CA  . ARG   A 1 164 ? -6.575  2.728   -5.929  1.00 12.44 ? 170 ARG   B CA  1 
ATOM   1397 C C   . ARG   A 1 164 ? -5.661  2.508   -4.738  1.00 10.22 ? 170 ARG   B C   1 
ATOM   1398 O O   . ARG   A 1 164 ? -4.502  2.853   -4.779  1.00 11.04 ? 170 ARG   B O   1 
ATOM   1399 C CB  . ARG   A 1 164 ? -6.391  1.608   -6.948  1.00 14.13 ? 170 ARG   B CB  1 
ATOM   1400 C CG  . ARG   A 1 164 ? -7.418  1.778   -8.076  1.00 17.16 ? 170 ARG   B CG  1 
ATOM   1401 C CD  . ARG   A 1 164 ? -7.460  0.702   -9.098  1.00 19.23 ? 170 ARG   B CD  1 
ATOM   1402 N NE  . ARG   A 1 164 ? -8.000  -0.497  -8.480  1.00 18.67 ? 170 ARG   B NE  1 
ATOM   1403 C CZ  . ARG   A 1 164 ? -8.177  -1.605  -9.165  1.00 19.86 ? 170 ARG   B CZ  1 
ATOM   1404 N NH1 . ARG   A 1 164 ? -7.921  -1.631  -10.464 1.00 18.93 ? 170 ARG   B NH1 1 
ATOM   1405 N NH2 . ARG   A 1 164 ? -8.551  -2.698  -8.526  1.00 16.78 ? 170 ARG   B NH2 1 
ATOM   1406 N N   . PRO   A 1 165 ? -6.179  1.931   -3.647  1.00 10.62 ? 171 PRO   B N   1 
ATOM   1407 C CA  . PRO   A 1 165 ? -5.305  1.505   -2.542  1.00 10.09 ? 171 PRO   B CA  1 
ATOM   1408 C C   . PRO   A 1 165 ? -4.263  0.512   -3.071  1.00 9.62  ? 171 PRO   B C   1 
ATOM   1409 O O   . PRO   A 1 165 ? -4.580  -0.303  -3.940  1.00 10.59 ? 171 PRO   B O   1 
ATOM   1410 C CB  . PRO   A 1 165 ? -6.257  0.808   -1.564  1.00 10.70 ? 171 PRO   B CB  1 
ATOM   1411 C CG  . PRO   A 1 165 ? -7.609  1.447   -1.871  1.00 11.81 ? 171 PRO   B CG  1 
ATOM   1412 C CD  . PRO   A 1 165 ? -7.588  1.601   -3.367  1.00 12.07 ? 171 PRO   B CD  1 
ATOM   1413 N N   . PHE   A 1 166 ? -3.034  0.675   -2.620  1.00 9.80  ? 172 PHE   B N   1 
ATOM   1414 C CA  . PHE   A 1 166 ? -1.872  -0.079  -3.128  1.00 10.35 ? 172 PHE   B CA  1 
ATOM   1415 C C   . PHE   A 1 166 ? -1.180  -0.812  -1.978  1.00 9.68  ? 172 PHE   B C   1 
ATOM   1416 O O   . PHE   A 1 166 ? -0.950  -0.248  -0.883  1.00 9.83  ? 172 PHE   B O   1 
ATOM   1417 C CB  . PHE   A 1 166 ? -0.863  0.868   -3.783  1.00 10.43 ? 172 PHE   B CB  1 
ATOM   1418 C CG  . PHE   A 1 166 ? 0.403   0.160   -4.215  1.00 10.77 ? 172 PHE   B CG  1 
ATOM   1419 C CD1 . PHE   A 1 166 ? 0.422   -0.591  -5.378  1.00 11.45 ? 172 PHE   B CD1 1 
ATOM   1420 C CD2 . PHE   A 1 166 ? 1.535   0.211   -3.439  1.00 11.22 ? 172 PHE   B CD2 1 
ATOM   1421 C CE1 . PHE   A 1 166 ? 1.571   -1.266  -5.766  1.00 12.18 ? 172 PHE   B CE1 1 
ATOM   1422 C CE2 . PHE   A 1 166 ? 2.679   -0.492  -3.802  1.00 11.81 ? 172 PHE   B CE2 1 
ATOM   1423 C CZ  . PHE   A 1 166 ? 2.698   -1.175  -5.005  1.00 12.35 ? 172 PHE   B CZ  1 
ATOM   1424 N N   . PHE   A 1 167 ? -0.804  -2.088  -2.219  1.00 9.96  ? 173 PHE   B N   1 
ATOM   1425 C CA  . PHE   A 1 167 ? -0.178  -3.006  -1.232  1.00 9.76  ? 173 PHE   B CA  1 
ATOM   1426 C C   . PHE   A 1 167 ? 0.977   -3.776  -1.864  1.00 10.63 ? 173 PHE   B C   1 
ATOM   1427 O O   . PHE   A 1 167 ? 0.787   -4.325  -2.947  1.00 10.91 ? 173 PHE   B O   1 
ATOM   1428 C CB  . PHE   A 1 167 ? -1.196  -3.998  -0.651  1.00 10.26 ? 173 PHE   B CB  1 
ATOM   1429 C CG  . PHE   A 1 167 ? -2.468  -3.350  -0.142  1.00 10.36 ? 173 PHE   B CG  1 
ATOM   1430 C CD1 . PHE   A 1 167 ? -3.510  -3.067  -1.011  1.00 10.36 ? 173 PHE   B CD1 1 
ATOM   1431 C CD2 . PHE   A 1 167 ? -2.633  -2.994  1.203   1.00 11.59 ? 173 PHE   B CD2 1 
ATOM   1432 C CE1 . PHE   A 1 167 ? -4.652  -2.411  -0.581  1.00 10.48 ? 173 PHE   B CE1 1 
ATOM   1433 C CE2 . PHE   A 1 167 ? -3.800  -2.383  1.625   1.00 11.97 ? 173 PHE   B CE2 1 
ATOM   1434 C CZ  . PHE   A 1 167 ? -4.814  -2.110  0.736   1.00 12.02 ? 173 PHE   B CZ  1 
ATOM   1435 N N   . ASN   A 1 168 ? 2.060   -3.908  -1.120  1.00 10.13 ? 174 ASN   B N   1 
ATOM   1436 C CA  . ASN   A 1 168 ? 3.157   -4.837  -1.454  1.00 10.26 ? 174 ASN   B CA  1 
ATOM   1437 C C   . ASN   A 1 168 ? 3.511   -5.583  -0.182  1.00 10.41 ? 174 ASN   B C   1 
ATOM   1438 O O   . ASN   A 1 168 ? 3.967   -4.932  0.779   1.00 10.32 ? 174 ASN   B O   1 
ATOM   1439 C CB  . ASN   A 1 168 ? 4.374   -4.108  -2.008  1.00 11.27 ? 174 ASN   B CB  1 
ATOM   1440 C CG  . ASN   A 1 168 ? 5.492   -5.048  -2.396  1.00 13.10 ? 174 ASN   B CG  1 
ATOM   1441 O OD1 . ASN   A 1 168 ? 5.411   -6.252  -2.374  1.00 13.38 ? 174 ASN   B OD1 1 
ATOM   1442 N ND2 . ASN   A 1 168 ? 6.582   -4.473  -2.875  1.00 17.23 ? 174 ASN   B ND2 1 
ATOM   1443 N N   . VAL   A 1 169 ? 3.307   -6.920  -0.161  1.00 10.14 ? 175 VAL   B N   1 
ATOM   1444 C CA  . VAL   A 1 169 ? 3.625   -7.728  1.059   1.00 11.21 ? 175 VAL   B CA  1 
ATOM   1445 C C   . VAL   A 1 169 ? 5.131   -7.990  1.160   1.00 11.14 ? 175 VAL   B C   1 
ATOM   1446 O O   . VAL   A 1 169 ? 5.571   -8.510  2.207   1.00 11.62 ? 175 VAL   B O   1 
ATOM   1447 C CB  . VAL   A 1 169 ? 2.855   -9.061  1.130   1.00 11.92 ? 175 VAL   B CB  1 
ATOM   1448 C CG1 . VAL   A 1 169 ? 1.366   -8.804  1.167   1.00 13.06 ? 175 VAL   B CG1 1 
ATOM   1449 C CG2 . VAL   A 1 169 ? 3.245   -9.974  -0.020  1.00 12.13 ? 175 VAL   B CG2 1 
ATOM   1450 N N   . GLY   A 1 170 ? 5.905   -7.671  0.117   1.00 11.14 ? 176 GLY   B N   1 
ATOM   1451 C CA  . GLY   A 1 170 ? 7.362   -7.955  0.064   1.00 12.08 ? 176 GLY   B CA  1 
ATOM   1452 C C   . GLY   A 1 170 ? 7.679   -9.418  -0.160  1.00 11.86 ? 176 GLY   B C   1 
ATOM   1453 O O   . GLY   A 1 170 ? 6.839   -10.307 -0.028  1.00 11.46 ? 176 GLY   B O   1 
ATOM   1454 N N   . PHE   A 1 171 ? 8.897   -9.632  -0.647  1.00 12.04 ? 177 PHE   B N   1 
ATOM   1455 C CA  . PHE   A 1 171 ? 9.442   -10.997 -0.773  1.00 11.97 ? 177 PHE   B CA  1 
ATOM   1456 C C   . PHE   A 1 171 ? 9.711   -11.603 0.589   1.00 11.94 ? 177 PHE   B C   1 
ATOM   1457 O O   . PHE   A 1 171 ? 9.712   -10.903 1.608   1.00 11.87 ? 177 PHE   B O   1 
ATOM   1458 C CB  . PHE   A 1 171 ? 10.671  -11.014 -1.700  1.00 13.10 ? 177 PHE   B CB  1 
ATOM   1459 C CG  . PHE   A 1 171 ? 10.392  -10.678 -3.143  1.00 14.42 ? 177 PHE   B CG  1 
ATOM   1460 C CD1 . PHE   A 1 171 ? 9.914   -11.626 -4.045  1.00 17.11 ? 177 PHE   B CD1 1 
ATOM   1461 C CD2 . PHE   A 1 171 ? 10.668  -9.407  -3.604  1.00 16.23 ? 177 PHE   B CD2 1 
ATOM   1462 C CE1 . PHE   A 1 171 ? 9.661   -11.258 -5.376  1.00 17.66 ? 177 PHE   B CE1 1 
ATOM   1463 C CE2 . PHE   A 1 171 ? 10.434  -9.069  -4.933  1.00 17.48 ? 177 PHE   B CE2 1 
ATOM   1464 C CZ  . PHE   A 1 171 ? 9.973   -10.010 -5.795  1.00 17.24 ? 177 PHE   B CZ  1 
ATOM   1465 N N   . ASN   A 1 172 ? 9.949   -12.897 0.558   1.00 12.46 ? 178 ASN   B N   1 
ATOM   1466 C CA  . ASN   A 1 172 ? 10.281  -13.630 1.801   1.00 12.09 ? 178 ASN   B CA  1 
ATOM   1467 C C   . ASN   A 1 172 ? 11.498  -14.520 1.515   1.00 11.77 ? 178 ASN   B C   1 
ATOM   1468 O O   . ASN   A 1 172 ? 11.548  -15.696 1.888   1.00 13.61 ? 178 ASN   B O   1 
ATOM   1469 C CB  . ASN   A 1 172 ? 9.101   -14.450 2.280   1.00 12.21 ? 178 ASN   B CB  1 
ATOM   1470 C CG  . ASN   A 1 172 ? 9.329   -15.055 3.641   1.00 12.08 ? 178 ASN   B CG  1 
ATOM   1471 O OD1 . ASN   A 1 172 ? 10.088  -14.560 4.475   1.00 11.74 ? 178 ASN   B OD1 1 
ATOM   1472 N ND2 . ASN   A 1 172 ? 8.653   -16.179 3.858   1.00 13.94 ? 178 ASN   B ND2 1 
ATOM   1473 N N   . TYR   A 1 173 ? 12.547  -13.919 1.010   1.00 12.17 ? 179 TYR   B N   1 
ATOM   1474 C CA  . TYR   A 1 173 ? 13.879  -14.565 0.879   1.00 11.40 ? 179 TYR   B CA  1 
ATOM   1475 C C   . TYR   A 1 173 ? 14.461  -14.917 2.236   1.00 12.32 ? 179 TYR   B C   1 
ATOM   1476 O O   . TYR   A 1 173 ? 15.194  -15.964 2.352   1.00 14.43 ? 179 TYR   B O   1 
ATOM   1477 C CB  . TYR   A 1 173 ? 14.858  -13.664 0.106   1.00 12.17 ? 179 TYR   B CB  1 
ATOM   1478 C CG  . TYR   A 1 173 ? 14.525  -13.430 -1.334  1.00 14.10 ? 179 TYR   B CG  1 
ATOM   1479 C CD1 . TYR   A 1 173 ? 14.693  -14.429 -2.286  1.00 17.82 ? 179 TYR   B CD1 1 
ATOM   1480 C CD2 . TYR   A 1 173 ? 14.107  -12.184 -1.770  1.00 16.13 ? 179 TYR   B CD2 1 
ATOM   1481 C CE1 . TYR   A 1 173 ? 14.357  -14.222 -3.616  1.00 18.83 ? 179 TYR   B CE1 1 
ATOM   1482 C CE2 . TYR   A 1 173 ? 13.779  -11.970 -3.107  1.00 14.62 ? 179 TYR   B CE2 1 
ATOM   1483 C CZ  . TYR   A 1 173 ? 13.895  -12.994 -4.014  1.00 17.61 ? 179 TYR   B CZ  1 
ATOM   1484 O OH  . TYR   A 1 173 ? 13.609  -12.788 -5.350  1.00 22.35 ? 179 TYR   B OH  1 
ATOM   1485 N N   . SER   A 1 174 ? 14.198  -14.168 3.290   1.00 11.83 ? 180 SER   B N   1 
ATOM   1486 C CA  . SER   A 1 174 ? 14.824  -14.329 4.626   1.00 13.22 ? 180 SER   B CA  1 
ATOM   1487 C C   . SER   A 1 174 ? 14.111  -15.398 5.443   1.00 13.00 ? 180 SER   B C   1 
ATOM   1488 O O   . SER   A 1 174 ? 14.706  -15.837 6.475   1.00 14.36 ? 180 SER   B O   1 
ATOM   1489 C CB  . SER   A 1 174 ? 14.771  -13.050 5.399   1.00 13.27 ? 180 SER   B CB  1 
ATOM   1490 O OG  . SER   A 1 174 ? 13.393  -12.694 5.676   1.00 13.21 ? 180 SER   B OG  1 
ATOM   1491 N N   . GLY   A 1 175 ? 12.884  -15.771 5.109   1.00 11.51 ? 181 GLY   B N   1 
ATOM   1492 C CA  . GLY   A 1 175 ? 12.056  -16.595 5.995   1.00 12.30 ? 181 GLY   B CA  1 
ATOM   1493 C C   . GLY   A 1 175 ? 11.510  -15.844 7.185   1.00 13.24 ? 181 GLY   B C   1 
ATOM   1494 O O   . GLY   A 1 175 ? 10.823  -16.469 8.016   1.00 14.41 ? 181 GLY   B O   1 
ATOM   1495 N N   . GLY   A 1 176 ? 11.714  -14.526 7.281   1.00 11.90 ? 182 GLY   B N   1 
ATOM   1496 C CA  . GLY   A 1 176 ? 11.184  -13.710 8.379   1.00 12.09 ? 182 GLY   B CA  1 
ATOM   1497 C C   . GLY   A 1 176 ? 10.079  -12.762 7.942   1.00 12.07 ? 182 GLY   B C   1 
ATOM   1498 O O   . GLY   A 1 176 ? 9.633   -11.956 8.799   1.00 14.06 ? 182 GLY   B O   1 
ATOM   1499 N N   . ASN   A 1 177 ? 9.619   -12.850 6.703   1.00 10.50 ? 183 ASN   B N   1 
ATOM   1500 C CA  . ASN   A 1 177 ? 8.634   -11.874 6.185   1.00 10.72 ? 183 ASN   B CA  1 
ATOM   1501 C C   . ASN   A 1 177 ? 7.382   -12.566 5.677   1.00 10.98 ? 183 ASN   B C   1 
ATOM   1502 O O   . ASN   A 1 177 ? 6.664   -11.984 4.830   1.00 11.70 ? 183 ASN   B O   1 
ATOM   1503 C CB  . ASN   A 1 177 ? 9.230   -11.013 5.064   1.00 10.24 ? 183 ASN   B CB  1 
ATOM   1504 C CG  . ASN   A 1 177 ? 8.406   -9.744  4.845   1.00 10.92 ? 183 ASN   B CG  1 
ATOM   1505 O OD1 . ASN   A 1 177 ? 7.869   -9.183  5.813   1.00 11.45 ? 183 ASN   B OD1 1 
ATOM   1506 N ND2 . ASN   A 1 177 ? 8.281   -9.357  3.595   1.00 11.12 ? 183 ASN   B ND2 1 
ATOM   1507 N N   . ALA   A 1 178 ? 6.979   -13.715 6.227   1.00 11.10 ? 184 ALA   B N   1 
ATOM   1508 C CA  . ALA   A 1 178 ? 5.778   -14.421 5.732   1.00 11.88 ? 184 ALA   B CA  1 
ATOM   1509 C C   . ALA   A 1 178 ? 4.454   -13.792 6.216   1.00 12.26 ? 184 ALA   B C   1 
ATOM   1510 O O   . ALA   A 1 178 ? 3.397   -14.120 5.620   1.00 13.88 ? 184 ALA   B O   1 
ATOM   1511 C CB  . ALA   A 1 178 ? 5.802   -15.882 6.231   1.00 13.07 ? 184 ALA   B CB  1 
ATOM   1512 N N   . ALA   A 1 179 ? 4.495   -12.985 7.243   1.00 11.95 ? 185 ALA   B N   1 
ATOM   1513 C CA  . ALA   A 1 179 ? 3.241   -12.476 7.848   1.00 11.95 ? 185 ALA   B CA  1 
ATOM   1514 C C   . ALA   A 1 179 ? 2.415   -11.681 6.837   1.00 12.45 ? 185 ALA   B C   1 
ATOM   1515 O O   . ALA   A 1 179 ? 2.953   -11.014 5.937   1.00 11.99 ? 185 ALA   B O   1 
ATOM   1516 C CB  . ALA   A 1 179 ? 3.528   -11.642 9.076   1.00 12.72 ? 185 ALA   B CB  1 
ATOM   1517 N N   . PRO   A 1 180 ? 1.082   -11.661 7.021   1.00 11.52 ? 186 PRO   B N   1 
ATOM   1518 C CA  . PRO   A 1 180 ? 0.211   -10.913 6.119   1.00 11.81 ? 186 PRO   B CA  1 
ATOM   1519 C C   . PRO   A 1 180 ? 0.177   -9.388  6.350   1.00 11.29 ? 186 PRO   B C   1 
ATOM   1520 O O   . PRO   A 1 180 ? 0.530   -8.939  7.435   1.00 12.65 ? 186 PRO   B O   1 
ATOM   1521 C CB  . PRO   A 1 180 ? -1.178  -11.478 6.436   1.00 12.55 ? 186 PRO   B CB  1 
ATOM   1522 C CG  . PRO   A 1 180 ? -1.093  -11.905 7.866   1.00 15.03 ? 186 PRO   B CG  1 
ATOM   1523 C CD  . PRO   A 1 180 ? 0.321   -12.438 8.034   1.00 13.40 ? 186 PRO   B CD  1 
ATOM   1524 N N   . LEU   A 1 181 ? -0.278  -8.662  5.346   1.00 11.26 ? 187 LEU   B N   1 
ATOM   1525 C CA  . LEU   A 1 181 ? -0.891  -7.334  5.537   1.00 11.59 ? 187 LEU   B CA  1 
ATOM   1526 C C   . LEU   A 1 181 ? -2.368  -7.562  5.815   1.00 11.76 ? 187 LEU   B C   1 
ATOM   1527 O O   . LEU   A 1 181 ? -3.020  -8.338  5.086   1.00 13.95 ? 187 LEU   B O   1 
ATOM   1528 C CB  . LEU   A 1 181 ? -0.679  -6.498  4.288   1.00 11.44 ? 187 LEU   B CB  1 
ATOM   1529 C CG  . LEU   A 1 181 ? 0.753   -6.086  3.967   1.00 12.33 ? 187 LEU   B CG  1 
ATOM   1530 C CD1 . LEU   A 1 181 ? 0.855   -5.384  2.616   1.00 13.78 ? 187 LEU   B CD1 1 
ATOM   1531 C CD2 . LEU   A 1 181 ? 1.362   -5.233  5.062   1.00 13.47 ? 187 LEU   B CD2 1 
ATOM   1532 N N   . LYS   A 1 182 ? -2.911  -6.823  6.772   1.00 11.98 ? 188 LYS   B N   1 
ATOM   1533 C CA  . LYS   A 1 182 ? -4.352  -6.981  7.126   1.00 12.55 ? 188 LYS   B CA  1 
ATOM   1534 C C   . LYS   A 1 182 ? -5.030  -5.620  7.147   1.00 12.92 ? 188 LYS   B C   1 
ATOM   1535 O O   . LYS   A 1 182 ? -4.550  -4.732  7.880   1.00 13.71 ? 188 LYS   B O   1 
ATOM   1536 C CB  . LYS   A 1 182 ? -4.542  -7.675  8.489   1.00 13.69 ? 188 LYS   B CB  1 
ATOM   1537 C CG  . LYS   A 1 182 ? -3.854  -9.015  8.681   1.00 16.26 ? 188 LYS   B CG  1 
ATOM   1538 C CD  . LYS   A 1 182 ? -4.234  -9.614  10.034  1.00 20.67 ? 188 LYS   B CD  1 
ATOM   1539 C CE  . LYS   A 1 182 ? -3.408  -10.824 10.399  1.00 25.42 ? 188 LYS   B CE  1 
ATOM   1540 N NZ  . LYS   A 1 182 ? -3.738  -11.272 11.772  1.00 33.65 ? 188 LYS   B NZ  1 
ATOM   1541 N N   . LEU   A 1 183 ? -6.137  -5.460  6.468   1.00 12.68 ? 189 LEU   B N   1 
ATOM   1542 C CA  . LEU   A 1 183 ? -6.973  -4.224  6.612   1.00 12.93 ? 189 LEU   B CA  1 
ATOM   1543 C C   . LEU   A 1 183 ? -7.706  -4.275  7.935   1.00 15.61 ? 189 LEU   B C   1 
ATOM   1544 O O   . LEU   A 1 183 ? -8.442  -5.269  8.164   1.00 18.59 ? 189 LEU   B O   1 
ATOM   1545 C CB  . LEU   A 1 183 ? -7.894  -4.121  5.391   1.00 13.87 ? 189 LEU   B CB  1 
ATOM   1546 C CG  . LEU   A 1 183 ? -7.174  -3.649  4.132   1.00 13.85 ? 189 LEU   B CG  1 
ATOM   1547 C CD1 . LEU   A 1 183 ? -7.832  -4.131  2.844   1.00 17.15 ? 189 LEU   B CD1 1 
ATOM   1548 C CD2 . LEU   A 1 183 ? -7.012  -2.115  4.154   1.00 13.08 ? 189 LEU   B CD2 1 
ATOM   1549 N N   . CYS   A 1 184 ? -7.534  -3.252  8.770   1.00 16.57 ? 190 CYS   B N   1 
ATOM   1550 C CA  . CYS   A 1 184 ? -8.049  -3.219  10.164  1.00 19.50 ? 190 CYS   B CA  1 
ATOM   1551 C C   . CYS   A 1 184 ? -9.470  -2.725  10.151  1.00 21.10 ? 190 CYS   B C   1 
ATOM   1552 O O   . CYS   A 1 184 ? -9.833  -1.854  9.396   1.00 23.18 ? 190 CYS   B O   1 
ATOM   1553 C CB  . CYS   A 1 184 ? -7.367  -2.171  11.026  1.00 23.27 ? 190 CYS   B CB  1 
ATOM   1554 S SG  . CYS   A 1 184 ? -5.583  -2.272  11.015  1.00 23.01 ? 190 CYS   B SG  1 
ATOM   1555 N N   . PRO   A 1 185 ? -10.293 -3.213  11.100  1.00 25.18 ? 191 PRO   B N   1 
ATOM   1556 C CA  . PRO   A 1 185 ? -11.687 -2.831  11.146  1.00 32.29 ? 191 PRO   B CA  1 
ATOM   1557 C C   . PRO   A 1 185 ? -11.785 -1.371  11.585  1.00 31.98 ? 191 PRO   B C   1 
ATOM   1558 O O   . PRO   A 1 185 ? -10.934 -0.927  12.384  1.00 32.65 ? 191 PRO   B O   1 
ATOM   1559 C CB  . PRO   A 1 185 ? -12.277 -3.852  12.140  1.00 31.09 ? 191 PRO   B CB  1 
ATOM   1560 C CG  . PRO   A 1 185 ? -11.119 -4.235  13.015  1.00 31.30 ? 191 PRO   B CG  1 
ATOM   1561 C CD  . PRO   A 1 185 ? -9.927  -4.248  12.084  1.00 28.13 ? 191 PRO   B CD  1 
ATOM   1562 N N   . LEU   A 1 186 ? -12.753 -0.683  10.980  1.00 38.80 ? 192 LEU   B N   1 
ATOM   1563 C CA  . LEU   A 1 186 ? -13.433 0.568   11.415  1.00 42.87 ? 192 LEU   B CA  1 
ATOM   1564 C C   . LEU   A 1 186 ? -13.924 0.429   12.855  1.00 48.73 ? 192 LEU   B C   1 
ATOM   1565 O O   . LEU   A 1 186 ? -14.094 1.486   13.449  1.00 60.30 ? 192 LEU   B O   1 
ATOM   1566 C CB  . LEU   A 1 186 ? -14.625 0.800   10.483  1.00 44.29 ? 192 LEU   B CB  1 
HETATM 1567 C C1  . EDO   B 2 .   ? 10.933  -15.058 -1.989  1.00 27.33 ? 201 EDO   B C1  1 
HETATM 1568 O O1  . EDO   B 2 .   ? 9.630   -14.776 -1.545  1.00 20.59 ? 201 EDO   B O1  1 
HETATM 1569 C C2  . EDO   B 2 .   ? 11.094  -15.483 -3.391  1.00 36.09 ? 201 EDO   B C2  1 
HETATM 1570 O O2  . EDO   B 2 .   ? 9.944   -16.074 -3.928  1.00 42.21 ? 201 EDO   B O2  1 
HETATM 1571 C C1  . EDO   C 2 .   ? 13.715  -9.389  -18.363 1.00 41.31 ? 202 EDO   B C1  1 
HETATM 1572 O O1  . EDO   C 2 .   ? 12.496  -9.270  -17.676 1.00 36.86 ? 202 EDO   B O1  1 
HETATM 1573 C C2  . EDO   C 2 .   ? 14.842  -9.477  -17.439 1.00 40.19 ? 202 EDO   B C2  1 
HETATM 1574 O O2  . EDO   C 2 .   ? 14.616  -10.513 -16.539 1.00 46.85 ? 202 EDO   B O2  1 
HETATM 1575 S S   . SO4   D 3 .   ? 12.327  3.903   -12.708 0.46 29.58 ? 203 SO4   B S   1 
HETATM 1576 O O1  . SO4   D 3 .   ? 11.115  3.110   -12.669 0.46 26.40 ? 203 SO4   B O1  1 
HETATM 1577 O O2  . SO4   D 3 .   ? 12.953  3.808   -14.004 0.46 30.39 ? 203 SO4   B O2  1 
HETATM 1578 O O3  . SO4   D 3 .   ? 11.988  5.281   -12.456 0.46 31.56 ? 203 SO4   B O3  1 
HETATM 1579 O O4  . SO4   D 3 .   ? 13.241  3.445   -11.697 0.46 29.95 ? 203 SO4   B O4  1 
HETATM 1580 C C4  . A1BFB E 4 .   ? 11.712  -0.530  -2.488  0.46 15.31 ? 204 A1BFB B C4  1 
HETATM 1581 C C5  . A1BFB E 4 .   ? 10.860  -0.120  -3.463  0.46 15.94 ? 204 A1BFB B C5  1 
HETATM 1582 C C6  . A1BFB E 4 .   ? 11.300  0.650   -4.592  0.46 15.43 ? 204 A1BFB B C6  1 
HETATM 1583 C C7  . A1BFB E 4 .   ? 13.531  0.564   -3.703  0.46 18.15 ? 204 A1BFB B C7  1 
HETATM 1584 C C8  . A1BFB E 4 .   ? 14.838  0.963   -3.914  0.46 20.38 ? 204 A1BFB B C8  1 
HETATM 1585 C C10 . A1BFB E 4 .   ? 18.063  -0.039  -3.178  0.46 29.62 ? 204 A1BFB B C10 1 
HETATM 1586 C C13 . A1BFB E 4 .   ? 14.114  -0.521  -1.679  0.46 18.74 ? 204 A1BFB B C13 1 
HETATM 1587 C C1  . A1BFB E 4 .   ? 9.685   -2.908  -0.149  0.46 14.00 ? 204 A1BFB B C1  1 
HETATM 1588 C C11 . A1BFB E 4 .   ? 19.102  0.166   -2.133  0.46 30.05 ? 204 A1BFB B C11 1 
HETATM 1589 C C12 . A1BFB E 4 .   ? 15.426  -0.146  -1.855  0.46 21.26 ? 204 A1BFB B C12 1 
HETATM 1590 C C14 . A1BFB E 4 .   ? 13.112  -0.163  -2.591  0.46 17.35 ? 204 A1BFB B C14 1 
HETATM 1591 C C2  . A1BFB E 4 .   ? 9.833   -1.856  -1.233  0.46 14.65 ? 204 A1BFB B C2  1 
HETATM 1592 C C3  . A1BFB E 4 .   ? 11.252  -1.333  -1.292  0.46 14.75 ? 204 A1BFB B C3  1 
HETATM 1593 C C9  . A1BFB E 4 .   ? 15.788  0.602   -2.979  0.46 22.70 ? 204 A1BFB B C9  1 
HETATM 1594 O O1  . A1BFB E 4 .   ? 10.631  1.086   -5.511  0.46 15.28 ? 204 A1BFB B O1  1 
HETATM 1595 O O2  . A1BFB E 4 .   ? 12.636  0.958   -4.665  0.46 17.33 ? 204 A1BFB B O2  1 
HETATM 1596 O O3  . A1BFB E 4 .   ? 17.140  0.967   -3.150  0.46 26.92 ? 204 A1BFB B O3  1 
HETATM 1597 O O4  . A1BFB E 4 .   ? 17.999  -0.951  -3.941  0.46 33.21 ? 204 A1BFB B O4  1 
HETATM 1598 C C4  . A1BFB F 4 .   ? 12.189  -4.576  -4.002  0.46 18.11 ? 205 A1BFB B C4  1 
HETATM 1599 C C5  . A1BFB F 4 .   ? 11.603  -5.218  -2.956  0.46 16.77 ? 205 A1BFB B C5  1 
HETATM 1600 C C6  . A1BFB F 4 .   ? 10.201  -5.130  -2.673  0.46 15.98 ? 205 A1BFB B C6  1 
HETATM 1601 C C7  . A1BFB F 4 .   ? 10.017  -3.652  -4.565  0.46 16.64 ? 205 A1BFB B C7  1 
HETATM 1602 C C8  . A1BFB F 4 .   ? 9.127   -2.892  -5.286  0.46 16.60 ? 205 A1BFB B C8  1 
HETATM 1603 C C10 . A1BFB F 4 .   ? 8.613   -1.073  -8.269  0.46 26.08 ? 205 A1BFB B C10 1 
HETATM 1604 C C13 . A1BFB F 4 .   ? 11.813  -2.973  -5.964  0.46 16.58 ? 205 A1BFB B C13 1 
HETATM 1605 C C1  . A1BFB F 4 .   ? 15.961  -3.853  -3.568  0.46 22.30 ? 205 A1BFB B C1  1 
HETATM 1606 C C11 . A1BFB F 4 .   ? 8.302   -2.263  -9.078  0.46 27.64 ? 205 A1BFB B C11 1 
HETATM 1607 C C12 . A1BFB F 4 .   ? 10.946  -2.206  -6.712  0.46 17.68 ? 205 A1BFB B C12 1 
HETATM 1608 C C14 . A1BFB F 4 .   ? 11.376  -3.724  -4.853  0.46 17.49 ? 205 A1BFB B C14 1 
HETATM 1609 C C2  . A1BFB F 4 .   ? 14.479  -3.550  -3.682  0.46 22.08 ? 205 A1BFB B C2  1 
HETATM 1610 C C3  . A1BFB F 4 .   ? 13.675  -4.710  -4.243  0.46 20.17 ? 205 A1BFB B C3  1 
HETATM 1611 C C9  . A1BFB F 4 .   ? 9.591   -2.193  -6.375  0.46 17.80 ? 205 A1BFB B C9  1 
HETATM 1612 O O1  . A1BFB F 4 .   ? 9.575   -5.642  -1.763  0.46 13.19 ? 205 A1BFB B O1  1 
HETATM 1613 O O2  . A1BFB F 4 .   ? 9.461   -4.341  -3.516  0.46 15.92 ? 205 A1BFB B O2  1 
HETATM 1614 O O3  . A1BFB F 4 .   ? 8.599   -1.413  -6.989  0.46 21.02 ? 205 A1BFB B O3  1 
HETATM 1615 O O4  . A1BFB F 4 .   ? 8.715   0.052   -8.640  0.46 31.17 ? 205 A1BFB B O4  1 
HETATM 1616 O O   . HOH   G 5 .   ? 11.411  -7.827  -16.231 1.00 22.44 ? 301 HOH   B O   1 
HETATM 1617 O O   . HOH   G 5 .   ? -12.169 15.484  -7.832  1.00 14.80 ? 302 HOH   B O   1 
HETATM 1618 O O   . HOH   G 5 .   ? -0.117  6.410   -15.458 1.00 25.97 ? 303 HOH   B O   1 
HETATM 1619 O O   . HOH   G 5 .   ? -10.934 10.274  -12.203 1.00 17.62 ? 304 HOH   B O   1 
HETATM 1620 O O   . HOH   G 5 .   ? 13.439  -4.159  -9.486  0.46 19.17 ? 305 HOH   B O   1 
HETATM 1621 O O   . HOH   G 5 .   ? 11.187  5.741   -5.299  1.00 26.90 ? 306 HOH   B O   1 
HETATM 1622 O O   . HOH   G 5 .   ? 4.111   18.045  -7.715  1.00 31.74 ? 307 HOH   B O   1 
HETATM 1623 O O   . HOH   G 5 .   ? 6.031   -24.207 2.235   1.00 32.67 ? 308 HOH   B O   1 
HETATM 1624 O O   . HOH   G 5 .   ? 17.709  10.211  -1.218  1.00 35.47 ? 309 HOH   B O   1 
HETATM 1625 O O   . HOH   G 5 .   ? 5.681   6.409   -3.915  1.00 13.82 ? 310 HOH   B O   1 
HETATM 1626 O O   . HOH   G 5 .   ? 3.496   3.344   -13.917 1.00 18.52 ? 311 HOH   B O   1 
HETATM 1627 O O   . HOH   G 5 .   ? 3.349   12.563  -10.132 1.00 27.29 ? 312 HOH   B O   1 
HETATM 1628 O O   . HOH   G 5 .   ? 19.535  -0.588  3.035   1.00 23.87 ? 313 HOH   B O   1 
HETATM 1629 O O   . HOH   G 5 .   ? 6.819   14.396  -1.395  1.00 18.42 ? 314 HOH   B O   1 
HETATM 1630 O O   . HOH   G 5 .   ? 13.387  -4.686  8.049   1.00 14.45 ? 315 HOH   B O   1 
HETATM 1631 O O   . HOH   G 5 .   ? -7.297  -22.658 -11.058 1.00 25.60 ? 316 HOH   B O   1 
HETATM 1632 O O   . HOH   G 5 .   ? 9.012   10.348  9.464   1.00 16.97 ? 317 HOH   B O   1 
HETATM 1633 O O   . HOH   G 5 .   ? 5.681   -6.030  -12.176 1.00 14.83 ? 318 HOH   B O   1 
HETATM 1634 O O   . HOH   G 5 .   ? 11.591  -4.581  -16.732 1.00 27.74 ? 319 HOH   B O   1 
HETATM 1635 O O   . HOH   G 5 .   ? -3.012  0.992   1.052   1.00 12.90 ? 320 HOH   B O   1 
HETATM 1636 O O   . HOH   G 5 .   ? -4.441  15.307  -10.835 1.00 19.30 ? 321 HOH   B O   1 
HETATM 1637 O O   . HOH   G 5 .   ? 14.411  -6.215  4.525   1.00 19.58 ? 322 HOH   B O   1 
HETATM 1638 O O   . HOH   G 5 .   ? 2.678   13.845  -7.636  1.00 16.49 ? 323 HOH   B O   1 
HETATM 1639 O O   . HOH   G 5 .   ? -1.336  -23.300 -3.394  1.00 23.93 ? 324 HOH   B O   1 
HETATM 1640 O O   . HOH   G 5 .   ? 13.703  4.852   9.297   1.00 21.70 ? 325 HOH   B O   1 
HETATM 1641 O O   . HOH   G 5 .   ? 7.274   7.217   16.313  1.00 24.05 ? 326 HOH   B O   1 
HETATM 1642 O O   . HOH   G 5 .   ? 11.445  -1.996  12.059  1.00 28.08 ? 327 HOH   B O   1 
HETATM 1643 O O   . HOH   G 5 .   ? 13.288  -0.373  12.464  1.00 38.78 ? 328 HOH   B O   1 
HETATM 1644 O O   . HOH   G 5 .   ? 1.993   4.735   -15.875 1.00 33.51 ? 329 HOH   B O   1 
HETATM 1645 O O   . HOH   G 5 .   ? -8.912  -20.923 -12.394 1.00 33.07 ? 330 HOH   B O   1 
# 
